data_5DM3
#
_entry.id   5DM3
#
_cell.length_a   132.983
_cell.length_b   221.339
_cell.length_c   199.353
_cell.angle_alpha   90.000
_cell.angle_beta   90.000
_cell.angle_gamma   90.000
#
_symmetry.space_group_name_H-M   'C 2 2 21'
#
loop_
_entity.id
_entity.type
_entity.pdbx_description
1 polymer 'L-glutamine synthetase'
2 non-polymer "ADENOSINE-5'-DIPHOSPHATE"
3 water water
#
_entity_poly.entity_id   1
_entity_poly.type   'polypeptide(L)'
_entity_poly.pdbx_seq_one_letter_code
;MHHHHHHSSGVDLGTENLYFQSMTNTLALDDLKTRVESGEIDTVLVCIVDMQGRLMGKRLHARHFVDHGWEETHCCNYLL
ATDLEMATPGGYASTSWQAGYGDYIMKPDLATLRCVPWLEGTAMVLCDLLDHRTHAEVPHAPRAILKRQLARLEAMGLEA
IMATELEFFLFEKSLDEIRKGRFRDLQPISGYNEDYHIFQTTKEEHVLRPLRNHLHAAGIPVEGTKGEAGAGQEELNIRC
AKALDTADYHTIAKHATKEIAWQQGRAVTFLSKWHHAHAGSSSHIHQSLWKQGLPAFHDERDALGMSALMKHYLAGLLKY
APDYTYFLAPYLNSYKRFQKGTFAPTRTVWSVDNRTAGFRLCAEGTRAVRIECRIGGSDLNPYLAMAGQLAAGIKGIEEC
LALPPPAEGDTYEGGSGLIPQNLRDAMEALRGSTMLREAMGEDVVDHYVRAAEVELEDFQRVVSDYEVARGFERC
;
_entity_poly.pdbx_strand_id   A,B,C,D,E,F
#
# COMPACT_ATOMS: atom_id res chain seq x y z
N THR A 26 -4.80 -39.56 7.48
CA THR A 26 -3.88 -39.84 6.37
C THR A 26 -4.60 -39.93 5.04
N LEU A 27 -3.83 -39.94 3.94
CA LEU A 27 -4.34 -39.71 2.59
C LEU A 27 -4.11 -40.87 1.62
N ALA A 28 -5.19 -41.41 1.08
CA ALA A 28 -5.10 -42.55 0.16
C ALA A 28 -4.37 -42.17 -1.13
N LEU A 29 -3.55 -43.08 -1.65
CA LEU A 29 -2.82 -42.82 -2.87
C LEU A 29 -3.78 -42.47 -3.98
N ASP A 30 -4.84 -43.26 -4.13
CA ASP A 30 -5.84 -42.98 -5.16
C ASP A 30 -6.46 -41.61 -4.92
N ASP A 31 -6.57 -41.22 -3.65
CA ASP A 31 -7.12 -39.91 -3.32
C ASP A 31 -6.17 -38.80 -3.79
N LEU A 32 -4.86 -38.94 -3.52
CA LEU A 32 -3.86 -38.03 -4.04
C LEU A 32 -4.00 -37.84 -5.54
N LYS A 33 -4.20 -38.96 -6.25
CA LYS A 33 -4.21 -38.96 -7.70
C LYS A 33 -5.44 -38.21 -8.24
N THR A 34 -6.51 -38.12 -7.45
CA THR A 34 -7.63 -37.25 -7.83
C THR A 34 -7.24 -35.78 -7.58
N ARG A 35 -6.52 -35.55 -6.49
CA ARG A 35 -6.14 -34.19 -6.13
C ARG A 35 -5.08 -33.62 -7.07
N VAL A 36 -4.37 -34.51 -7.76
CA VAL A 36 -3.35 -34.14 -8.73
C VAL A 36 -3.99 -33.79 -10.08
N GLU A 37 -4.90 -34.66 -10.55
CA GLU A 37 -5.53 -34.42 -11.84
C GLU A 37 -6.41 -33.20 -11.71
N SER A 38 -7.01 -33.01 -10.55
CA SER A 38 -7.80 -31.82 -10.33
C SER A 38 -6.92 -30.60 -10.40
N GLY A 39 -5.64 -30.82 -10.12
CA GLY A 39 -4.66 -29.75 -10.10
C GLY A 39 -4.61 -29.09 -8.73
N GLU A 40 -5.15 -29.74 -7.70
CA GLU A 40 -5.13 -29.19 -6.34
C GLU A 40 -3.78 -29.45 -5.64
N ILE A 41 -3.16 -30.59 -5.94
CA ILE A 41 -1.85 -30.92 -5.39
C ILE A 41 -0.84 -31.09 -6.51
N ASP A 42 0.28 -30.36 -6.46
CA ASP A 42 1.32 -30.45 -7.49
C ASP A 42 2.70 -30.78 -6.91
N THR A 43 2.80 -30.83 -5.58
CA THR A 43 4.08 -31.10 -4.93
C THR A 43 3.92 -32.20 -3.91
N VAL A 44 4.85 -33.16 -3.91
CA VAL A 44 4.91 -34.17 -2.86
C VAL A 44 6.30 -34.17 -2.30
N LEU A 45 6.42 -33.73 -1.05
CA LEU A 45 7.70 -33.82 -0.34
C LEU A 45 7.94 -35.26 0.07
N VAL A 46 8.95 -35.86 -0.54
CA VAL A 46 9.33 -37.23 -0.27
C VAL A 46 10.49 -37.22 0.72
N CYS A 47 10.17 -37.53 1.96
CA CYS A 47 11.10 -37.29 3.06
C CYS A 47 11.62 -38.56 3.70
N ILE A 48 12.83 -38.46 4.22
CA ILE A 48 13.25 -39.28 5.34
C ILE A 48 13.53 -38.39 6.58
N VAL A 49 13.85 -39.01 7.70
CA VAL A 49 14.18 -38.26 8.89
C VAL A 49 15.63 -38.50 9.26
N ASP A 50 16.42 -37.42 9.32
CA ASP A 50 17.84 -37.58 9.68
C ASP A 50 18.10 -37.68 11.18
N MET A 51 19.38 -37.71 11.54
CA MET A 51 19.81 -37.76 12.93
C MET A 51 19.32 -36.57 13.71
N GLN A 52 19.37 -35.38 13.11
CA GLN A 52 18.93 -34.18 13.82
C GLN A 52 17.42 -34.16 14.05
N GLY A 53 16.69 -35.01 13.34
CA GLY A 53 15.27 -35.10 13.57
C GLY A 53 14.54 -34.32 12.52
N ARG A 54 15.27 -33.98 11.45
CA ARG A 54 14.72 -33.14 10.40
C ARG A 54 14.18 -33.89 9.20
N LEU A 55 13.07 -33.38 8.67
CA LEU A 55 12.64 -33.76 7.35
C LEU A 55 13.72 -33.38 6.32
N MET A 56 14.30 -34.40 5.69
CA MET A 56 15.21 -34.23 4.56
C MET A 56 14.69 -35.04 3.38
N GLY A 57 14.85 -34.52 2.17
CA GLY A 57 14.47 -35.29 1.00
C GLY A 57 14.40 -34.48 -0.28
N LYS A 58 13.42 -34.80 -1.11
CA LYS A 58 13.26 -34.16 -2.40
C LYS A 58 11.84 -33.65 -2.60
N ARG A 59 11.68 -32.64 -3.43
CA ARG A 59 10.34 -32.10 -3.75
C ARG A 59 9.90 -32.47 -5.18
N LEU A 60 9.13 -33.55 -5.30
CA LEU A 60 8.74 -34.06 -6.61
C LEU A 60 7.53 -33.34 -7.14
N HIS A 61 7.50 -33.15 -8.46
CA HIS A 61 6.29 -32.72 -9.12
C HIS A 61 5.31 -33.87 -9.02
N ALA A 62 4.16 -33.63 -8.41
CA ALA A 62 3.22 -34.68 -8.02
C ALA A 62 2.78 -35.60 -9.17
N ARG A 63 2.88 -35.11 -10.40
CA ARG A 63 2.52 -35.93 -11.54
C ARG A 63 3.58 -37.02 -11.65
N HIS A 64 4.83 -36.62 -11.54
CA HIS A 64 5.90 -37.58 -11.53
C HIS A 64 5.76 -38.56 -10.35
N PHE A 65 5.36 -38.07 -9.18
CA PHE A 65 5.22 -38.95 -8.02
C PHE A 65 4.16 -40.02 -8.22
N VAL A 66 3.01 -39.66 -8.77
CA VAL A 66 1.94 -40.63 -8.90
C VAL A 66 2.21 -41.58 -10.07
N ASP A 67 3.16 -41.24 -10.92
CA ASP A 67 3.43 -42.05 -12.09
C ASP A 67 4.62 -43.00 -11.90
N HIS A 68 5.62 -42.59 -11.14
CA HIS A 68 6.77 -43.46 -10.92
C HIS A 68 7.58 -43.03 -9.71
N GLY A 69 7.16 -41.94 -9.09
CA GLY A 69 7.89 -41.39 -7.96
C GLY A 69 7.62 -42.11 -6.65
N TRP A 70 6.41 -42.64 -6.50
CA TRP A 70 6.04 -43.41 -5.31
C TRP A 70 6.72 -44.78 -5.31
N GLU A 71 7.16 -45.21 -6.49
CA GLU A 71 7.87 -46.47 -6.64
C GLU A 71 9.13 -46.44 -5.79
N GLU A 72 10.05 -45.58 -6.18
CA GLU A 72 11.36 -45.45 -5.55
C GLU A 72 12.13 -44.31 -6.19
N THR A 73 12.82 -43.53 -5.37
CA THR A 73 13.83 -42.58 -5.86
C THR A 73 15.06 -42.64 -4.95
N HIS A 74 16.14 -41.96 -5.32
CA HIS A 74 17.43 -42.15 -4.66
C HIS A 74 17.90 -40.87 -3.94
N CYS A 75 19.19 -40.82 -3.60
CA CYS A 75 19.79 -39.68 -2.93
C CYS A 75 21.29 -39.93 -2.68
N ILE A 105 18.71 -45.56 -1.37
CA ILE A 105 17.40 -45.35 -1.98
C ILE A 105 16.26 -45.12 -0.95
N MET A 106 15.33 -44.23 -1.29
CA MET A 106 14.17 -43.96 -0.45
C MET A 106 12.97 -44.72 -0.96
N LYS A 107 12.33 -45.49 -0.10
CA LYS A 107 11.08 -46.14 -0.44
C LYS A 107 9.94 -45.50 0.35
N PRO A 108 9.05 -44.79 -0.36
CA PRO A 108 7.96 -44.10 0.35
C PRO A 108 7.06 -45.11 1.03
N ASP A 109 6.60 -44.78 2.23
CA ASP A 109 5.64 -45.59 2.95
C ASP A 109 4.28 -44.92 2.81
N LEU A 110 3.47 -45.41 1.87
CA LEU A 110 2.19 -44.78 1.53
C LEU A 110 1.19 -44.66 2.69
N ALA A 111 1.49 -45.31 3.80
CA ALA A 111 0.65 -45.20 4.99
C ALA A 111 0.90 -43.87 5.66
N THR A 112 2.00 -43.23 5.29
CA THR A 112 2.42 -41.97 5.91
C THR A 112 2.04 -40.76 5.08
N LEU A 113 1.30 -40.99 4.00
CA LEU A 113 0.98 -39.93 3.06
C LEU A 113 -0.06 -38.95 3.63
N ARG A 114 0.31 -37.68 3.70
CA ARG A 114 -0.57 -36.63 4.24
C ARG A 114 -0.66 -35.46 3.30
N CYS A 115 -1.69 -34.65 3.45
CA CYS A 115 -1.66 -33.33 2.86
C CYS A 115 -0.87 -32.45 3.83
N VAL A 116 -0.40 -31.30 3.36
CA VAL A 116 0.41 -30.38 4.14
C VAL A 116 -0.21 -28.99 4.06
N PRO A 117 -1.28 -28.78 4.85
CA PRO A 117 -2.16 -27.60 4.71
C PRO A 117 -1.41 -26.27 4.81
N TRP A 118 -0.30 -26.25 5.50
CA TRP A 118 0.42 -25.02 5.62
C TRP A 118 1.32 -24.81 4.41
N LEU A 119 1.10 -25.61 3.35
CA LEU A 119 1.74 -25.44 2.05
C LEU A 119 0.79 -25.64 0.85
N GLU A 120 0.73 -24.63 -0.02
CA GLU A 120 -0.08 -24.70 -1.23
C GLU A 120 0.31 -25.80 -2.19
N GLY A 121 -0.69 -26.53 -2.68
CA GLY A 121 -0.48 -27.57 -3.68
C GLY A 121 0.35 -28.76 -3.22
N THR A 122 0.57 -28.88 -1.91
CA THR A 122 1.62 -29.76 -1.42
C THR A 122 1.15 -30.87 -0.48
N ALA A 123 1.76 -32.04 -0.68
CA ALA A 123 1.54 -33.24 0.08
C ALA A 123 2.88 -33.82 0.53
N MET A 124 2.87 -34.74 1.49
CA MET A 124 4.13 -35.36 1.91
C MET A 124 4.00 -36.85 2.17
N VAL A 125 5.14 -37.52 2.17
CA VAL A 125 5.25 -38.92 2.52
C VAL A 125 6.62 -39.17 3.18
N LEU A 126 6.64 -40.00 4.22
CA LEU A 126 7.88 -40.47 4.85
C LEU A 126 8.36 -41.78 4.20
N CYS A 127 9.67 -42.00 4.19
CA CYS A 127 10.23 -43.16 3.50
C CYS A 127 11.06 -44.05 4.38
N ASP A 128 11.22 -45.28 3.93
CA ASP A 128 12.22 -46.18 4.50
C ASP A 128 13.46 -46.05 3.64
N LEU A 129 14.63 -45.95 4.27
CA LEU A 129 15.87 -45.74 3.54
C LEU A 129 16.61 -47.06 3.29
N LEU A 130 16.85 -47.37 2.02
CA LEU A 130 17.44 -48.66 1.64
C LEU A 130 18.80 -48.55 0.97
N HIS A 135 20.54 -54.92 -0.26
CA HIS A 135 19.49 -54.04 -0.78
C HIS A 135 18.44 -53.67 0.30
N ALA A 136 18.80 -53.87 1.58
CA ALA A 136 17.85 -53.72 2.66
C ALA A 136 17.93 -52.41 3.43
N GLU A 137 16.96 -52.25 4.34
CA GLU A 137 16.82 -51.11 5.25
C GLU A 137 18.10 -50.67 5.93
N VAL A 138 18.46 -49.41 5.77
CA VAL A 138 19.67 -48.90 6.39
C VAL A 138 19.48 -48.78 7.89
N PRO A 139 20.32 -49.51 8.67
CA PRO A 139 20.16 -49.77 10.11
C PRO A 139 20.25 -48.52 11.01
N HIS A 140 21.07 -47.55 10.66
CA HIS A 140 21.28 -46.45 11.59
C HIS A 140 20.34 -45.31 11.28
N ALA A 141 19.46 -45.48 10.30
CA ALA A 141 18.40 -44.51 10.08
C ALA A 141 17.49 -44.52 11.29
N PRO A 142 17.25 -43.33 11.88
CA PRO A 142 16.46 -43.21 13.11
C PRO A 142 15.11 -43.92 13.05
N ARG A 143 14.40 -43.79 11.92
CA ARG A 143 13.11 -44.44 11.74
C ARG A 143 13.22 -45.95 11.89
N ALA A 144 14.22 -46.52 11.19
CA ALA A 144 14.54 -47.94 11.21
C ALA A 144 14.92 -48.43 12.60
N ILE A 145 15.70 -47.62 13.32
CA ILE A 145 16.03 -47.90 14.69
C ILE A 145 14.81 -47.98 15.59
N LEU A 146 13.84 -47.09 15.42
CA LEU A 146 12.65 -47.16 16.28
C LEU A 146 11.79 -48.40 15.92
N LYS A 147 11.68 -48.70 14.64
CA LYS A 147 10.83 -49.79 14.19
C LYS A 147 11.34 -51.14 14.72
N ARG A 148 12.66 -51.26 14.78
CA ARG A 148 13.26 -52.50 15.25
C ARG A 148 12.86 -52.81 16.69
N GLN A 149 12.94 -51.82 17.57
CA GLN A 149 12.57 -51.99 18.97
C GLN A 149 11.09 -52.38 19.09
N LEU A 150 10.25 -51.67 18.35
CA LEU A 150 8.82 -51.93 18.33
C LEU A 150 8.49 -53.36 17.89
N ALA A 151 9.31 -53.91 17.00
CA ALA A 151 9.10 -55.26 16.47
C ALA A 151 9.49 -56.29 17.51
N ARG A 152 10.49 -55.95 18.33
CA ARG A 152 10.78 -56.75 19.50
C ARG A 152 9.52 -56.80 20.33
N LEU A 153 8.97 -55.63 20.63
CA LEU A 153 7.78 -55.55 21.46
C LEU A 153 6.60 -56.39 20.94
N GLU A 154 6.38 -56.39 19.64
CA GLU A 154 5.22 -57.10 19.13
C GLU A 154 5.44 -58.62 19.16
N ALA A 155 6.71 -59.03 19.22
CA ALA A 155 7.05 -60.44 19.29
C ALA A 155 6.81 -60.93 20.71
N MET A 156 6.39 -60.02 21.57
CA MET A 156 6.03 -60.30 22.95
C MET A 156 4.57 -59.94 23.23
N GLY A 157 3.81 -59.64 22.18
CA GLY A 157 2.41 -59.29 22.32
C GLY A 157 2.19 -57.87 22.84
N LEU A 158 3.26 -57.09 22.89
CA LEU A 158 3.23 -55.79 23.51
C LEU A 158 3.22 -54.66 22.50
N GLU A 159 2.31 -53.71 22.68
CA GLU A 159 2.22 -52.56 21.78
C GLU A 159 2.49 -51.26 22.56
N ALA A 160 3.52 -50.53 22.16
CA ALA A 160 3.87 -49.29 22.85
C ALA A 160 3.00 -48.12 22.40
N ILE A 161 2.69 -47.27 23.36
CA ILE A 161 1.72 -46.19 23.22
C ILE A 161 2.36 -45.00 23.86
N MET A 162 2.46 -43.92 23.11
CA MET A 162 3.41 -42.90 23.46
C MET A 162 3.00 -41.52 23.05
N ALA A 163 3.54 -40.56 23.79
CA ALA A 163 3.16 -39.18 23.61
C ALA A 163 4.38 -38.31 23.85
N THR A 164 4.33 -37.10 23.32
CA THR A 164 5.41 -36.14 23.48
C THR A 164 4.92 -34.76 23.80
N GLU A 165 5.37 -34.21 24.92
CA GLU A 165 5.09 -32.82 25.25
C GLU A 165 6.21 -31.94 24.68
N LEU A 166 6.02 -31.51 23.44
CA LEU A 166 7.02 -30.75 22.72
C LEU A 166 7.00 -29.23 23.06
N GLU A 167 8.11 -28.73 23.60
CA GLU A 167 8.25 -27.31 23.94
C GLU A 167 9.10 -26.52 22.93
N PHE A 168 8.81 -25.23 22.79
CA PHE A 168 9.62 -24.36 21.95
C PHE A 168 9.47 -22.92 22.40
N PHE A 169 10.31 -22.04 21.85
CA PHE A 169 10.23 -20.61 22.15
C PHE A 169 9.83 -19.83 20.93
N LEU A 170 8.79 -19.04 21.09
CA LEU A 170 8.36 -18.08 20.07
C LEU A 170 9.05 -16.76 20.30
N PHE A 171 9.92 -16.37 19.38
CA PHE A 171 10.53 -15.05 19.51
C PHE A 171 9.67 -13.99 18.84
N GLU A 172 9.79 -12.78 19.32
CA GLU A 172 8.97 -11.66 18.87
C GLU A 172 9.46 -11.19 17.49
N LYS A 173 10.77 -11.23 17.28
CA LYS A 173 11.34 -10.81 16.00
C LYS A 173 11.41 -11.94 14.98
N SER A 174 11.41 -11.57 13.70
CA SER A 174 11.67 -12.54 12.63
C SER A 174 13.11 -13.04 12.71
N LEU A 175 13.40 -14.07 11.93
CA LEU A 175 14.71 -14.69 12.00
C LEU A 175 15.79 -13.75 11.41
N ASP A 176 15.44 -13.05 10.33
CA ASP A 176 16.30 -12.06 9.66
C ASP A 176 17.81 -12.28 9.79
N THR A 201 -1.91 -12.77 24.14
CA THR A 201 -2.80 -13.88 23.73
C THR A 201 -3.15 -13.82 22.24
N THR A 202 -3.79 -12.73 21.83
CA THR A 202 -4.11 -12.47 20.42
C THR A 202 -2.85 -12.64 19.58
N LYS A 203 -1.75 -12.02 20.01
CA LYS A 203 -0.48 -12.06 19.26
C LYS A 203 0.10 -13.47 19.13
N GLU A 204 0.10 -14.25 20.22
CA GLU A 204 0.53 -15.66 20.16
C GLU A 204 -0.29 -16.45 19.15
N GLU A 205 -1.62 -16.25 19.18
CA GLU A 205 -2.55 -17.06 18.41
C GLU A 205 -2.36 -16.86 16.89
N HIS A 206 -1.69 -15.78 16.50
CA HIS A 206 -1.45 -15.58 15.09
C HIS A 206 -0.50 -16.65 14.55
N VAL A 207 0.18 -17.36 15.46
CA VAL A 207 0.99 -18.52 15.06
C VAL A 207 0.35 -19.82 15.53
N LEU A 208 -0.09 -19.83 16.79
CA LEU A 208 -0.60 -21.02 17.44
C LEU A 208 -1.91 -21.58 16.81
N ARG A 209 -2.87 -20.69 16.55
CA ARG A 209 -4.12 -21.13 15.99
C ARG A 209 -3.94 -21.83 14.62
N PRO A 210 -3.18 -21.22 13.69
CA PRO A 210 -2.95 -21.97 12.45
C PRO A 210 -2.22 -23.29 12.70
N LEU A 211 -1.22 -23.26 13.57
CA LEU A 211 -0.49 -24.46 13.92
C LEU A 211 -1.46 -25.59 14.30
N ARG A 212 -2.28 -25.36 15.34
CA ARG A 212 -3.27 -26.33 15.80
C ARG A 212 -4.17 -26.76 14.65
N ASN A 213 -4.70 -25.80 13.91
CA ASN A 213 -5.71 -26.07 12.87
C ASN A 213 -5.19 -26.81 11.64
N HIS A 214 -4.00 -26.43 11.20
CA HIS A 214 -3.40 -27.08 10.08
C HIS A 214 -2.92 -28.49 10.40
N LEU A 215 -2.34 -28.65 11.57
CA LEU A 215 -1.87 -29.96 11.97
C LEU A 215 -3.04 -30.93 12.05
N HIS A 216 -4.11 -30.48 12.70
CA HIS A 216 -5.33 -31.25 12.82
C HIS A 216 -5.84 -31.61 11.43
N ALA A 217 -5.69 -30.68 10.50
CA ALA A 217 -6.14 -30.88 9.13
C ALA A 217 -5.16 -31.73 8.32
N ALA A 218 -4.07 -32.16 8.95
CA ALA A 218 -3.14 -33.09 8.33
C ALA A 218 -3.35 -34.49 8.89
N GLY A 219 -4.36 -34.64 9.74
CA GLY A 219 -4.60 -35.91 10.38
C GLY A 219 -3.88 -36.13 11.70
N ILE A 220 -3.03 -35.17 12.10
CA ILE A 220 -2.37 -35.23 13.41
C ILE A 220 -3.29 -34.80 14.57
N PRO A 221 -3.43 -35.67 15.58
CA PRO A 221 -4.37 -35.53 16.70
C PRO A 221 -3.97 -34.49 17.77
N VAL A 222 -4.04 -33.23 17.39
CA VAL A 222 -3.69 -32.12 18.28
C VAL A 222 -4.69 -31.97 19.43
N GLU A 223 -4.18 -31.98 20.66
CA GLU A 223 -5.01 -31.68 21.81
C GLU A 223 -5.06 -30.16 21.96
N GLY A 224 -3.92 -29.50 21.82
CA GLY A 224 -3.88 -28.06 21.87
C GLY A 224 -2.54 -27.42 22.19
N THR A 225 -2.59 -26.17 22.63
CA THR A 225 -1.38 -25.45 22.98
C THR A 225 -1.52 -24.94 24.39
N LYS A 226 -0.40 -24.92 25.11
CA LYS A 226 -0.34 -24.43 26.48
C LYS A 226 0.93 -23.57 26.60
N GLY A 227 0.77 -22.35 27.11
CA GLY A 227 1.90 -21.47 27.28
C GLY A 227 2.64 -21.76 28.57
N GLU A 228 3.93 -22.07 28.46
CA GLU A 228 4.74 -22.44 29.62
C GLU A 228 5.20 -21.20 30.38
N GLY A 232 7.90 -16.21 26.01
CA GLY A 232 7.27 -16.70 24.80
C GLY A 232 7.41 -18.21 24.63
N GLN A 233 7.32 -18.96 25.73
CA GLN A 233 7.55 -20.39 25.66
C GLN A 233 6.24 -21.17 25.56
N GLU A 234 6.11 -21.95 24.52
CA GLU A 234 4.84 -22.56 24.23
C GLU A 234 5.03 -24.06 24.25
N GLU A 235 3.93 -24.78 24.08
CA GLU A 235 3.97 -26.24 24.10
C GLU A 235 2.81 -26.81 23.31
N LEU A 236 3.09 -27.86 22.58
CA LEU A 236 2.11 -28.43 21.70
C LEU A 236 1.73 -29.82 22.20
N ASN A 237 0.46 -30.02 22.47
CA ASN A 237 0.00 -31.31 22.95
C ASN A 237 -0.60 -32.09 21.80
N ILE A 238 -0.05 -33.27 21.52
CA ILE A 238 -0.69 -34.19 20.57
C ILE A 238 -1.12 -35.49 21.29
N ARG A 239 -2.35 -35.93 21.04
CA ARG A 239 -2.90 -37.10 21.73
C ARG A 239 -2.04 -38.30 21.49
N CYS A 240 -1.87 -39.13 22.52
CA CYS A 240 -1.00 -40.29 22.42
C CYS A 240 -1.44 -41.21 21.27
N ALA A 241 -0.54 -42.08 20.86
CA ALA A 241 -0.67 -42.83 19.63
C ALA A 241 0.28 -44.02 19.70
N LYS A 242 0.21 -44.90 18.71
CA LYS A 242 1.24 -45.92 18.61
C LYS A 242 2.59 -45.22 18.40
N ALA A 243 3.62 -45.73 19.08
CA ALA A 243 4.90 -45.05 19.18
C ALA A 243 5.42 -44.50 17.85
N LEU A 244 5.27 -45.27 16.78
CA LEU A 244 5.78 -44.81 15.50
C LEU A 244 4.95 -43.65 14.94
N ASP A 245 3.65 -43.66 15.22
CA ASP A 245 2.79 -42.52 14.91
C ASP A 245 3.25 -41.27 15.66
N THR A 246 3.41 -41.43 16.96
CA THR A 246 3.86 -40.36 17.82
C THR A 246 5.16 -39.72 17.33
N ALA A 247 6.06 -40.53 16.79
CA ALA A 247 7.35 -40.01 16.32
C ALA A 247 7.17 -39.17 15.07
N ASP A 248 6.31 -39.66 14.20
CA ASP A 248 6.01 -38.98 12.98
C ASP A 248 5.34 -37.65 13.30
N TYR A 249 4.45 -37.68 14.30
CA TYR A 249 3.70 -36.49 14.65
C TYR A 249 4.63 -35.41 15.22
N HIS A 250 5.51 -35.86 16.12
CA HIS A 250 6.49 -34.99 16.73
C HIS A 250 7.33 -34.30 15.67
N THR A 251 7.88 -35.10 14.77
CA THR A 251 8.61 -34.60 13.63
C THR A 251 7.78 -33.61 12.81
N ILE A 252 6.60 -34.04 12.33
CA ILE A 252 5.82 -33.17 11.45
C ILE A 252 5.42 -31.87 12.14
N ALA A 253 5.07 -31.96 13.42
CA ALA A 253 4.66 -30.79 14.17
C ALA A 253 5.83 -29.84 14.39
N LYS A 254 7.03 -30.39 14.56
CA LYS A 254 8.26 -29.58 14.65
C LYS A 254 8.41 -28.74 13.38
N HIS A 255 8.30 -29.42 12.26
CA HIS A 255 8.32 -28.85 10.95
C HIS A 255 7.26 -27.77 10.76
N ALA A 256 6.02 -28.11 11.11
CA ALA A 256 4.91 -27.19 10.88
C ALA A 256 5.10 -25.88 11.67
N THR A 257 5.48 -26.02 12.93
CA THR A 257 5.76 -24.88 13.77
C THR A 257 6.81 -23.90 13.18
N LYS A 258 7.94 -24.41 12.74
CA LYS A 258 8.94 -23.57 12.09
C LYS A 258 8.37 -22.88 10.87
N GLU A 259 7.73 -23.64 10.00
CA GLU A 259 7.16 -23.09 8.79
C GLU A 259 6.08 -22.03 9.07
N ILE A 260 5.15 -22.33 9.98
CA ILE A 260 4.02 -21.43 10.24
C ILE A 260 4.47 -20.17 10.93
N ALA A 261 5.43 -20.31 11.84
CA ALA A 261 6.06 -19.15 12.45
C ALA A 261 6.74 -18.27 11.39
N TRP A 262 7.49 -18.91 10.48
CA TRP A 262 8.14 -18.18 9.40
C TRP A 262 7.10 -17.37 8.64
N GLN A 263 6.11 -18.04 8.09
CA GLN A 263 5.04 -17.40 7.34
C GLN A 263 4.36 -16.30 8.13
N GLN A 264 4.40 -16.42 9.46
CA GLN A 264 3.87 -15.40 10.34
C GLN A 264 4.93 -14.36 10.73
N GLY A 265 6.14 -14.46 10.20
CA GLY A 265 7.15 -13.44 10.44
C GLY A 265 7.78 -13.50 11.83
N ARG A 266 7.69 -14.68 12.43
CA ARG A 266 8.13 -14.90 13.79
C ARG A 266 9.12 -16.06 13.89
N ALA A 267 10.17 -15.86 14.67
CA ALA A 267 11.11 -16.96 14.89
C ALA A 267 10.61 -17.93 15.97
N VAL A 268 11.13 -19.14 15.90
CA VAL A 268 10.80 -20.24 16.79
C VAL A 268 12.02 -21.10 16.95
N THR A 269 12.34 -21.50 18.18
CA THR A 269 13.48 -22.37 18.38
C THR A 269 13.18 -23.56 19.31
N PHE A 270 13.73 -24.71 18.96
CA PHE A 270 13.55 -25.90 19.78
C PHE A 270 14.79 -26.19 20.57
N LEU A 271 15.63 -25.16 20.69
CA LEU A 271 16.74 -25.13 21.62
C LEU A 271 16.32 -25.45 23.05
N SER A 272 17.06 -26.36 23.68
CA SER A 272 16.80 -26.74 25.07
C SER A 272 17.09 -25.59 25.98
N LYS A 273 18.04 -24.74 25.60
CA LYS A 273 18.42 -23.61 26.45
C LYS A 273 18.93 -22.45 25.60
N TRP A 274 18.08 -21.49 25.29
CA TRP A 274 18.56 -20.45 24.40
C TRP A 274 19.21 -19.31 25.15
N HIS A 275 19.03 -19.28 26.47
CA HIS A 275 19.66 -18.25 27.29
C HIS A 275 19.73 -18.69 28.76
N HIS A 276 20.64 -18.09 29.55
CA HIS A 276 20.81 -18.50 30.96
C HIS A 276 19.59 -18.15 31.77
N ALA A 277 19.13 -16.92 31.56
CA ALA A 277 18.04 -16.32 32.30
C ALA A 277 16.67 -16.98 32.14
N HIS A 278 16.52 -17.85 31.14
CA HIS A 278 15.18 -18.35 30.85
C HIS A 278 15.08 -19.84 30.95
N ALA A 279 13.86 -20.33 30.99
CA ALA A 279 13.62 -21.73 31.28
C ALA A 279 14.09 -22.60 30.13
N GLY A 280 14.34 -23.85 30.43
CA GLY A 280 14.67 -24.81 29.40
C GLY A 280 13.43 -25.39 28.75
N SER A 281 13.52 -25.62 27.45
CA SER A 281 12.45 -26.31 26.78
C SER A 281 12.67 -27.82 26.75
N SER A 282 11.70 -28.56 27.28
CA SER A 282 11.81 -30.02 27.36
C SER A 282 10.95 -30.75 26.31
N SER A 283 11.19 -32.06 26.18
CA SER A 283 10.30 -32.94 25.42
C SER A 283 10.03 -34.14 26.26
N HIS A 284 9.06 -34.01 27.16
CA HIS A 284 8.69 -35.10 28.02
C HIS A 284 8.08 -36.22 27.23
N ILE A 285 8.36 -37.44 27.63
CA ILE A 285 7.92 -38.61 26.88
C ILE A 285 7.14 -39.61 27.75
N HIS A 286 5.83 -39.65 27.51
CA HIS A 286 4.94 -40.61 28.18
C HIS A 286 4.93 -41.96 27.47
N GLN A 287 4.96 -43.05 28.22
CA GLN A 287 4.97 -44.36 27.60
C GLN A 287 4.15 -45.37 28.41
N SER A 288 3.59 -46.34 27.71
CA SER A 288 2.84 -47.42 28.32
C SER A 288 2.80 -48.54 27.30
N LEU A 289 2.70 -49.77 27.76
CA LEU A 289 2.62 -50.93 26.88
C LEU A 289 1.23 -51.51 26.91
N TRP A 290 0.79 -52.03 25.78
CA TRP A 290 -0.51 -52.66 25.76
C TRP A 290 -0.41 -54.06 25.17
N LYS A 291 -1.35 -54.93 25.54
CA LYS A 291 -1.44 -56.28 25.00
C LYS A 291 -2.86 -56.57 24.55
N GLN A 292 -3.06 -56.75 23.25
CA GLN A 292 -4.37 -57.05 22.64
C GLN A 292 -5.51 -56.15 23.12
N GLY A 293 -5.19 -55.11 23.88
CA GLY A 293 -6.17 -54.11 24.25
C GLY A 293 -6.12 -53.65 25.69
N LEU A 294 -5.50 -54.45 26.54
CA LEU A 294 -5.44 -54.14 27.96
C LEU A 294 -4.19 -53.34 28.29
N PRO A 295 -4.25 -52.56 29.38
CA PRO A 295 -3.05 -51.86 29.85
C PRO A 295 -2.14 -52.79 30.67
N ALA A 296 -1.15 -53.36 30.01
CA ALA A 296 -0.22 -54.28 30.64
C ALA A 296 0.49 -53.66 31.85
N PHE A 297 0.52 -52.32 31.90
CA PHE A 297 1.11 -51.63 33.03
C PHE A 297 0.18 -51.59 34.26
N HIS A 298 -0.99 -52.20 34.18
CA HIS A 298 -1.94 -52.06 35.26
C HIS A 298 -2.24 -53.38 35.99
N ASP A 299 -2.03 -53.35 37.31
CA ASP A 299 -2.62 -54.33 38.20
C ASP A 299 -3.57 -53.56 39.09
N GLU A 300 -4.87 -53.83 38.96
CA GLU A 300 -5.85 -53.20 39.83
C GLU A 300 -5.45 -53.53 41.26
N ARG A 301 -4.86 -54.71 41.41
CA ARG A 301 -4.33 -55.19 42.67
C ARG A 301 -3.34 -54.19 43.26
N ASP A 302 -2.32 -53.90 42.47
CA ASP A 302 -1.15 -53.11 42.88
C ASP A 302 -1.42 -51.93 43.78
N ALA A 303 -0.49 -51.69 44.69
CA ALA A 303 -0.62 -50.66 45.73
C ALA A 303 -0.96 -49.30 45.15
N LEU A 304 -0.27 -48.90 44.10
CA LEU A 304 -0.55 -47.61 43.49
C LEU A 304 -1.05 -47.79 42.06
N GLY A 305 -1.16 -49.05 41.63
CA GLY A 305 -1.70 -49.37 40.32
C GLY A 305 -0.71 -50.00 39.36
N MET A 306 0.52 -50.21 39.81
CA MET A 306 1.60 -50.69 38.96
C MET A 306 1.69 -52.20 38.88
N SER A 307 1.55 -52.74 37.67
CA SER A 307 1.63 -54.18 37.45
C SER A 307 3.07 -54.68 37.44
N ALA A 308 3.22 -56.00 37.45
CA ALA A 308 4.51 -56.63 37.45
C ALA A 308 5.38 -56.13 36.31
N LEU A 309 4.85 -56.21 35.10
CA LEU A 309 5.58 -55.88 33.87
C LEU A 309 6.00 -54.41 33.81
N MET A 310 5.15 -53.53 34.34
CA MET A 310 5.46 -52.13 34.33
C MET A 310 6.65 -51.82 35.24
N LYS A 311 6.71 -52.53 36.37
CA LYS A 311 7.80 -52.35 37.33
C LYS A 311 9.14 -52.84 36.74
N HIS A 312 9.11 -53.97 36.04
CA HIS A 312 10.30 -54.46 35.37
C HIS A 312 10.72 -53.43 34.32
N TYR A 313 9.72 -52.89 33.64
CA TYR A 313 9.95 -51.91 32.58
C TYR A 313 10.67 -50.68 33.14
N LEU A 314 10.05 -50.05 34.13
CA LEU A 314 10.62 -48.86 34.76
C LEU A 314 12.02 -49.10 35.34
N ALA A 315 12.24 -50.30 35.89
CA ALA A 315 13.54 -50.66 36.46
C ALA A 315 14.61 -50.73 35.38
N GLY A 316 14.21 -51.08 34.16
CA GLY A 316 15.12 -51.06 33.04
C GLY A 316 15.47 -49.66 32.59
N LEU A 317 14.46 -48.83 32.34
CA LEU A 317 14.66 -47.42 32.06
C LEU A 317 15.67 -46.83 33.02
N LEU A 318 15.51 -47.17 34.29
CA LEU A 318 16.37 -46.64 35.36
C LEU A 318 17.81 -47.17 35.27
N LYS A 319 17.97 -48.48 35.06
CA LYS A 319 19.31 -49.08 35.02
C LYS A 319 20.18 -48.53 33.88
N TYR A 320 19.53 -48.14 32.79
CA TYR A 320 20.25 -47.83 31.57
C TYR A 320 20.06 -46.39 31.12
N ALA A 321 19.53 -45.56 32.02
CA ALA A 321 19.33 -44.13 31.73
C ALA A 321 20.60 -43.47 31.17
N PRO A 322 21.80 -43.78 31.73
CA PRO A 322 22.97 -43.16 31.09
C PRO A 322 23.34 -43.77 29.73
N ASP A 323 22.99 -45.04 29.50
CA ASP A 323 23.26 -45.68 28.21
C ASP A 323 22.69 -44.85 27.08
N TYR A 324 21.44 -44.41 27.25
CA TYR A 324 20.76 -43.67 26.20
C TYR A 324 20.57 -42.18 26.52
N THR A 325 21.34 -41.65 27.46
CA THR A 325 21.26 -40.24 27.77
C THR A 325 21.52 -39.41 26.49
N TYR A 326 22.46 -39.86 25.66
CA TYR A 326 22.79 -39.16 24.43
C TYR A 326 21.63 -38.99 23.43
N PHE A 327 20.74 -39.96 23.34
CA PHE A 327 19.59 -39.83 22.44
C PHE A 327 18.54 -38.87 23.01
N LEU A 328 18.68 -38.52 24.29
CA LEU A 328 17.85 -37.49 24.92
C LEU A 328 18.52 -36.12 24.84
N ALA A 329 19.84 -36.13 24.66
CA ALA A 329 20.68 -34.93 24.81
C ALA A 329 21.88 -34.95 23.87
N PRO A 330 21.64 -34.71 22.57
CA PRO A 330 22.63 -34.89 21.50
C PRO A 330 23.56 -33.70 21.23
N TYR A 331 23.33 -32.57 21.87
CA TYR A 331 24.14 -31.40 21.59
C TYR A 331 24.79 -30.86 22.87
N LEU A 332 25.84 -30.08 22.69
CA LEU A 332 26.45 -29.34 23.77
C LEU A 332 25.38 -28.63 24.61
N ASN A 333 24.46 -27.99 23.91
CA ASN A 333 23.49 -27.07 24.49
C ASN A 333 22.44 -27.80 25.30
N SER A 334 22.35 -29.12 25.08
CA SER A 334 21.41 -29.98 25.78
C SER A 334 21.73 -30.10 27.27
N TYR A 335 22.99 -29.95 27.62
CA TYR A 335 23.41 -30.18 29.00
C TYR A 335 23.28 -28.92 29.84
N LYS A 336 23.01 -27.80 29.19
CA LYS A 336 22.80 -26.53 29.90
C LYS A 336 21.38 -26.36 30.39
N ARG A 337 20.47 -27.26 29.99
CA ARG A 337 19.14 -27.27 30.58
C ARG A 337 19.26 -27.83 31.98
N PHE A 338 20.31 -28.62 32.19
CA PHE A 338 20.62 -29.19 33.49
C PHE A 338 21.39 -28.17 34.35
N GLN A 339 20.68 -27.16 34.87
CA GLN A 339 21.29 -26.15 35.72
C GLN A 339 21.05 -26.45 37.20
N PRO A 345 15.87 -32.38 37.07
CA PRO A 345 15.20 -33.50 36.39
C PRO A 345 16.21 -34.47 35.78
N THR A 346 17.30 -34.72 36.50
CA THR A 346 18.41 -35.50 35.98
C THR A 346 18.87 -36.64 36.90
N ARG A 347 18.10 -36.92 37.96
CA ARG A 347 18.45 -38.00 38.87
C ARG A 347 17.89 -39.33 38.37
N THR A 348 18.72 -40.37 38.38
CA THR A 348 18.31 -41.71 37.97
C THR A 348 17.35 -42.36 38.96
N VAL A 349 16.30 -41.65 39.33
CA VAL A 349 15.31 -42.13 40.30
C VAL A 349 13.92 -42.03 39.67
N TRP A 350 12.96 -42.81 40.14
CA TRP A 350 11.57 -42.55 39.77
C TRP A 350 10.84 -41.99 40.98
N SER A 351 9.67 -41.43 40.76
CA SER A 351 8.94 -40.70 41.79
C SER A 351 7.57 -40.38 41.28
N VAL A 352 6.65 -40.07 42.18
CA VAL A 352 5.32 -39.62 41.77
C VAL A 352 5.10 -38.18 42.21
N ASP A 353 5.99 -37.68 43.09
CA ASP A 353 5.88 -36.33 43.64
C ASP A 353 7.10 -35.41 43.37
N ASN A 354 8.28 -36.00 43.16
CA ASN A 354 9.52 -35.20 43.11
C ASN A 354 9.71 -34.36 41.84
N ARG A 355 10.53 -33.33 41.97
CA ARG A 355 10.92 -32.50 40.82
C ARG A 355 12.27 -32.98 40.25
N THR A 356 13.02 -33.70 41.09
CA THR A 356 14.39 -34.14 40.76
C THR A 356 14.40 -35.45 39.98
N ALA A 357 13.36 -36.25 40.16
CA ALA A 357 13.30 -37.56 39.53
C ALA A 357 13.27 -37.44 38.02
N GLY A 358 14.13 -38.21 37.34
CA GLY A 358 14.17 -38.21 35.90
C GLY A 358 12.95 -38.88 35.30
N PHE A 359 12.14 -39.48 36.16
CA PHE A 359 11.00 -40.28 35.74
C PHE A 359 9.80 -40.10 36.65
N ARG A 360 8.81 -39.33 36.19
CA ARG A 360 7.58 -39.17 36.96
C ARG A 360 6.59 -40.28 36.61
N LEU A 361 5.80 -40.69 37.60
CA LEU A 361 4.73 -41.66 37.40
C LEU A 361 3.42 -40.91 37.28
N CYS A 362 2.72 -41.10 36.16
CA CYS A 362 1.50 -40.34 35.94
C CYS A 362 0.26 -41.21 36.10
N ALA A 363 -0.81 -40.58 36.59
CA ALA A 363 -2.09 -41.25 36.75
C ALA A 363 -1.97 -42.56 37.51
N GLU A 364 -1.34 -42.50 38.68
CA GLU A 364 -1.27 -43.65 39.56
C GLU A 364 -2.69 -44.07 39.89
N GLY A 365 -2.94 -45.37 39.84
CA GLY A 365 -4.23 -45.89 40.24
C GLY A 365 -5.17 -46.24 39.10
N THR A 366 -4.84 -45.81 37.89
CA THR A 366 -5.78 -45.92 36.79
C THR A 366 -5.29 -46.71 35.57
N ARG A 367 -6.20 -46.94 34.61
CA ARG A 367 -5.87 -47.57 33.35
C ARG A 367 -4.81 -46.79 32.58
N ALA A 368 -4.83 -45.47 32.73
CA ALA A 368 -3.92 -44.59 32.02
C ALA A 368 -2.57 -44.48 32.73
N VAL A 369 -2.26 -45.47 33.56
CA VAL A 369 -1.00 -45.52 34.28
C VAL A 369 0.18 -45.60 33.30
N ARG A 370 1.18 -44.75 33.49
CA ARG A 370 2.28 -44.69 32.53
C ARG A 370 3.52 -44.07 33.15
N ILE A 371 4.59 -44.07 32.37
CA ILE A 371 5.85 -43.47 32.82
C ILE A 371 6.19 -42.19 32.04
N GLU A 372 6.67 -41.18 32.75
CA GLU A 372 7.08 -39.95 32.08
C GLU A 372 8.57 -39.72 32.22
N CYS A 373 9.27 -39.73 31.10
CA CYS A 373 10.67 -39.36 31.11
C CYS A 373 10.80 -37.87 30.87
N ARG A 374 11.47 -37.20 31.80
CA ARG A 374 11.54 -35.75 31.77
C ARG A 374 12.98 -35.31 31.44
N ILE A 375 13.82 -36.29 31.11
CA ILE A 375 15.23 -36.01 30.83
C ILE A 375 15.45 -35.23 29.54
N GLY A 376 14.74 -35.58 28.48
CA GLY A 376 14.96 -34.95 27.19
C GLY A 376 14.50 -33.52 27.05
N GLY A 377 15.31 -32.73 26.37
CA GLY A 377 14.91 -31.40 25.97
C GLY A 377 14.36 -31.43 24.56
N SER A 378 13.79 -30.31 24.14
CA SER A 378 13.05 -30.31 22.89
C SER A 378 13.94 -30.35 21.65
N ASP A 379 15.26 -30.50 21.82
CA ASP A 379 16.16 -30.69 20.69
C ASP A 379 16.30 -32.17 20.24
N LEU A 380 15.53 -33.08 20.85
CA LEU A 380 15.82 -34.50 20.68
C LEU A 380 15.18 -35.11 19.43
N ASN A 381 15.80 -36.16 18.93
CA ASN A 381 15.23 -36.96 17.87
C ASN A 381 14.26 -37.98 18.48
N PRO A 382 12.99 -37.92 18.08
CA PRO A 382 11.90 -38.69 18.68
C PRO A 382 12.12 -40.17 18.53
N TYR A 383 12.47 -40.58 17.31
CA TYR A 383 12.67 -41.98 17.00
C TYR A 383 13.74 -42.55 17.94
N LEU A 384 14.89 -41.89 17.97
CA LEU A 384 16.01 -42.33 18.78
C LEU A 384 15.69 -42.31 20.29
N ALA A 385 15.12 -41.21 20.77
CA ALA A 385 14.77 -41.14 22.19
C ALA A 385 13.80 -42.26 22.54
N MET A 386 12.82 -42.48 21.69
CA MET A 386 11.86 -43.54 21.96
C MET A 386 12.54 -44.90 21.88
N ALA A 387 13.24 -45.15 20.78
CA ALA A 387 13.92 -46.43 20.60
C ALA A 387 14.92 -46.75 21.72
N GLY A 388 15.59 -45.72 22.23
CA GLY A 388 16.53 -45.91 23.33
C GLY A 388 15.86 -46.42 24.60
N GLN A 389 14.78 -45.78 25.03
CA GLN A 389 14.12 -46.22 26.26
C GLN A 389 13.49 -47.59 26.10
N LEU A 390 12.85 -47.84 24.96
CA LEU A 390 12.20 -49.13 24.76
C LEU A 390 13.23 -50.21 24.90
N ALA A 391 14.45 -49.99 24.41
CA ALA A 391 15.54 -50.95 24.63
C ALA A 391 15.75 -51.24 26.12
N ALA A 392 15.87 -50.17 26.91
CA ALA A 392 16.08 -50.30 28.34
C ALA A 392 14.87 -50.92 29.03
N GLY A 393 13.68 -50.57 28.54
CA GLY A 393 12.43 -51.05 29.11
C GLY A 393 12.21 -52.52 28.81
N ILE A 394 12.44 -52.91 27.56
CA ILE A 394 12.37 -54.31 27.19
C ILE A 394 13.31 -55.18 28.01
N LYS A 395 14.59 -54.80 28.10
CA LYS A 395 15.55 -55.65 28.81
C LYS A 395 15.40 -55.55 30.32
N GLY A 396 14.71 -54.53 30.80
CA GLY A 396 14.33 -54.48 32.20
C GLY A 396 13.36 -55.62 32.48
N ILE A 397 12.51 -55.90 31.50
CA ILE A 397 11.54 -56.98 31.61
C ILE A 397 12.20 -58.34 31.49
N GLU A 398 13.19 -58.43 30.61
CA GLU A 398 13.85 -59.70 30.29
C GLU A 398 14.84 -60.13 31.35
N GLU A 399 14.86 -59.43 32.47
CA GLU A 399 15.74 -59.81 33.55
C GLU A 399 14.95 -59.80 34.83
N CYS A 400 13.67 -59.46 34.69
CA CYS A 400 12.76 -59.28 35.80
C CYS A 400 13.38 -58.41 36.88
N LEU A 401 14.14 -57.41 36.47
CA LEU A 401 14.87 -56.55 37.40
C LEU A 401 13.93 -55.90 38.43
N ALA A 402 14.43 -55.77 39.65
CA ALA A 402 13.61 -55.27 40.73
C ALA A 402 13.55 -53.76 40.71
N LEU A 403 12.42 -53.24 41.18
CA LEU A 403 12.11 -51.83 41.16
C LEU A 403 12.35 -51.17 42.52
N PRO A 404 13.40 -50.35 42.65
CA PRO A 404 13.73 -49.62 43.88
C PRO A 404 12.69 -48.57 44.26
N PRO A 405 12.68 -48.10 45.50
CA PRO A 405 11.71 -47.09 45.96
C PRO A 405 11.88 -45.71 45.33
N PRO A 406 10.81 -44.90 45.31
CA PRO A 406 10.81 -43.51 44.83
C PRO A 406 11.30 -42.51 45.89
N ALA A 407 11.16 -41.21 45.66
CA ALA A 407 11.62 -40.23 46.64
C ALA A 407 10.87 -38.89 46.59
N GLY A 417 22.62 -43.39 39.41
CA GLY A 417 22.82 -42.17 40.18
C GLY A 417 22.39 -40.91 39.45
N LEU A 418 23.34 -40.26 38.78
CA LEU A 418 23.06 -39.12 37.91
C LEU A 418 23.34 -39.52 36.46
N ILE A 419 22.61 -38.91 35.52
CA ILE A 419 22.88 -39.16 34.12
C ILE A 419 24.11 -38.35 33.72
N PRO A 420 24.71 -38.69 32.58
CA PRO A 420 25.84 -37.90 32.07
C PRO A 420 25.59 -36.40 32.05
N GLN A 421 26.46 -35.66 32.74
CA GLN A 421 26.29 -34.24 32.94
C GLN A 421 26.79 -33.45 31.76
N ASN A 422 27.47 -34.12 30.84
CA ASN A 422 27.92 -33.44 29.64
C ASN A 422 28.01 -34.41 28.49
N LEU A 423 28.37 -33.90 27.31
CA LEU A 423 28.28 -34.67 26.10
C LEU A 423 29.43 -35.69 25.92
N ARG A 424 30.64 -35.32 26.33
CA ARG A 424 31.76 -36.27 26.33
C ARG A 424 31.43 -37.51 27.17
N ASP A 425 30.98 -37.31 28.41
CA ASP A 425 30.56 -38.41 29.27
C ASP A 425 29.41 -39.24 28.70
N ALA A 426 28.42 -38.56 28.13
CA ALA A 426 27.25 -39.21 27.56
C ALA A 426 27.60 -40.07 26.35
N MET A 427 28.51 -39.56 25.53
CA MET A 427 29.00 -40.28 24.36
C MET A 427 29.66 -41.60 24.76
N GLU A 428 30.56 -41.53 25.72
CA GLU A 428 31.23 -42.69 26.27
C GLU A 428 30.25 -43.70 26.89
N ALA A 429 29.30 -43.19 27.65
CA ALA A 429 28.23 -44.00 28.25
C ALA A 429 27.45 -44.79 27.21
N LEU A 430 27.40 -44.26 25.99
CA LEU A 430 26.77 -44.95 24.87
C LEU A 430 27.75 -45.96 24.29
N ARG A 431 28.99 -45.52 24.13
CA ARG A 431 30.03 -46.37 23.59
C ARG A 431 30.10 -47.66 24.39
N GLY A 432 30.20 -47.55 25.71
CA GLY A 432 30.25 -48.73 26.54
C GLY A 432 28.91 -49.38 26.83
N SER A 433 27.84 -48.91 26.20
CA SER A 433 26.54 -49.51 26.44
C SER A 433 26.41 -50.85 25.74
N THR A 434 26.82 -51.90 26.42
CA THR A 434 26.68 -53.22 25.87
C THR A 434 25.20 -53.57 25.70
N MET A 435 24.35 -52.91 26.48
CA MET A 435 22.90 -53.06 26.34
C MET A 435 22.41 -52.58 24.97
N LEU A 436 22.60 -51.30 24.69
CA LEU A 436 22.28 -50.73 23.39
C LEU A 436 23.03 -51.45 22.27
N ARG A 437 24.22 -51.96 22.57
CA ARG A 437 24.99 -52.62 21.54
C ARG A 437 24.21 -53.85 21.07
N GLU A 438 23.87 -54.74 21.99
CA GLU A 438 23.06 -55.88 21.58
C GLU A 438 21.66 -55.45 21.08
N ALA A 439 21.02 -54.51 21.76
CA ALA A 439 19.66 -54.11 21.38
C ALA A 439 19.54 -53.50 19.98
N MET A 440 20.56 -52.73 19.57
CA MET A 440 20.52 -51.95 18.33
C MET A 440 21.56 -52.37 17.30
N GLY A 441 22.60 -53.08 17.74
CA GLY A 441 23.68 -53.45 16.86
C GLY A 441 24.96 -52.67 17.13
N GLU A 442 26.08 -53.35 17.03
CA GLU A 442 27.38 -52.75 17.19
C GLU A 442 27.57 -51.61 16.20
N ASP A 443 27.12 -51.80 14.96
CA ASP A 443 27.39 -50.81 13.93
C ASP A 443 26.61 -49.53 14.19
N VAL A 444 25.33 -49.66 14.56
CA VAL A 444 24.50 -48.50 14.88
C VAL A 444 25.06 -47.70 16.05
N VAL A 445 25.39 -48.38 17.14
CA VAL A 445 25.98 -47.71 18.29
C VAL A 445 27.25 -46.95 17.90
N ASP A 446 28.13 -47.59 17.15
CA ASP A 446 29.39 -46.96 16.73
C ASP A 446 29.11 -45.76 15.86
N HIS A 447 28.00 -45.80 15.15
CA HIS A 447 27.66 -44.74 14.22
C HIS A 447 27.25 -43.48 14.96
N TYR A 448 26.49 -43.67 16.03
CA TYR A 448 26.01 -42.56 16.83
C TYR A 448 27.02 -42.17 17.90
N VAL A 449 27.98 -43.05 18.14
CA VAL A 449 29.12 -42.67 18.93
C VAL A 449 29.94 -41.65 18.15
N ARG A 450 30.19 -41.98 16.89
CA ARG A 450 30.93 -41.12 16.00
C ARG A 450 30.19 -39.80 15.81
N ALA A 451 28.87 -39.89 15.72
CA ALA A 451 28.00 -38.71 15.66
C ALA A 451 28.20 -37.76 16.84
N ALA A 452 28.30 -38.32 18.04
CA ALA A 452 28.67 -37.54 19.23
C ALA A 452 30.11 -37.01 19.15
N GLU A 453 31.01 -37.78 18.56
CA GLU A 453 32.41 -37.35 18.46
C GLU A 453 32.50 -36.12 17.58
N VAL A 454 31.86 -36.19 16.41
CA VAL A 454 31.84 -35.06 15.48
C VAL A 454 31.25 -33.78 16.10
N GLU A 455 30.27 -33.95 17.00
CA GLU A 455 29.61 -32.80 17.64
C GLU A 455 30.56 -32.08 18.61
N LEU A 456 31.37 -32.83 19.35
CA LEU A 456 32.36 -32.25 20.24
C LEU A 456 33.48 -31.59 19.46
N GLU A 457 33.94 -32.26 18.41
CA GLU A 457 35.00 -31.70 17.58
C GLU A 457 34.53 -30.43 16.85
N ASP A 458 33.25 -30.35 16.51
CA ASP A 458 32.72 -29.18 15.80
C ASP A 458 32.92 -27.93 16.67
N PHE A 459 33.02 -28.16 17.97
CA PHE A 459 33.14 -27.08 18.92
C PHE A 459 34.57 -26.55 18.93
N GLN A 460 35.52 -27.42 18.63
CA GLN A 460 36.93 -27.05 18.72
C GLN A 460 37.35 -26.15 17.58
N ARG A 461 36.45 -26.00 16.62
CA ARG A 461 36.78 -25.40 15.34
C ARG A 461 36.08 -24.05 15.16
N VAL A 462 35.32 -23.63 16.16
CA VAL A 462 34.70 -22.31 16.13
C VAL A 462 35.10 -21.61 17.41
N VAL A 463 35.33 -20.31 17.34
CA VAL A 463 35.63 -19.60 18.58
C VAL A 463 34.41 -18.84 19.04
N SER A 464 33.81 -19.29 20.14
CA SER A 464 32.55 -18.72 20.58
C SER A 464 32.70 -17.30 21.07
N ASP A 465 31.56 -16.61 21.21
CA ASP A 465 31.58 -15.25 21.72
C ASP A 465 31.98 -15.25 23.18
N TYR A 466 31.68 -16.35 23.86
CA TYR A 466 31.94 -16.48 25.29
C TYR A 466 33.44 -16.58 25.59
N GLU A 467 34.18 -17.29 24.73
CA GLU A 467 35.62 -17.38 24.84
C GLU A 467 36.27 -16.01 24.74
N VAL A 468 35.73 -15.18 23.85
CA VAL A 468 36.37 -13.94 23.45
C VAL A 468 36.18 -12.95 24.56
N ALA A 469 34.94 -12.86 24.99
CA ALA A 469 34.55 -12.00 26.08
C ALA A 469 35.31 -12.38 27.36
N ARG A 470 35.39 -13.67 27.67
CA ARG A 470 36.00 -14.10 28.92
C ARG A 470 37.52 -14.03 28.73
N GLY A 471 37.93 -14.07 27.47
CA GLY A 471 39.32 -14.02 27.10
C GLY A 471 40.08 -12.69 27.10
N PHE A 472 39.41 -11.55 27.17
CA PHE A 472 40.15 -10.31 27.42
C PHE A 472 40.46 -10.17 28.93
N GLU A 473 40.27 -11.29 29.65
CA GLU A 473 40.60 -11.50 31.08
C GLU A 473 39.77 -10.65 32.03
N ASN B 25 -5.98 -0.46 -42.73
CA ASN B 25 -5.84 -0.70 -41.31
C ASN B 25 -5.93 0.56 -40.49
N THR B 26 -6.71 1.50 -41.00
CA THR B 26 -6.86 2.78 -40.33
C THR B 26 -8.14 2.74 -39.53
N LEU B 27 -8.78 3.90 -39.42
CA LEU B 27 -9.96 4.07 -38.60
C LEU B 27 -10.92 5.01 -39.32
N ALA B 28 -12.10 4.53 -39.69
CA ALA B 28 -13.05 5.36 -40.42
C ALA B 28 -13.57 6.49 -39.54
N LEU B 29 -14.02 7.57 -40.17
CA LEU B 29 -14.49 8.74 -39.43
C LEU B 29 -15.73 8.38 -38.62
N ASP B 30 -16.75 7.86 -39.28
CA ASP B 30 -17.96 7.49 -38.53
C ASP B 30 -17.77 6.18 -37.80
N ASP B 31 -16.60 5.59 -37.97
CA ASP B 31 -16.16 4.58 -37.05
C ASP B 31 -15.78 5.31 -35.75
N LEU B 32 -15.04 6.40 -35.91
CA LEU B 32 -14.64 7.24 -34.79
C LEU B 32 -15.85 7.93 -34.19
N LYS B 33 -16.77 8.36 -35.06
CA LYS B 33 -17.94 9.09 -34.59
C LYS B 33 -18.76 8.20 -33.65
N THR B 34 -18.81 6.90 -33.98
CA THR B 34 -19.50 5.91 -33.16
C THR B 34 -18.78 5.75 -31.84
N ARG B 35 -17.47 5.70 -31.92
CA ARG B 35 -16.65 5.46 -30.75
C ARG B 35 -16.53 6.72 -29.88
N VAL B 36 -16.86 7.90 -30.43
CA VAL B 36 -16.97 9.09 -29.59
C VAL B 36 -18.32 9.07 -28.87
N GLU B 37 -19.34 8.59 -29.58
CA GLU B 37 -20.68 8.49 -29.00
C GLU B 37 -20.73 7.33 -28.03
N SER B 38 -19.77 6.43 -28.13
CA SER B 38 -19.66 5.30 -27.21
C SER B 38 -19.14 5.74 -25.84
N GLY B 39 -18.23 6.71 -25.83
CA GLY B 39 -17.51 7.07 -24.62
C GLY B 39 -16.10 6.51 -24.63
N GLU B 40 -15.78 5.76 -25.68
CA GLU B 40 -14.50 5.08 -25.84
C GLU B 40 -13.37 6.02 -26.24
N ILE B 41 -13.66 6.94 -27.16
CA ILE B 41 -12.68 7.97 -27.53
C ILE B 41 -13.17 9.34 -27.11
N ASP B 42 -12.37 10.07 -26.32
CA ASP B 42 -12.74 11.43 -25.90
C ASP B 42 -11.67 12.42 -26.29
N THR B 43 -10.61 11.92 -26.93
CA THR B 43 -9.52 12.78 -27.34
C THR B 43 -8.99 12.44 -28.72
N VAL B 44 -8.77 13.46 -29.54
CA VAL B 44 -8.08 13.23 -30.80
C VAL B 44 -6.87 14.15 -30.95
N LEU B 45 -5.72 13.54 -31.12
CA LEU B 45 -4.50 14.32 -31.35
C LEU B 45 -4.40 14.68 -32.82
N VAL B 46 -4.58 15.97 -33.12
CA VAL B 46 -4.40 16.49 -34.46
C VAL B 46 -2.97 16.95 -34.59
N CYS B 47 -2.19 16.26 -35.43
CA CYS B 47 -0.76 16.50 -35.48
C CYS B 47 -0.21 16.73 -36.87
N ILE B 48 0.95 17.39 -36.89
CA ILE B 48 1.82 17.50 -38.05
C ILE B 48 3.16 16.92 -37.61
N VAL B 49 4.08 16.72 -38.56
CA VAL B 49 5.42 16.26 -38.26
C VAL B 49 6.42 17.38 -38.52
N ASP B 50 7.14 17.75 -37.47
CA ASP B 50 8.02 18.91 -37.55
C ASP B 50 9.36 18.51 -38.13
N MET B 51 10.27 19.46 -38.28
CA MET B 51 11.59 19.20 -38.83
C MET B 51 12.39 18.10 -38.15
N GLN B 52 12.21 17.96 -36.84
CA GLN B 52 12.89 16.92 -36.07
C GLN B 52 12.23 15.56 -36.16
N GLY B 53 11.05 15.50 -36.77
CA GLY B 53 10.29 14.26 -36.86
C GLY B 53 9.36 14.02 -35.66
N ARG B 54 9.10 15.07 -34.89
CA ARG B 54 8.16 14.99 -33.79
C ARG B 54 6.74 15.31 -34.20
N LEU B 55 5.77 14.56 -33.66
CA LEU B 55 4.37 14.93 -33.76
C LEU B 55 4.09 16.19 -32.90
N MET B 56 3.56 17.24 -33.54
CA MET B 56 3.18 18.51 -32.92
C MET B 56 1.73 18.84 -33.22
N GLY B 57 1.05 19.55 -32.33
CA GLY B 57 -0.31 19.92 -32.65
C GLY B 57 -1.22 20.11 -31.45
N LYS B 58 -2.52 19.95 -31.69
CA LYS B 58 -3.52 20.19 -30.67
C LYS B 58 -4.15 18.90 -30.19
N ARG B 59 -4.52 18.87 -28.92
CA ARG B 59 -5.34 17.78 -28.39
C ARG B 59 -6.78 18.27 -28.33
N LEU B 60 -7.60 17.80 -29.26
CA LEU B 60 -9.00 18.23 -29.32
C LEU B 60 -9.88 17.26 -28.54
N HIS B 61 -10.91 17.81 -27.91
CA HIS B 61 -12.00 17.00 -27.41
C HIS B 61 -12.68 16.33 -28.62
N ALA B 62 -12.81 15.01 -28.56
CA ALA B 62 -13.22 14.24 -29.73
C ALA B 62 -14.58 14.65 -30.27
N ARG B 63 -15.43 15.19 -29.40
CA ARG B 63 -16.72 15.69 -29.86
C ARG B 63 -16.52 16.91 -30.76
N HIS B 64 -15.56 17.75 -30.44
CA HIS B 64 -15.36 18.91 -31.27
C HIS B 64 -14.66 18.52 -32.59
N PHE B 65 -13.81 17.51 -32.53
CA PHE B 65 -13.19 16.98 -33.75
C PHE B 65 -14.23 16.50 -34.76
N VAL B 66 -15.21 15.72 -34.31
CA VAL B 66 -16.19 15.16 -35.23
C VAL B 66 -17.10 16.27 -35.76
N ASP B 67 -17.54 17.18 -34.91
CA ASP B 67 -18.39 18.25 -35.38
C ASP B 67 -17.66 19.19 -36.31
N HIS B 68 -16.53 19.73 -35.85
CA HIS B 68 -15.90 20.82 -36.57
C HIS B 68 -14.45 20.56 -36.94
N GLY B 69 -13.66 20.11 -35.97
CA GLY B 69 -12.21 20.01 -36.11
C GLY B 69 -11.64 19.18 -37.25
N TRP B 70 -12.46 18.30 -37.80
CA TRP B 70 -12.09 17.43 -38.92
C TRP B 70 -11.86 18.20 -40.23
N GLU B 71 -12.53 19.34 -40.35
CA GLU B 71 -12.40 20.13 -41.57
C GLU B 71 -11.03 20.76 -41.52
N GLU B 72 -10.83 21.68 -40.59
CA GLU B 72 -9.49 22.17 -40.31
C GLU B 72 -9.36 22.66 -38.89
N THR B 73 -8.13 22.94 -38.49
CA THR B 73 -7.84 23.69 -37.28
C THR B 73 -6.68 24.60 -37.66
N HIS B 74 -6.54 25.71 -36.94
CA HIS B 74 -5.50 26.67 -37.29
C HIS B 74 -4.42 26.69 -36.22
N CYS B 75 -3.17 26.81 -36.66
CA CYS B 75 -2.04 26.77 -35.73
C CYS B 75 -0.94 27.75 -36.10
N CYS B 76 0.18 27.66 -35.38
CA CYS B 76 1.40 28.40 -35.68
C CYS B 76 2.47 27.98 -34.66
N TYR B 104 -1.87 29.95 -40.45
CA TYR B 104 -1.61 28.57 -40.90
C TYR B 104 -2.75 27.59 -40.61
N ILE B 105 -3.15 26.86 -41.64
CA ILE B 105 -4.22 25.88 -41.52
C ILE B 105 -3.65 24.47 -41.50
N MET B 106 -4.05 23.63 -40.56
CA MET B 106 -3.68 22.25 -40.71
C MET B 106 -4.93 21.48 -41.04
N LYS B 107 -4.85 20.77 -42.16
CA LYS B 107 -5.96 20.02 -42.70
C LYS B 107 -5.77 18.56 -42.38
N PRO B 108 -6.60 18.02 -41.45
CA PRO B 108 -6.55 16.60 -41.15
C PRO B 108 -6.83 15.72 -42.37
N ASP B 109 -5.92 14.77 -42.59
CA ASP B 109 -6.02 13.77 -43.63
C ASP B 109 -6.63 12.53 -43.02
N LEU B 110 -7.94 12.38 -43.22
CA LEU B 110 -8.73 11.40 -42.46
C LEU B 110 -8.35 9.97 -42.85
N ALA B 111 -7.60 9.83 -43.93
CA ALA B 111 -6.94 8.55 -44.24
C ALA B 111 -5.94 8.13 -43.13
N THR B 112 -5.37 9.08 -42.38
CA THR B 112 -4.36 8.73 -41.37
C THR B 112 -4.97 8.52 -40.00
N LEU B 113 -6.28 8.75 -39.91
CA LEU B 113 -7.01 8.58 -38.67
C LEU B 113 -6.75 7.21 -38.04
N ARG B 114 -6.29 7.19 -36.79
CA ARG B 114 -6.08 5.91 -36.12
C ARG B 114 -6.00 5.97 -34.58
N CYS B 115 -6.20 4.82 -33.97
CA CYS B 115 -6.22 4.70 -32.51
C CYS B 115 -4.83 4.72 -31.91
N VAL B 116 -4.69 5.41 -30.79
CA VAL B 116 -3.44 5.46 -30.03
C VAL B 116 -3.64 4.69 -28.73
N PRO B 117 -3.50 3.36 -28.78
CA PRO B 117 -3.86 2.45 -27.66
C PRO B 117 -3.00 2.60 -26.41
N TRP B 118 -1.86 3.26 -26.50
CA TRP B 118 -1.04 3.53 -25.32
C TRP B 118 -1.45 4.85 -24.65
N LEU B 119 -2.72 5.21 -24.81
CA LEU B 119 -3.32 6.42 -24.27
C LEU B 119 -4.82 6.18 -24.24
N GLU B 120 -5.43 6.26 -23.07
CA GLU B 120 -6.87 6.09 -22.95
C GLU B 120 -7.68 7.13 -23.76
N GLY B 121 -8.80 6.68 -24.32
CA GLY B 121 -9.74 7.56 -25.01
C GLY B 121 -9.21 8.35 -26.19
N THR B 122 -8.18 7.83 -26.84
CA THR B 122 -7.38 8.66 -27.72
C THR B 122 -7.07 8.12 -29.10
N ALA B 123 -7.34 8.97 -30.08
CA ALA B 123 -7.06 8.69 -31.48
C ALA B 123 -6.14 9.78 -31.99
N MET B 124 -5.58 9.59 -33.18
CA MET B 124 -4.76 10.62 -33.81
C MET B 124 -5.10 10.76 -35.27
N VAL B 125 -4.65 11.85 -35.86
CA VAL B 125 -4.81 12.04 -37.29
C VAL B 125 -3.66 12.93 -37.74
N LEU B 126 -3.10 12.63 -38.89
CA LEU B 126 -2.04 13.46 -39.42
C LEU B 126 -2.63 14.54 -40.30
N CYS B 127 -1.84 15.55 -40.59
CA CYS B 127 -2.41 16.70 -41.24
C CYS B 127 -1.57 17.17 -42.40
N ASP B 128 -2.20 17.94 -43.25
CA ASP B 128 -1.44 18.74 -44.20
C ASP B 128 -1.37 20.17 -43.65
N LEU B 129 -0.18 20.75 -43.66
CA LEU B 129 0.02 22.11 -43.22
C LEU B 129 -0.17 23.08 -44.39
N LEU B 130 -1.29 23.80 -44.45
CA LEU B 130 -1.60 24.63 -45.62
C LEU B 130 -1.41 26.11 -45.37
N ASP B 131 -1.77 26.89 -46.40
CA ASP B 131 -1.86 28.34 -46.30
C ASP B 131 -0.53 28.97 -45.93
N HIS B 135 -3.11 29.51 -50.59
CA HIS B 135 -3.86 28.57 -49.77
C HIS B 135 -3.29 27.15 -49.91
N ALA B 136 -2.15 27.03 -50.57
CA ALA B 136 -1.54 25.73 -50.88
C ALA B 136 -0.88 25.06 -49.67
N GLU B 137 -0.18 23.96 -49.92
CA GLU B 137 0.59 23.28 -48.89
C GLU B 137 1.88 24.06 -48.64
N VAL B 138 2.25 24.19 -47.37
CA VAL B 138 3.54 24.74 -46.98
C VAL B 138 4.61 23.77 -47.45
N PRO B 139 5.50 24.23 -48.34
CA PRO B 139 6.36 23.31 -49.11
C PRO B 139 7.50 22.63 -48.33
N HIS B 140 7.95 23.20 -47.22
CA HIS B 140 9.07 22.60 -46.50
C HIS B 140 8.63 21.77 -45.28
N ALA B 141 7.32 21.61 -45.11
CA ALA B 141 6.80 20.59 -44.21
C ALA B 141 7.26 19.20 -44.68
N PRO B 142 7.98 18.48 -43.79
CA PRO B 142 8.52 17.14 -44.02
C PRO B 142 7.59 16.22 -44.81
N ARG B 143 6.31 16.21 -44.48
CA ARG B 143 5.35 15.37 -45.19
C ARG B 143 5.08 15.88 -46.62
N ALA B 144 5.07 17.20 -46.81
CA ALA B 144 4.90 17.75 -48.15
C ALA B 144 6.11 17.37 -49.01
N ILE B 145 7.28 17.38 -48.39
CA ILE B 145 8.52 17.13 -49.09
C ILE B 145 8.57 15.71 -49.60
N LEU B 146 8.33 14.75 -48.72
CA LEU B 146 8.28 13.35 -49.14
C LEU B 146 7.17 13.18 -50.18
N LYS B 147 6.06 13.89 -50.03
CA LYS B 147 4.96 13.77 -50.98
C LYS B 147 5.35 14.26 -52.37
N ARG B 148 6.13 15.34 -52.45
CA ARG B 148 6.50 15.87 -53.77
C ARG B 148 7.24 14.84 -54.60
N GLN B 149 8.22 14.18 -53.99
CA GLN B 149 8.98 13.15 -54.67
C GLN B 149 8.13 11.94 -55.02
N LEU B 150 7.17 11.61 -54.16
CA LEU B 150 6.34 10.42 -54.42
C LEU B 150 5.32 10.68 -55.50
N ALA B 151 5.08 11.95 -55.80
CA ALA B 151 4.22 12.30 -56.93
C ALA B 151 5.02 12.14 -58.22
N ARG B 152 6.30 12.47 -58.14
CA ARG B 152 7.22 12.30 -59.24
C ARG B 152 7.16 10.86 -59.69
N LEU B 153 7.24 9.95 -58.73
CA LEU B 153 7.20 8.52 -59.03
C LEU B 153 5.88 8.11 -59.68
N GLU B 154 4.78 8.59 -59.11
CA GLU B 154 3.45 8.35 -59.64
C GLU B 154 3.36 8.69 -61.12
N ALA B 155 3.96 9.81 -61.51
CA ALA B 155 3.98 10.24 -62.92
C ALA B 155 4.96 9.44 -63.75
N MET B 156 5.82 8.67 -63.09
CA MET B 156 6.67 7.69 -63.76
C MET B 156 5.95 6.34 -63.79
N GLY B 157 4.73 6.32 -63.28
CA GLY B 157 3.98 5.09 -63.10
C GLY B 157 4.75 4.15 -62.18
N LEU B 158 5.45 4.75 -61.21
CA LEU B 158 6.33 4.00 -60.34
C LEU B 158 5.91 4.17 -58.90
N GLU B 159 6.19 3.17 -58.06
CA GLU B 159 5.76 3.16 -56.66
C GLU B 159 6.87 2.67 -55.74
N ALA B 160 7.07 3.38 -54.63
CA ALA B 160 8.21 3.12 -53.75
C ALA B 160 7.86 2.36 -52.47
N ILE B 161 8.61 1.30 -52.22
CA ILE B 161 8.41 0.48 -51.04
C ILE B 161 9.61 0.67 -50.11
N MET B 162 9.35 1.18 -48.91
CA MET B 162 10.37 1.45 -47.90
C MET B 162 10.14 0.67 -46.62
N ALA B 163 11.25 0.37 -45.96
CA ALA B 163 11.25 -0.14 -44.59
C ALA B 163 12.25 0.66 -43.71
N THR B 164 11.90 0.91 -42.46
CA THR B 164 12.87 1.47 -41.52
C THR B 164 13.26 0.41 -40.50
N GLU B 165 14.47 0.52 -39.94
CA GLU B 165 14.85 -0.27 -38.79
C GLU B 165 15.27 0.70 -37.71
N LEU B 166 14.33 0.97 -36.81
CA LEU B 166 14.50 1.94 -35.75
C LEU B 166 15.27 1.37 -34.54
N GLU B 167 16.50 1.84 -34.31
CA GLU B 167 17.31 1.47 -33.12
C GLU B 167 17.15 2.52 -32.02
N PHE B 168 17.18 2.07 -30.76
CA PHE B 168 17.14 2.97 -29.62
C PHE B 168 17.73 2.32 -28.38
N PHE B 169 18.07 3.12 -27.38
CA PHE B 169 18.61 2.64 -26.12
C PHE B 169 17.60 2.82 -24.99
N LEU B 170 17.38 1.74 -24.26
CA LEU B 170 16.38 1.74 -23.20
C LEU B 170 17.09 1.76 -21.86
N PHE B 171 17.05 2.92 -21.20
CA PHE B 171 17.82 3.14 -19.99
C PHE B 171 17.16 2.54 -18.77
N GLU B 172 17.95 1.97 -17.87
CA GLU B 172 17.42 1.25 -16.73
C GLU B 172 16.72 2.18 -15.74
N LYS B 173 17.12 3.45 -15.68
CA LYS B 173 16.40 4.39 -14.83
C LYS B 173 15.48 5.34 -15.62
N SER B 174 14.68 6.09 -14.87
CA SER B 174 13.69 7.01 -15.42
C SER B 174 14.28 8.29 -16.00
N LEU B 175 13.52 8.90 -16.90
CA LEU B 175 13.84 10.20 -17.46
C LEU B 175 14.08 11.26 -16.38
N ASP B 176 13.57 11.00 -15.17
CA ASP B 176 13.69 11.96 -14.06
C ASP B 176 15.11 12.44 -13.88
N GLU B 177 16.06 11.52 -14.02
CA GLU B 177 17.47 11.82 -13.82
C GLU B 177 18.10 12.43 -15.07
N THR B 201 15.33 -10.10 -19.59
CA THR B 201 14.32 -10.40 -20.61
C THR B 201 12.89 -10.05 -20.19
N THR B 202 12.36 -10.73 -19.18
CA THR B 202 11.10 -10.31 -18.58
C THR B 202 11.14 -8.81 -18.31
N LYS B 203 12.29 -8.30 -17.84
CA LYS B 203 12.44 -6.89 -17.51
C LYS B 203 12.32 -6.03 -18.73
N GLU B 204 13.08 -6.31 -19.78
CA GLU B 204 12.97 -5.46 -20.95
C GLU B 204 11.61 -5.67 -21.62
N GLU B 205 11.11 -6.92 -21.66
CA GLU B 205 9.78 -7.21 -22.19
C GLU B 205 8.72 -6.30 -21.61
N HIS B 206 8.85 -5.95 -20.33
CA HIS B 206 7.90 -5.04 -19.68
C HIS B 206 7.65 -3.76 -20.50
N VAL B 207 8.68 -3.29 -21.21
CA VAL B 207 8.51 -2.20 -22.15
C VAL B 207 8.24 -2.71 -23.60
N LEU B 208 9.01 -3.68 -24.09
CA LEU B 208 8.92 -3.99 -25.51
C LEU B 208 7.65 -4.79 -25.89
N ARG B 209 7.07 -5.57 -24.98
CA ARG B 209 5.87 -6.29 -25.34
C ARG B 209 4.65 -5.37 -25.53
N PRO B 210 4.46 -4.36 -24.65
CA PRO B 210 3.36 -3.45 -24.93
C PRO B 210 3.56 -2.66 -26.21
N LEU B 211 4.82 -2.32 -26.46
CA LEU B 211 5.17 -1.53 -27.63
C LEU B 211 4.88 -2.31 -28.93
N ARG B 212 5.33 -3.56 -29.03
CA ARG B 212 4.97 -4.39 -30.17
C ARG B 212 3.44 -4.53 -30.28
N ASN B 213 2.81 -4.93 -29.17
CA ASN B 213 1.37 -5.17 -29.16
C ASN B 213 0.52 -3.94 -29.42
N HIS B 214 0.77 -2.85 -28.70
CA HIS B 214 0.01 -1.61 -28.91
C HIS B 214 0.15 -1.05 -30.32
N LEU B 215 1.38 -1.08 -30.86
CA LEU B 215 1.59 -0.61 -32.22
C LEU B 215 0.83 -1.50 -33.21
N HIS B 216 0.83 -2.80 -32.95
CA HIS B 216 0.09 -3.71 -33.81
C HIS B 216 -1.41 -3.45 -33.73
N ALA B 217 -1.88 -3.20 -32.53
CA ALA B 217 -3.26 -2.81 -32.28
C ALA B 217 -3.69 -1.57 -33.04
N ALA B 218 -2.76 -0.62 -33.22
CA ALA B 218 -3.02 0.63 -33.91
C ALA B 218 -2.77 0.46 -35.40
N GLY B 219 -2.50 -0.78 -35.81
CA GLY B 219 -2.37 -1.13 -37.22
C GLY B 219 -0.99 -0.85 -37.79
N ILE B 220 0.03 -0.76 -36.95
CA ILE B 220 1.40 -0.70 -37.44
C ILE B 220 1.85 -2.15 -37.68
N PRO B 221 2.33 -2.45 -38.90
CA PRO B 221 2.71 -3.82 -39.27
C PRO B 221 4.01 -4.29 -38.60
N VAL B 222 3.98 -4.38 -37.27
CA VAL B 222 5.12 -4.75 -36.45
C VAL B 222 5.59 -6.19 -36.68
N GLU B 223 6.86 -6.35 -37.05
CA GLU B 223 7.45 -7.69 -37.18
C GLU B 223 7.93 -8.22 -35.84
N GLY B 224 8.34 -7.32 -34.95
CA GLY B 224 8.91 -7.72 -33.69
C GLY B 224 10.12 -6.92 -33.25
N THR B 225 10.61 -7.17 -32.03
CA THR B 225 11.78 -6.48 -31.54
C THR B 225 13.01 -7.41 -31.46
N LYS B 226 14.18 -6.80 -31.51
CA LYS B 226 15.45 -7.51 -31.48
C LYS B 226 16.48 -6.81 -30.58
N GLY B 227 17.12 -7.58 -29.72
CA GLY B 227 18.02 -7.00 -28.75
C GLY B 227 19.37 -6.84 -29.37
N GLU B 228 19.95 -5.65 -29.21
CA GLU B 228 21.34 -5.42 -29.57
C GLU B 228 22.20 -5.55 -28.32
N ALA B 229 23.51 -5.31 -28.45
CA ALA B 229 24.44 -5.56 -27.35
C ALA B 229 24.58 -4.42 -26.32
N GLY B 232 21.56 -1.72 -23.21
CA GLY B 232 20.12 -1.79 -23.37
C GLY B 232 19.70 -1.30 -24.76
N GLN B 233 20.38 -1.80 -25.78
CA GLN B 233 20.10 -1.35 -27.14
C GLN B 233 19.11 -2.23 -27.89
N GLU B 234 18.13 -1.59 -28.49
CA GLU B 234 17.03 -2.31 -29.07
C GLU B 234 16.81 -1.93 -30.52
N GLU B 235 16.09 -2.77 -31.24
CA GLU B 235 15.68 -2.43 -32.58
C GLU B 235 14.26 -2.84 -32.76
N LEU B 236 13.44 -1.92 -33.25
CA LEU B 236 12.06 -2.23 -33.60
C LEU B 236 12.05 -2.43 -35.10
N ASN B 237 11.43 -3.50 -35.54
CA ASN B 237 11.27 -3.80 -36.95
C ASN B 237 9.83 -3.73 -37.39
N ILE B 238 9.57 -2.93 -38.43
CA ILE B 238 8.24 -2.84 -39.06
C ILE B 238 8.28 -3.46 -40.45
N ARG B 239 7.18 -4.07 -40.87
CA ARG B 239 7.09 -4.65 -42.21
C ARG B 239 7.11 -3.53 -43.25
N CYS B 240 7.72 -3.77 -44.41
CA CYS B 240 7.85 -2.75 -45.44
C CYS B 240 6.49 -2.32 -45.93
N ALA B 241 6.40 -1.13 -46.53
CA ALA B 241 5.11 -0.52 -46.80
C ALA B 241 5.28 0.55 -47.85
N LYS B 242 4.16 1.16 -48.26
CA LYS B 242 4.21 2.37 -49.08
C LYS B 242 4.95 3.45 -48.30
N ALA B 243 5.83 4.15 -49.00
CA ALA B 243 6.79 5.07 -48.42
C ALA B 243 6.18 6.05 -47.43
N LEU B 244 5.06 6.65 -47.77
CA LEU B 244 4.42 7.58 -46.84
C LEU B 244 3.92 6.85 -45.59
N ASP B 245 3.46 5.61 -45.75
CA ASP B 245 3.02 4.83 -44.58
C ASP B 245 4.17 4.46 -43.66
N THR B 246 5.28 4.09 -44.27
CA THR B 246 6.47 3.71 -43.55
C THR B 246 7.02 4.88 -42.73
N ALA B 247 6.94 6.09 -43.29
CA ALA B 247 7.35 7.31 -42.62
C ALA B 247 6.39 7.73 -41.49
N ASP B 248 5.11 7.39 -41.64
CA ASP B 248 4.15 7.59 -40.56
C ASP B 248 4.42 6.57 -39.46
N TYR B 249 4.70 5.34 -39.89
CA TYR B 249 4.91 4.24 -38.97
C TYR B 249 6.10 4.54 -38.09
N HIS B 250 7.20 4.91 -38.73
CA HIS B 250 8.44 5.29 -38.05
C HIS B 250 8.18 6.42 -37.08
N THR B 251 7.43 7.42 -37.53
CA THR B 251 7.14 8.59 -36.70
C THR B 251 6.22 8.26 -35.53
N ILE B 252 5.22 7.42 -35.77
CA ILE B 252 4.31 7.01 -34.71
C ILE B 252 4.98 6.04 -33.75
N ALA B 253 5.89 5.22 -34.26
CA ALA B 253 6.52 4.19 -33.45
C ALA B 253 7.48 4.82 -32.45
N LYS B 254 8.15 5.89 -32.87
CA LYS B 254 9.00 6.67 -31.98
C LYS B 254 8.19 7.22 -30.84
N HIS B 255 7.08 7.87 -31.20
CA HIS B 255 6.23 8.51 -30.21
C HIS B 255 5.77 7.51 -29.15
N ALA B 256 5.43 6.29 -29.58
CA ALA B 256 4.93 5.26 -28.68
C ALA B 256 6.04 4.72 -27.77
N THR B 257 7.20 4.46 -28.33
CA THR B 257 8.36 4.07 -27.54
C THR B 257 8.69 5.10 -26.45
N LYS B 258 8.61 6.38 -26.75
CA LYS B 258 8.88 7.38 -25.72
C LYS B 258 7.85 7.28 -24.60
N GLU B 259 6.58 7.19 -24.97
CA GLU B 259 5.50 7.22 -23.99
C GLU B 259 5.32 5.90 -23.24
N ILE B 260 5.48 4.77 -23.93
CA ILE B 260 5.40 3.49 -23.25
C ILE B 260 6.55 3.34 -22.27
N ALA B 261 7.73 3.83 -22.65
CA ALA B 261 8.86 3.73 -21.73
C ALA B 261 8.67 4.69 -20.55
N TRP B 262 8.06 5.84 -20.80
CA TRP B 262 7.79 6.77 -19.72
C TRP B 262 6.85 6.14 -18.71
N GLN B 263 5.70 5.64 -19.17
CA GLN B 263 4.95 4.67 -18.37
C GLN B 263 5.93 3.54 -18.18
N GLN B 264 5.79 2.64 -17.22
CA GLN B 264 6.91 1.69 -16.94
C GLN B 264 8.19 2.32 -16.40
N GLY B 265 8.18 3.63 -16.16
CA GLY B 265 9.28 4.30 -15.51
C GLY B 265 10.65 4.10 -16.12
N ARG B 266 10.73 4.11 -17.44
CA ARG B 266 12.00 3.89 -18.13
C ARG B 266 12.33 5.07 -19.04
N ALA B 267 13.61 5.26 -19.32
CA ALA B 267 14.01 6.38 -20.18
C ALA B 267 14.51 5.79 -21.48
N VAL B 268 14.29 6.50 -22.56
CA VAL B 268 14.66 5.94 -23.84
C VAL B 268 15.21 7.05 -24.73
N THR B 269 16.31 6.78 -25.42
CA THR B 269 16.91 7.82 -26.25
C THR B 269 17.05 7.37 -27.67
N PHE B 270 16.83 8.29 -28.61
CA PHE B 270 17.01 7.96 -30.02
C PHE B 270 18.29 8.57 -30.55
N LEU B 271 19.12 9.10 -29.65
CA LEU B 271 20.43 9.64 -29.99
C LEU B 271 21.28 8.74 -30.86
N SER B 272 21.86 9.29 -31.93
CA SER B 272 22.72 8.50 -32.82
C SER B 272 23.87 7.93 -32.05
N LYS B 273 24.42 8.73 -31.12
CA LYS B 273 25.55 8.33 -30.28
C LYS B 273 25.42 8.90 -28.87
N TRP B 274 24.94 8.10 -27.93
CA TRP B 274 24.62 8.63 -26.60
C TRP B 274 25.83 8.66 -25.67
N HIS B 275 26.84 7.86 -25.98
CA HIS B 275 28.05 7.82 -25.17
C HIS B 275 29.22 7.21 -25.95
N HIS B 276 30.43 7.67 -25.69
CA HIS B 276 31.60 7.21 -26.44
C HIS B 276 31.73 5.68 -26.49
N ALA B 277 31.65 5.04 -25.33
CA ALA B 277 31.83 3.60 -25.18
C ALA B 277 30.87 2.76 -26.04
N HIS B 278 29.58 3.06 -25.96
CA HIS B 278 28.55 2.28 -26.61
C HIS B 278 28.42 2.63 -28.09
N ALA B 279 28.03 1.64 -28.90
CA ALA B 279 27.94 1.83 -30.34
C ALA B 279 26.76 2.73 -30.71
N GLY B 280 26.77 3.23 -31.94
CA GLY B 280 25.71 4.11 -32.34
C GLY B 280 24.32 3.47 -32.42
N SER B 281 23.29 4.30 -32.40
CA SER B 281 21.94 3.84 -32.73
C SER B 281 21.62 4.27 -34.14
N SER B 282 21.45 3.26 -34.98
CA SER B 282 21.32 3.40 -36.41
C SER B 282 19.86 3.49 -36.85
N SER B 283 19.62 4.05 -38.04
CA SER B 283 18.30 3.89 -38.66
C SER B 283 18.37 3.57 -40.15
N HIS B 284 18.65 2.32 -40.50
CA HIS B 284 18.72 1.94 -41.90
C HIS B 284 17.41 2.06 -42.66
N ILE B 285 17.54 2.23 -43.97
CA ILE B 285 16.38 2.40 -44.83
C ILE B 285 16.44 1.46 -46.03
N HIS B 286 15.38 0.66 -46.19
CA HIS B 286 15.30 -0.29 -47.28
C HIS B 286 14.38 0.25 -48.35
N GLN B 287 14.78 0.08 -49.61
CA GLN B 287 14.11 0.71 -50.75
C GLN B 287 13.96 -0.19 -51.96
N SER B 288 12.75 -0.26 -52.52
CA SER B 288 12.55 -0.91 -53.81
C SER B 288 11.53 -0.13 -54.61
N LEU B 289 11.64 -0.20 -55.93
CA LEU B 289 10.64 0.42 -56.79
C LEU B 289 9.81 -0.64 -57.51
N TRP B 290 8.55 -0.28 -57.74
CA TRP B 290 7.51 -1.19 -58.16
C TRP B 290 6.64 -0.66 -59.30
N LYS B 291 6.22 -1.55 -60.19
CA LYS B 291 5.39 -1.19 -61.33
C LYS B 291 4.24 -2.20 -61.55
N GLN B 292 3.01 -1.69 -61.42
CA GLN B 292 1.77 -2.45 -61.19
C GLN B 292 1.94 -3.75 -60.34
N GLY B 293 2.61 -3.72 -59.19
CA GLY B 293 2.62 -4.92 -58.35
C GLY B 293 3.79 -5.76 -58.78
N LEU B 294 4.56 -5.21 -59.72
CA LEU B 294 5.72 -5.91 -60.25
C LEU B 294 7.03 -5.27 -59.79
N PRO B 295 8.05 -6.12 -59.56
CA PRO B 295 9.32 -5.72 -58.96
C PRO B 295 10.20 -4.97 -59.92
N ALA B 296 10.04 -3.66 -60.00
CA ALA B 296 10.79 -2.87 -60.98
C ALA B 296 12.31 -2.95 -60.75
N PHE B 297 12.73 -3.30 -59.55
CA PHE B 297 14.18 -3.47 -59.33
C PHE B 297 14.69 -4.82 -59.82
N HIS B 298 13.77 -5.72 -60.16
CA HIS B 298 14.15 -7.08 -60.51
C HIS B 298 14.31 -7.33 -62.01
N ASP B 299 15.37 -8.07 -62.34
CA ASP B 299 15.64 -8.55 -63.67
C ASP B 299 16.44 -9.84 -63.54
N GLU B 300 15.75 -10.95 -63.76
CA GLU B 300 16.28 -12.29 -63.47
C GLU B 300 17.49 -12.62 -64.35
N ARG B 301 17.62 -11.87 -65.45
CA ARG B 301 18.73 -12.08 -66.35
C ARG B 301 20.05 -11.62 -65.73
N ASP B 302 20.01 -10.53 -64.97
CA ASP B 302 21.24 -9.97 -64.38
C ASP B 302 21.86 -10.99 -63.44
N ALA B 303 23.18 -11.02 -63.43
CA ALA B 303 23.93 -11.93 -62.59
C ALA B 303 23.57 -11.71 -61.13
N LEU B 304 23.14 -10.50 -60.80
CA LEU B 304 22.79 -10.17 -59.43
C LEU B 304 21.30 -9.98 -59.25
N GLY B 305 20.56 -10.11 -60.35
CA GLY B 305 19.10 -10.02 -60.33
C GLY B 305 18.62 -8.59 -60.36
N MET B 306 19.50 -7.70 -60.80
CA MET B 306 19.25 -6.26 -60.79
C MET B 306 18.76 -5.73 -62.13
N SER B 307 17.65 -4.99 -62.11
CA SER B 307 17.16 -4.35 -63.33
C SER B 307 18.15 -3.27 -63.75
N ALA B 308 18.02 -2.80 -64.98
CA ALA B 308 18.81 -1.67 -65.41
C ALA B 308 18.30 -0.43 -64.70
N LEU B 309 17.02 -0.45 -64.34
CA LEU B 309 16.39 0.66 -63.64
C LEU B 309 16.87 0.74 -62.21
N MET B 310 17.09 -0.42 -61.60
CA MET B 310 17.66 -0.43 -60.28
C MET B 310 19.09 0.05 -60.39
N LYS B 311 19.77 -0.47 -61.41
CA LYS B 311 21.15 -0.11 -61.70
C LYS B 311 21.36 1.41 -61.58
N HIS B 312 20.57 2.17 -62.34
CA HIS B 312 20.67 3.64 -62.42
C HIS B 312 20.35 4.31 -61.08
N TYR B 313 19.17 3.97 -60.53
CA TYR B 313 18.67 4.47 -59.25
C TYR B 313 19.77 4.51 -58.19
N LEU B 314 20.45 3.37 -58.05
CA LEU B 314 21.49 3.20 -57.04
C LEU B 314 22.73 4.04 -57.38
N ALA B 315 23.11 4.04 -58.65
CA ALA B 315 24.20 4.87 -59.14
C ALA B 315 23.93 6.33 -58.77
N GLY B 316 22.66 6.71 -58.84
CA GLY B 316 22.21 8.04 -58.45
C GLY B 316 22.32 8.31 -56.95
N LEU B 317 21.96 7.32 -56.13
CA LEU B 317 22.13 7.43 -54.68
C LEU B 317 23.59 7.65 -54.35
N LEU B 318 24.46 7.05 -55.14
CA LEU B 318 25.90 7.09 -54.89
C LEU B 318 26.49 8.41 -55.37
N LYS B 319 25.88 9.00 -56.40
CA LYS B 319 26.38 10.25 -56.96
C LYS B 319 25.98 11.46 -56.12
N TYR B 320 24.82 11.38 -55.48
CA TYR B 320 24.31 12.54 -54.77
C TYR B 320 24.28 12.32 -53.29
N ALA B 321 24.94 11.25 -52.86
CA ALA B 321 25.04 10.92 -51.45
C ALA B 321 25.42 12.16 -50.64
N PRO B 322 26.54 12.83 -50.97
CA PRO B 322 26.93 13.96 -50.13
C PRO B 322 25.84 15.02 -50.03
N ASP B 323 25.11 15.24 -51.12
CA ASP B 323 24.09 16.29 -51.20
C ASP B 323 23.05 16.16 -50.09
N TYR B 324 22.46 14.97 -49.95
CA TYR B 324 21.31 14.80 -49.05
C TYR B 324 21.74 14.25 -47.71
N THR B 325 23.04 14.16 -47.50
CA THR B 325 23.60 13.58 -46.29
C THR B 325 23.12 14.25 -44.99
N TYR B 326 22.80 15.54 -45.02
CA TYR B 326 22.26 16.22 -43.83
C TYR B 326 20.86 15.72 -43.40
N PHE B 327 20.03 15.31 -44.35
CA PHE B 327 18.75 14.71 -44.00
C PHE B 327 18.91 13.35 -43.31
N LEU B 328 20.11 12.80 -43.38
CA LEU B 328 20.42 11.53 -42.74
C LEU B 328 21.15 11.75 -41.43
N ALA B 329 21.52 13.01 -41.19
CA ALA B 329 22.39 13.38 -40.10
C ALA B 329 22.33 14.89 -39.83
N PRO B 330 21.30 15.33 -39.08
CA PRO B 330 20.99 16.77 -38.88
C PRO B 330 21.57 17.41 -37.62
N TYR B 331 22.29 16.65 -36.81
CA TYR B 331 22.81 17.16 -35.54
C TYR B 331 24.32 16.99 -35.39
N LEU B 332 24.89 17.68 -34.42
CA LEU B 332 26.29 17.47 -34.13
C LEU B 332 26.49 16.01 -33.75
N ASN B 333 25.63 15.54 -32.87
CA ASN B 333 25.80 14.21 -32.29
C ASN B 333 25.76 13.13 -33.36
N SER B 334 25.11 13.46 -34.47
CA SER B 334 24.95 12.51 -35.56
C SER B 334 26.28 12.09 -36.17
N TYR B 335 27.27 12.96 -36.12
CA TYR B 335 28.52 12.67 -36.81
C TYR B 335 29.49 11.94 -35.90
N LYS B 336 29.15 11.89 -34.62
CA LYS B 336 30.00 11.21 -33.66
C LYS B 336 29.73 9.71 -33.68
N ARG B 337 28.89 9.28 -34.62
CA ARG B 337 28.66 7.87 -34.88
C ARG B 337 29.61 7.36 -35.98
N PHE B 338 30.09 8.27 -36.81
CA PHE B 338 31.07 7.88 -37.81
C PHE B 338 32.46 8.08 -37.20
N GLN B 339 32.71 7.41 -36.07
CA GLN B 339 33.97 7.54 -35.36
C GLN B 339 35.13 7.00 -36.17
N LYS B 340 36.16 7.82 -36.36
CA LYS B 340 37.31 7.42 -37.18
C LYS B 340 38.16 6.38 -36.46
N GLY B 341 37.54 5.26 -36.11
CA GLY B 341 38.20 4.13 -35.48
C GLY B 341 37.49 2.85 -35.86
N THR B 342 36.25 2.69 -35.39
CA THR B 342 35.43 1.55 -35.73
C THR B 342 34.96 1.66 -37.18
N PHE B 343 34.90 0.53 -37.86
CA PHE B 343 34.56 0.48 -39.29
C PHE B 343 33.15 0.99 -39.60
N ALA B 344 32.91 2.27 -39.37
CA ALA B 344 31.65 2.94 -39.70
C ALA B 344 31.30 2.84 -41.18
N PRO B 345 30.03 3.08 -41.55
CA PRO B 345 29.60 2.86 -42.94
C PRO B 345 29.36 4.14 -43.76
N THR B 346 30.43 4.86 -44.07
CA THR B 346 30.34 6.19 -44.66
C THR B 346 30.99 6.27 -46.05
N ARG B 347 31.35 5.13 -46.61
CA ARG B 347 32.01 5.13 -47.90
C ARG B 347 30.93 5.22 -48.97
N THR B 348 31.21 5.95 -50.03
CA THR B 348 30.22 6.27 -51.05
C THR B 348 30.19 5.21 -52.17
N VAL B 349 30.13 3.95 -51.76
CA VAL B 349 30.08 2.80 -52.66
C VAL B 349 28.88 1.91 -52.35
N TRP B 350 28.62 0.94 -53.21
CA TRP B 350 27.62 -0.07 -52.88
C TRP B 350 28.33 -1.40 -52.66
N SER B 351 27.61 -2.35 -52.08
CA SER B 351 28.20 -3.66 -51.79
C SER B 351 27.11 -4.63 -51.39
N VAL B 352 27.49 -5.85 -51.06
CA VAL B 352 26.55 -6.81 -50.52
C VAL B 352 27.00 -7.28 -49.12
N ASP B 353 28.31 -7.41 -48.91
CA ASP B 353 28.81 -7.78 -47.58
C ASP B 353 29.98 -6.92 -47.07
N ASN B 354 30.13 -5.71 -47.59
CA ASN B 354 31.13 -4.77 -47.08
C ASN B 354 30.64 -4.05 -45.82
N ARG B 355 31.33 -4.29 -44.72
CA ARG B 355 30.99 -3.66 -43.44
C ARG B 355 31.01 -2.12 -43.47
N THR B 356 31.69 -1.49 -44.43
CA THR B 356 31.79 -0.03 -44.41
C THR B 356 31.13 0.68 -45.60
N ALA B 357 30.53 -0.08 -46.51
CA ALA B 357 29.86 0.52 -47.65
C ALA B 357 28.63 1.27 -47.19
N GLY B 358 28.38 2.43 -47.75
CA GLY B 358 27.24 3.24 -47.34
C GLY B 358 25.95 2.57 -47.74
N PHE B 359 26.00 1.77 -48.80
CA PHE B 359 24.79 1.20 -49.39
C PHE B 359 24.92 -0.30 -49.65
N ARG B 360 24.09 -1.09 -48.98
CA ARG B 360 24.14 -2.53 -49.15
C ARG B 360 23.01 -3.05 -50.02
N LEU B 361 23.39 -3.87 -50.99
CA LEU B 361 22.42 -4.58 -51.83
C LEU B 361 21.85 -5.73 -51.04
N CYS B 362 20.53 -5.77 -50.93
CA CYS B 362 19.91 -6.89 -50.24
C CYS B 362 19.14 -7.77 -51.22
N ALA B 363 19.03 -9.04 -50.88
CA ALA B 363 18.10 -9.94 -51.52
C ALA B 363 18.39 -10.11 -53.01
N GLU B 364 19.68 -10.24 -53.33
CA GLU B 364 20.12 -10.33 -54.73
C GLU B 364 19.46 -11.47 -55.49
N GLY B 365 19.18 -11.25 -56.77
CA GLY B 365 18.56 -12.25 -57.62
C GLY B 365 17.09 -12.48 -57.31
N THR B 366 16.75 -12.45 -56.03
CA THR B 366 15.38 -12.52 -55.51
C THR B 366 14.48 -11.44 -56.13
N ARG B 367 13.18 -11.69 -56.10
CA ARG B 367 12.21 -10.71 -56.57
C ARG B 367 12.14 -9.52 -55.62
N ALA B 368 12.95 -9.59 -54.56
CA ALA B 368 12.91 -8.59 -53.53
C ALA B 368 14.21 -7.80 -53.45
N VAL B 369 15.12 -8.02 -54.41
CA VAL B 369 16.35 -7.24 -54.48
C VAL B 369 16.13 -5.78 -54.07
N ARG B 370 16.72 -5.35 -52.97
CA ARG B 370 16.61 -3.95 -52.60
C ARG B 370 17.94 -3.31 -52.23
N ILE B 371 17.86 -2.01 -51.92
CA ILE B 371 19.01 -1.27 -51.39
C ILE B 371 18.72 -0.90 -49.94
N GLU B 372 19.71 -1.12 -49.09
CA GLU B 372 19.65 -0.65 -47.73
C GLU B 372 20.64 0.49 -47.58
N CYS B 373 20.14 1.67 -47.24
CA CYS B 373 21.02 2.77 -46.84
C CYS B 373 21.41 2.56 -45.39
N ARG B 374 22.71 2.55 -45.12
CA ARG B 374 23.18 2.30 -43.77
C ARG B 374 23.78 3.56 -43.16
N ILE B 375 23.59 4.69 -43.82
CA ILE B 375 24.20 5.96 -43.41
C ILE B 375 23.53 6.59 -42.18
N GLY B 376 22.21 6.64 -42.19
CA GLY B 376 21.47 7.37 -41.17
C GLY B 376 21.37 6.72 -39.81
N GLY B 377 21.34 7.57 -38.77
CA GLY B 377 21.19 7.14 -37.39
C GLY B 377 19.77 7.34 -36.91
N SER B 378 19.51 6.97 -35.65
CA SER B 378 18.16 6.96 -35.09
C SER B 378 17.50 8.32 -34.91
N ASP B 379 18.27 9.41 -35.10
CA ASP B 379 17.72 10.76 -34.95
C ASP B 379 17.24 11.41 -36.25
N LEU B 380 17.31 10.69 -37.35
CA LEU B 380 16.83 11.25 -38.63
C LEU B 380 15.32 11.40 -38.64
N ASN B 381 14.88 12.34 -39.47
CA ASN B 381 13.49 12.48 -39.86
C ASN B 381 13.24 11.54 -41.04
N PRO B 382 12.27 10.61 -40.87
CA PRO B 382 11.91 9.63 -41.90
C PRO B 382 11.57 10.28 -43.25
N TYR B 383 10.78 11.34 -43.22
CA TYR B 383 10.32 11.97 -44.47
C TYR B 383 11.47 12.58 -45.25
N LEU B 384 12.29 13.40 -44.59
CA LEU B 384 13.42 14.05 -45.26
C LEU B 384 14.41 13.02 -45.76
N ALA B 385 14.76 12.08 -44.90
CA ALA B 385 15.65 10.98 -45.27
C ALA B 385 15.17 10.26 -46.51
N MET B 386 13.88 9.95 -46.54
CA MET B 386 13.33 9.22 -47.67
C MET B 386 13.19 10.11 -48.89
N ALA B 387 12.79 11.35 -48.68
CA ALA B 387 12.70 12.30 -49.78
C ALA B 387 14.04 12.41 -50.52
N GLY B 388 15.13 12.58 -49.78
CA GLY B 388 16.42 12.86 -50.37
C GLY B 388 16.95 11.72 -51.22
N GLN B 389 16.78 10.49 -50.73
CA GLN B 389 17.22 9.32 -51.48
C GLN B 389 16.40 9.13 -52.74
N LEU B 390 15.08 9.17 -52.58
CA LEU B 390 14.18 9.16 -53.73
C LEU B 390 14.57 10.21 -54.79
N ALA B 391 14.82 11.43 -54.33
CA ALA B 391 15.25 12.55 -55.18
C ALA B 391 16.45 12.18 -56.02
N ALA B 392 17.40 11.51 -55.38
CA ALA B 392 18.63 11.10 -56.03
C ALA B 392 18.41 9.90 -56.95
N GLY B 393 17.51 9.01 -56.55
CA GLY B 393 17.27 7.81 -57.33
C GLY B 393 16.59 8.17 -58.62
N ILE B 394 15.58 9.05 -58.52
CA ILE B 394 14.93 9.60 -59.70
C ILE B 394 15.90 10.32 -60.63
N LYS B 395 16.78 11.14 -60.06
CA LYS B 395 17.78 11.83 -60.85
C LYS B 395 18.64 10.80 -61.53
N GLY B 396 19.05 9.81 -60.75
CA GLY B 396 19.83 8.69 -61.26
C GLY B 396 19.19 8.05 -62.47
N ILE B 397 17.93 7.64 -62.32
CA ILE B 397 17.16 7.09 -63.43
C ILE B 397 17.01 8.07 -64.58
N GLU B 398 16.66 9.33 -64.25
CA GLU B 398 16.44 10.37 -65.27
C GLU B 398 17.63 10.60 -66.18
N GLU B 399 18.79 10.07 -65.83
CA GLU B 399 19.97 10.22 -66.68
C GLU B 399 20.64 8.92 -67.11
N CYS B 400 20.14 7.79 -66.64
CA CYS B 400 20.76 6.51 -66.90
C CYS B 400 22.23 6.53 -66.47
N LEU B 401 22.48 6.72 -65.18
CA LEU B 401 23.84 6.69 -64.67
C LEU B 401 24.37 5.27 -64.58
N ALA B 402 25.67 5.11 -64.79
CA ALA B 402 26.29 3.80 -64.74
C ALA B 402 26.85 3.48 -63.34
N LEU B 403 26.53 2.30 -62.83
CA LEU B 403 27.06 1.95 -61.53
C LEU B 403 28.52 1.71 -61.64
N PRO B 404 29.25 2.22 -60.66
CA PRO B 404 30.56 1.67 -60.31
C PRO B 404 30.41 0.20 -59.90
N PRO B 405 31.50 -0.58 -59.99
CA PRO B 405 31.51 -1.92 -59.41
C PRO B 405 31.35 -1.84 -57.90
N PRO B 406 31.02 -2.97 -57.22
CA PRO B 406 30.80 -2.93 -55.77
C PRO B 406 32.07 -2.67 -54.96
N ALA B 407 32.34 -3.52 -53.98
CA ALA B 407 33.52 -3.37 -53.15
C ALA B 407 33.86 -4.66 -52.42
N GLY B 417 36.48 8.03 -50.63
CA GLY B 417 35.14 8.45 -51.01
C GLY B 417 34.20 8.44 -49.83
N LEU B 418 34.07 9.59 -49.16
CA LEU B 418 33.25 9.68 -47.96
C LEU B 418 32.18 10.77 -48.04
N ILE B 419 31.06 10.51 -47.39
CA ILE B 419 30.02 11.52 -47.17
C ILE B 419 30.56 12.59 -46.22
N PRO B 420 29.89 13.75 -46.12
CA PRO B 420 30.36 14.78 -45.21
C PRO B 420 30.66 14.25 -43.80
N GLN B 421 31.77 14.68 -43.22
CA GLN B 421 32.18 14.10 -41.95
C GLN B 421 31.76 14.96 -40.75
N ASN B 422 30.95 15.96 -41.02
CA ASN B 422 30.48 16.85 -39.98
C ASN B 422 29.32 17.71 -40.46
N LEU B 423 28.60 18.30 -39.51
CA LEU B 423 27.43 19.11 -39.80
C LEU B 423 27.71 20.25 -40.77
N ARG B 424 28.89 20.86 -40.66
CA ARG B 424 29.20 22.04 -41.47
C ARG B 424 29.32 21.72 -42.95
N ASP B 425 30.18 20.75 -43.26
CA ASP B 425 30.32 20.24 -44.61
C ASP B 425 29.00 19.80 -45.22
N ALA B 426 28.20 19.10 -44.42
CA ALA B 426 26.91 18.58 -44.86
C ALA B 426 25.96 19.73 -45.17
N MET B 427 26.07 20.80 -44.39
CA MET B 427 25.31 21.99 -44.71
C MET B 427 25.72 22.51 -46.09
N GLU B 428 27.01 22.62 -46.34
CA GLU B 428 27.46 23.21 -47.62
C GLU B 428 27.21 22.22 -48.76
N ALA B 429 27.22 20.94 -48.44
CA ALA B 429 26.86 19.88 -49.38
C ALA B 429 25.43 20.06 -49.87
N LEU B 430 24.52 20.26 -48.93
CA LEU B 430 23.13 20.58 -49.23
C LEU B 430 23.02 21.95 -49.91
N ARG B 431 23.84 22.88 -49.43
CA ARG B 431 23.91 24.21 -50.00
C ARG B 431 24.27 24.13 -51.48
N GLY B 432 25.23 23.27 -51.82
CA GLY B 432 25.68 23.14 -53.19
C GLY B 432 25.00 22.06 -54.01
N SER B 433 23.81 21.64 -53.60
CA SER B 433 23.10 20.59 -54.32
C SER B 433 22.11 21.15 -55.33
N THR B 434 22.56 21.33 -56.56
CA THR B 434 21.65 21.72 -57.63
C THR B 434 20.53 20.69 -57.74
N MET B 435 20.86 19.41 -57.69
CA MET B 435 19.89 18.33 -57.83
C MET B 435 18.72 18.52 -56.88
N LEU B 436 19.03 18.67 -55.61
CA LEU B 436 17.98 18.83 -54.61
C LEU B 436 17.15 20.11 -54.80
N ARG B 437 17.79 21.22 -55.15
CA ARG B 437 17.04 22.45 -55.41
C ARG B 437 16.13 22.28 -56.62
N GLU B 438 16.55 21.41 -57.53
CA GLU B 438 15.71 21.11 -58.68
C GLU B 438 14.56 20.25 -58.21
N ALA B 439 14.89 19.21 -57.44
CA ALA B 439 13.94 18.20 -57.00
C ALA B 439 12.94 18.71 -55.94
N MET B 440 13.45 19.39 -54.92
CA MET B 440 12.60 19.83 -53.82
C MET B 440 12.21 21.30 -53.96
N GLY B 441 12.98 22.06 -54.72
CA GLY B 441 12.70 23.48 -54.88
C GLY B 441 13.66 24.33 -54.08
N GLU B 442 13.95 25.51 -54.64
CA GLU B 442 14.88 26.47 -54.07
C GLU B 442 14.50 26.88 -52.66
N ASP B 443 13.20 27.13 -52.47
CA ASP B 443 12.63 27.44 -51.16
C ASP B 443 13.09 26.45 -50.11
N VAL B 444 12.71 25.19 -50.34
CA VAL B 444 12.92 24.08 -49.41
C VAL B 444 14.40 23.84 -49.05
N VAL B 445 15.30 23.89 -50.02
CA VAL B 445 16.70 23.61 -49.75
C VAL B 445 17.34 24.70 -48.90
N ASP B 446 17.13 25.95 -49.30
CA ASP B 446 17.57 27.11 -48.51
C ASP B 446 17.09 27.02 -47.06
N HIS B 447 15.81 26.70 -46.90
CA HIS B 447 15.19 26.60 -45.58
C HIS B 447 15.92 25.60 -44.67
N TYR B 448 16.28 24.45 -45.21
CA TYR B 448 16.96 23.45 -44.40
C TYR B 448 18.44 23.74 -44.20
N VAL B 449 19.03 24.56 -45.08
CA VAL B 449 20.38 25.03 -44.84
C VAL B 449 20.34 25.97 -43.64
N ARG B 450 19.33 26.83 -43.62
CA ARG B 450 19.16 27.78 -42.52
C ARG B 450 18.90 27.03 -41.21
N ALA B 451 18.24 25.88 -41.30
CA ALA B 451 18.06 24.99 -40.16
C ALA B 451 19.40 24.41 -39.71
N ALA B 452 20.19 23.90 -40.64
CA ALA B 452 21.53 23.40 -40.29
C ALA B 452 22.43 24.51 -39.77
N GLU B 453 22.30 25.71 -40.32
CA GLU B 453 23.10 26.82 -39.83
C GLU B 453 22.72 27.14 -38.39
N VAL B 454 21.42 27.23 -38.14
CA VAL B 454 20.91 27.47 -36.78
C VAL B 454 21.43 26.42 -35.78
N GLU B 455 21.35 25.14 -36.16
CA GLU B 455 21.78 24.07 -35.29
C GLU B 455 23.28 24.15 -35.00
N LEU B 456 24.06 24.56 -36.00
CA LEU B 456 25.49 24.85 -35.80
C LEU B 456 25.74 25.94 -34.77
N GLU B 457 25.11 27.10 -34.97
CA GLU B 457 25.34 28.25 -34.09
C GLU B 457 24.73 28.00 -32.72
N ASP B 458 23.94 26.96 -32.61
CA ASP B 458 23.37 26.64 -31.32
C ASP B 458 24.51 26.28 -30.38
N PHE B 459 25.37 25.36 -30.82
CA PHE B 459 26.47 24.86 -30.01
C PHE B 459 27.40 25.99 -29.53
N GLN B 460 27.72 26.93 -30.40
CA GLN B 460 28.52 28.09 -30.03
C GLN B 460 27.92 28.91 -28.88
N ARG B 461 26.59 29.00 -28.80
CA ARG B 461 25.93 29.73 -27.73
C ARG B 461 25.90 29.00 -26.40
N VAL B 462 26.58 27.87 -26.32
CA VAL B 462 26.54 27.00 -25.14
C VAL B 462 27.92 26.49 -24.77
N VAL B 463 28.24 26.48 -23.47
CA VAL B 463 29.54 25.93 -23.06
C VAL B 463 29.38 24.48 -22.58
N SER B 464 30.11 23.57 -23.20
CA SER B 464 29.92 22.15 -22.93
C SER B 464 30.70 21.69 -21.72
N ASP B 465 30.23 20.62 -21.07
CA ASP B 465 30.96 20.06 -19.94
C ASP B 465 32.32 19.54 -20.40
N TYR B 466 32.39 19.11 -21.66
CA TYR B 466 33.65 18.68 -22.24
C TYR B 466 34.66 19.85 -22.26
N GLU B 467 34.17 21.06 -22.52
CA GLU B 467 35.04 22.23 -22.62
C GLU B 467 35.58 22.65 -21.26
N VAL B 468 34.74 22.48 -20.26
CA VAL B 468 35.10 22.82 -18.90
C VAL B 468 36.13 21.82 -18.37
N ALA B 469 35.88 20.54 -18.59
CA ALA B 469 36.81 19.51 -18.14
C ALA B 469 38.18 19.60 -18.83
N ARG B 470 38.18 19.66 -20.15
CA ARG B 470 39.44 19.81 -20.88
C ARG B 470 39.98 21.20 -20.58
N GLY B 471 39.15 22.02 -19.93
CA GLY B 471 39.51 23.35 -19.50
C GLY B 471 40.63 23.41 -18.50
N PHE B 472 41.21 22.27 -18.17
CA PHE B 472 42.36 22.24 -17.26
C PHE B 472 43.41 21.20 -17.71
N GLU B 473 44.52 21.59 -18.36
CA GLU B 473 44.96 22.98 -18.68
C GLU B 473 45.03 23.88 -17.46
N ALA C 28 3.05 -27.95 -34.85
CA ALA C 28 2.43 -27.09 -33.86
C ALA C 28 2.04 -25.73 -34.44
N LEU C 29 2.36 -25.50 -35.71
CA LEU C 29 2.04 -24.23 -36.34
C LEU C 29 0.54 -23.93 -36.37
N ASP C 30 -0.28 -24.96 -36.47
CA ASP C 30 -1.73 -24.76 -36.46
C ASP C 30 -2.30 -24.56 -35.06
N ASP C 31 -1.62 -25.12 -34.07
CA ASP C 31 -2.02 -24.85 -32.69
C ASP C 31 -1.66 -23.40 -32.32
N LEU C 32 -0.44 -23.00 -32.71
CA LEU C 32 0.03 -21.64 -32.46
C LEU C 32 -0.88 -20.65 -33.17
N LYS C 33 -1.28 -20.98 -34.40
CA LYS C 33 -2.11 -20.07 -35.17
C LYS C 33 -3.43 -19.82 -34.45
N THR C 34 -4.02 -20.89 -33.94
CA THR C 34 -5.27 -20.81 -33.18
C THR C 34 -5.13 -19.95 -31.94
N ARG C 35 -4.13 -20.27 -31.12
CA ARG C 35 -3.89 -19.57 -29.87
C ARG C 35 -3.53 -18.11 -30.13
N VAL C 36 -2.95 -17.82 -31.31
CA VAL C 36 -2.70 -16.44 -31.70
C VAL C 36 -4.02 -15.79 -32.07
N GLU C 37 -4.82 -16.51 -32.83
CA GLU C 37 -6.14 -16.00 -33.21
C GLU C 37 -6.96 -15.69 -31.97
N SER C 38 -6.89 -16.55 -30.97
CA SER C 38 -7.61 -16.38 -29.70
C SER C 38 -7.08 -15.23 -28.83
N GLY C 39 -5.93 -14.68 -29.19
CA GLY C 39 -5.37 -13.58 -28.46
C GLY C 39 -4.51 -13.96 -27.27
N GLU C 40 -4.39 -15.26 -27.04
CA GLU C 40 -3.68 -15.87 -25.92
C GLU C 40 -2.15 -15.85 -26.05
N ILE C 41 -1.66 -15.77 -27.28
CA ILE C 41 -0.23 -15.68 -27.54
C ILE C 41 0.06 -14.59 -28.55
N ASP C 42 0.91 -13.65 -28.15
CA ASP C 42 1.21 -12.47 -28.97
C ASP C 42 2.69 -12.32 -29.30
N THR C 43 3.53 -13.12 -28.65
CA THR C 43 4.98 -13.06 -28.83
C THR C 43 5.62 -14.40 -29.17
N VAL C 44 6.47 -14.45 -30.19
CA VAL C 44 7.25 -15.66 -30.38
C VAL C 44 8.76 -15.34 -30.25
N LEU C 45 9.40 -16.07 -29.33
CA LEU C 45 10.84 -15.99 -29.14
C LEU C 45 11.45 -16.89 -30.18
N VAL C 46 12.14 -16.27 -31.14
CA VAL C 46 12.80 -17.00 -32.21
C VAL C 46 14.29 -17.10 -31.87
N CYS C 47 14.68 -18.28 -31.41
CA CYS C 47 15.94 -18.39 -30.70
C CYS C 47 16.89 -19.40 -31.31
N ILE C 48 18.17 -19.11 -31.15
CA ILE C 48 19.22 -20.10 -31.33
C ILE C 48 20.00 -20.21 -30.04
N VAL C 49 20.84 -21.24 -29.92
CA VAL C 49 21.63 -21.38 -28.71
C VAL C 49 23.09 -21.03 -29.00
N ASP C 50 23.61 -20.01 -28.31
CA ASP C 50 24.99 -19.57 -28.57
C ASP C 50 25.99 -20.41 -27.79
N MET C 51 27.27 -20.09 -27.93
CA MET C 51 28.38 -20.87 -27.36
C MET C 51 28.28 -21.01 -25.84
N GLN C 52 27.79 -19.96 -25.18
CA GLN C 52 27.59 -19.97 -23.74
C GLN C 52 26.26 -20.61 -23.34
N GLY C 53 25.57 -21.21 -24.30
CA GLY C 53 24.35 -21.96 -23.99
C GLY C 53 23.13 -21.12 -23.69
N ARG C 54 23.20 -19.82 -23.99
CA ARG C 54 22.06 -18.94 -23.85
C ARG C 54 21.16 -18.97 -25.08
N LEU C 55 19.86 -18.76 -24.86
CA LEU C 55 18.89 -18.51 -25.92
C LEU C 55 19.07 -17.10 -26.52
N MET C 56 19.12 -17.00 -27.83
CA MET C 56 19.39 -15.72 -28.45
C MET C 56 18.58 -15.55 -29.71
N GLY C 57 18.18 -14.31 -29.99
CA GLY C 57 17.41 -14.07 -31.18
C GLY C 57 16.48 -12.90 -30.99
N LYS C 58 15.34 -12.97 -31.65
CA LYS C 58 14.45 -11.81 -31.67
C LYS C 58 13.12 -12.19 -31.08
N ARG C 59 12.36 -11.19 -30.68
CA ARG C 59 11.01 -11.43 -30.23
C ARG C 59 10.03 -10.91 -31.29
N LEU C 60 9.47 -11.87 -32.03
CA LEU C 60 8.52 -11.56 -33.09
C LEU C 60 7.13 -11.32 -32.54
N HIS C 61 6.39 -10.42 -33.15
CA HIS C 61 4.97 -10.39 -32.89
C HIS C 61 4.35 -11.67 -33.45
N ALA C 62 3.59 -12.38 -32.64
CA ALA C 62 3.10 -13.70 -33.05
C ALA C 62 2.32 -13.69 -34.38
N ARG C 63 1.64 -12.60 -34.70
CA ARG C 63 0.87 -12.57 -35.95
C ARG C 63 1.85 -12.52 -37.13
N HIS C 64 2.91 -11.74 -37.01
CA HIS C 64 3.93 -11.71 -38.04
C HIS C 64 4.64 -13.06 -38.18
N PHE C 65 4.72 -13.81 -37.08
CA PHE C 65 5.42 -15.08 -37.11
C PHE C 65 4.62 -16.19 -37.82
N VAL C 66 3.36 -16.36 -37.44
CA VAL C 66 2.54 -17.38 -38.10
C VAL C 66 2.40 -17.09 -39.62
N ASP C 67 2.63 -15.84 -40.01
CA ASP C 67 2.46 -15.45 -41.38
C ASP C 67 3.75 -15.56 -42.19
N HIS C 68 4.81 -14.94 -41.69
N HIS C 68 4.82 -14.95 -41.72
CA HIS C 68 6.04 -14.82 -42.46
CA HIS C 68 6.07 -15.00 -42.46
C HIS C 68 7.27 -15.32 -41.69
C HIS C 68 7.21 -15.53 -41.61
N GLY C 69 7.34 -14.99 -40.40
CA GLY C 69 8.51 -15.29 -39.56
C GLY C 69 8.85 -16.74 -39.22
N TRP C 70 7.89 -17.64 -39.44
CA TRP C 70 8.13 -19.07 -39.28
C TRP C 70 9.15 -19.57 -40.31
N GLU C 71 9.22 -18.86 -41.43
CA GLU C 71 10.13 -19.19 -42.53
C GLU C 71 11.61 -19.05 -42.19
N GLU C 72 12.18 -17.92 -42.54
CA GLU C 72 13.60 -17.67 -42.29
C GLU C 72 13.74 -16.38 -41.50
N THR C 73 14.92 -16.19 -40.93
CA THR C 73 15.21 -14.93 -40.26
C THR C 73 16.68 -14.61 -40.44
N HIS C 74 16.95 -13.44 -41.01
CA HIS C 74 18.30 -12.92 -41.03
C HIS C 74 18.67 -12.48 -39.61
N CYS C 75 19.88 -12.81 -39.18
CA CYS C 75 20.38 -12.37 -37.89
C CYS C 75 21.90 -12.20 -37.95
N CYS C 76 22.47 -11.62 -36.90
CA CYS C 76 23.91 -11.38 -36.84
C CYS C 76 24.70 -12.62 -36.42
N ASN C 77 26.02 -12.49 -36.30
CA ASN C 77 26.82 -13.60 -35.78
C ASN C 77 26.70 -13.64 -34.26
N TYR C 78 25.93 -14.59 -33.77
CA TYR C 78 25.71 -14.77 -32.34
C TYR C 78 26.83 -15.57 -31.71
N LEU C 79 27.92 -15.76 -32.46
CA LEU C 79 29.05 -16.54 -31.99
C LEU C 79 30.33 -15.68 -32.01
N LEU C 80 30.82 -15.33 -30.83
CA LEU C 80 31.89 -14.34 -30.68
C LEU C 80 33.28 -14.94 -30.83
N TYR C 104 23.95 -16.35 -39.69
CA TYR C 104 23.41 -15.25 -40.49
C TYR C 104 21.95 -15.47 -40.93
N ILE C 105 21.51 -16.72 -41.00
CA ILE C 105 20.10 -17.03 -41.26
C ILE C 105 19.53 -17.92 -40.17
N MET C 106 18.37 -17.54 -39.66
CA MET C 106 17.64 -18.34 -38.68
C MET C 106 16.47 -19.05 -39.33
N LYS C 107 16.54 -20.36 -39.48
CA LYS C 107 15.39 -21.14 -39.94
C LYS C 107 14.75 -21.84 -38.73
N PRO C 108 13.57 -21.35 -38.31
CA PRO C 108 12.81 -22.01 -37.24
C PRO C 108 12.54 -23.48 -37.51
N ASP C 109 12.80 -24.30 -36.49
CA ASP C 109 12.37 -25.69 -36.48
C ASP C 109 11.01 -25.75 -35.80
N LEU C 110 9.95 -25.82 -36.61
CA LEU C 110 8.58 -25.72 -36.13
C LEU C 110 8.23 -26.84 -35.19
N ALA C 111 8.96 -27.95 -35.27
CA ALA C 111 8.77 -29.05 -34.32
C ALA C 111 9.10 -28.62 -32.88
N THR C 112 10.13 -27.79 -32.70
CA THR C 112 10.44 -27.26 -31.36
C THR C 112 9.52 -26.13 -30.85
N LEU C 113 8.42 -25.83 -31.55
CA LEU C 113 7.49 -24.81 -31.05
C LEU C 113 6.98 -25.18 -29.67
N ARG C 114 7.06 -24.24 -28.73
CA ARG C 114 6.78 -24.55 -27.34
C ARG C 114 6.30 -23.32 -26.56
N CYS C 115 5.41 -23.52 -25.60
CA CYS C 115 4.93 -22.41 -24.78
C CYS C 115 5.94 -22.08 -23.69
N VAL C 116 5.87 -20.85 -23.20
CA VAL C 116 6.80 -20.32 -22.23
C VAL C 116 5.97 -19.71 -21.11
N PRO C 117 5.41 -20.57 -20.25
CA PRO C 117 4.40 -20.18 -19.26
C PRO C 117 4.86 -19.10 -18.29
N TRP C 118 6.17 -18.92 -18.10
CA TRP C 118 6.64 -17.88 -17.17
C TRP C 118 6.73 -16.52 -17.84
N LEU C 119 6.17 -16.42 -19.05
CA LEU C 119 6.17 -15.17 -19.80
C LEU C 119 4.81 -15.05 -20.47
N GLU C 120 3.94 -14.23 -19.90
CA GLU C 120 2.61 -14.01 -20.45
C GLU C 120 2.59 -13.88 -21.99
N GLY C 121 1.59 -14.50 -22.64
CA GLY C 121 1.37 -14.37 -24.08
C GLY C 121 2.49 -14.82 -25.00
N THR C 122 3.35 -15.73 -24.56
CA THR C 122 4.59 -15.97 -25.26
C THR C 122 4.94 -17.43 -25.53
N ALA C 123 5.36 -17.71 -26.76
CA ALA C 123 5.88 -19.03 -27.09
C ALA C 123 7.32 -18.88 -27.53
N MET C 124 7.95 -20.00 -27.86
CA MET C 124 9.32 -19.97 -28.38
C MET C 124 9.53 -21.02 -29.47
N VAL C 125 10.54 -20.80 -30.31
CA VAL C 125 10.95 -21.84 -31.23
C VAL C 125 12.49 -21.80 -31.42
N LEU C 126 13.09 -22.98 -31.44
CA LEU C 126 14.51 -23.08 -31.71
C LEU C 126 14.76 -23.10 -33.21
N CYS C 127 15.89 -22.53 -33.61
CA CYS C 127 16.18 -22.36 -35.02
C CYS C 127 17.47 -23.02 -35.43
N ASP C 128 17.61 -23.36 -36.70
CA ASP C 128 18.89 -23.79 -37.22
C ASP C 128 19.56 -22.60 -37.86
N LEU C 129 20.84 -22.41 -37.56
CA LEU C 129 21.59 -21.25 -38.02
C LEU C 129 22.28 -21.51 -39.38
N LEU C 130 21.91 -20.76 -40.42
CA LEU C 130 22.46 -21.03 -41.75
C LEU C 130 23.38 -19.93 -42.28
N ASP C 131 24.39 -20.34 -43.05
CA ASP C 131 25.23 -19.37 -43.73
C ASP C 131 24.38 -18.74 -44.84
N HIS C 132 24.22 -17.42 -44.77
CA HIS C 132 23.27 -16.70 -45.64
C HIS C 132 23.84 -16.45 -47.02
N ARG C 133 24.79 -17.28 -47.43
CA ARG C 133 25.39 -17.20 -48.75
C ARG C 133 25.43 -18.58 -49.38
N THR C 134 24.93 -19.57 -48.63
CA THR C 134 24.96 -20.97 -49.03
C THR C 134 23.80 -21.75 -48.42
N HIS C 135 23.08 -21.14 -47.47
CA HIS C 135 21.98 -21.78 -46.76
C HIS C 135 22.35 -23.12 -46.14
N ALA C 136 23.63 -23.34 -45.91
CA ALA C 136 24.06 -24.53 -45.21
C ALA C 136 24.19 -24.25 -43.74
N GLU C 137 23.98 -25.27 -42.91
CA GLU C 137 24.18 -25.11 -41.48
C GLU C 137 25.60 -24.60 -41.22
N VAL C 138 25.68 -23.61 -40.33
CA VAL C 138 26.92 -23.16 -39.73
C VAL C 138 27.46 -24.24 -38.79
N PRO C 139 28.59 -24.84 -39.15
CA PRO C 139 29.11 -26.01 -38.45
C PRO C 139 29.23 -25.86 -36.93
N HIS C 140 29.69 -24.70 -36.47
CA HIS C 140 30.09 -24.53 -35.07
C HIS C 140 28.94 -24.05 -34.18
N ALA C 141 27.77 -23.86 -34.76
CA ALA C 141 26.56 -23.74 -33.95
C ALA C 141 26.43 -25.00 -33.11
N PRO C 142 26.40 -24.84 -31.77
CA PRO C 142 26.36 -25.91 -30.77
C PRO C 142 25.37 -27.02 -31.05
N ARG C 143 24.09 -26.67 -31.27
CA ARG C 143 23.04 -27.61 -31.64
C ARG C 143 23.37 -28.45 -32.90
N ALA C 144 23.96 -27.81 -33.90
CA ALA C 144 24.39 -28.52 -35.09
C ALA C 144 25.47 -29.54 -34.76
N ILE C 145 26.29 -29.22 -33.77
CA ILE C 145 27.40 -30.07 -33.38
C ILE C 145 26.85 -31.33 -32.74
N LEU C 146 25.84 -31.18 -31.88
CA LEU C 146 25.22 -32.36 -31.29
C LEU C 146 24.33 -33.10 -32.30
N LYS C 147 23.63 -32.37 -33.16
CA LYS C 147 22.85 -33.01 -34.21
C LYS C 147 23.77 -33.89 -35.08
N ARG C 148 25.01 -33.45 -35.19
CA ARG C 148 25.98 -34.14 -36.03
C ARG C 148 26.38 -35.48 -35.45
N GLN C 149 26.66 -35.51 -34.16
CA GLN C 149 27.05 -36.74 -33.51
C GLN C 149 25.90 -37.71 -33.50
N LEU C 150 24.69 -37.21 -33.30
CA LEU C 150 23.52 -38.07 -33.26
C LEU C 150 23.27 -38.71 -34.63
N ALA C 151 23.46 -37.92 -35.69
CA ALA C 151 23.36 -38.41 -37.06
C ALA C 151 24.40 -39.48 -37.34
N ARG C 152 25.52 -39.41 -36.62
CA ARG C 152 26.54 -40.44 -36.72
C ARG C 152 26.06 -41.75 -36.10
N LEU C 153 25.73 -41.72 -34.82
CA LEU C 153 25.32 -42.93 -34.13
C LEU C 153 23.98 -43.46 -34.65
N GLU C 154 23.27 -42.66 -35.43
CA GLU C 154 22.02 -43.15 -36.02
C GLU C 154 22.30 -44.06 -37.22
N ALA C 155 23.37 -43.74 -37.95
CA ALA C 155 23.84 -44.56 -39.05
C ALA C 155 24.25 -45.93 -38.51
N MET C 156 24.82 -45.91 -37.32
CA MET C 156 25.15 -47.10 -36.57
C MET C 156 23.94 -47.85 -36.04
N GLY C 157 22.74 -47.32 -36.27
CA GLY C 157 21.56 -47.88 -35.65
C GLY C 157 21.51 -47.77 -34.13
N LEU C 158 22.07 -46.69 -33.61
CA LEU C 158 22.07 -46.42 -32.16
C LEU C 158 21.39 -45.06 -31.90
N GLU C 159 20.79 -44.90 -30.72
CA GLU C 159 20.25 -43.61 -30.32
C GLU C 159 20.60 -43.35 -28.86
N ALA C 160 20.95 -42.10 -28.55
CA ALA C 160 21.47 -41.75 -27.23
C ALA C 160 20.37 -41.33 -26.24
N ILE C 161 20.41 -41.92 -25.06
CA ILE C 161 19.51 -41.53 -24.00
C ILE C 161 20.36 -40.86 -22.93
N MET C 162 19.99 -39.63 -22.59
CA MET C 162 20.80 -38.83 -21.68
C MET C 162 19.94 -38.08 -20.67
N ALA C 163 20.60 -37.62 -19.61
CA ALA C 163 20.01 -36.74 -18.62
C ALA C 163 21.08 -35.82 -17.99
N THR C 164 20.67 -34.63 -17.59
CA THR C 164 21.57 -33.73 -16.92
C THR C 164 20.92 -33.28 -15.62
N GLU C 165 21.74 -33.11 -14.59
CA GLU C 165 21.29 -32.53 -13.33
C GLU C 165 21.89 -31.16 -13.18
N LEU C 166 21.11 -30.10 -13.39
CA LEU C 166 21.66 -28.76 -13.23
C LEU C 166 21.52 -28.25 -11.80
N GLU C 167 22.67 -27.99 -11.17
CA GLU C 167 22.70 -27.39 -9.84
C GLU C 167 22.80 -25.89 -10.01
N PHE C 168 22.43 -25.15 -8.98
CA PHE C 168 22.53 -23.70 -8.99
C PHE C 168 22.38 -23.13 -7.61
N PHE C 169 22.76 -21.87 -7.46
CA PHE C 169 22.60 -21.17 -6.19
C PHE C 169 21.49 -20.14 -6.27
N LEU C 170 20.54 -20.25 -5.34
CA LEU C 170 19.58 -19.19 -5.08
C LEU C 170 20.12 -18.22 -4.04
N PHE C 171 20.17 -16.93 -4.39
CA PHE C 171 20.55 -15.90 -3.43
C PHE C 171 19.36 -15.23 -2.78
N GLU C 172 19.58 -14.64 -1.61
CA GLU C 172 18.46 -14.04 -0.89
C GLU C 172 18.23 -12.64 -1.41
N LYS C 173 19.29 -12.05 -1.96
CA LYS C 173 19.17 -10.75 -2.58
C LYS C 173 18.81 -10.85 -4.06
N SER C 174 18.18 -9.81 -4.59
CA SER C 174 17.93 -9.71 -6.01
C SER C 174 19.23 -9.49 -6.74
N LEU C 175 19.19 -9.71 -8.05
CA LEU C 175 20.37 -9.47 -8.88
C LEU C 175 20.69 -7.97 -8.86
N ASP C 176 19.65 -7.16 -8.89
CA ASP C 176 19.77 -5.70 -8.80
C ASP C 176 20.70 -5.28 -7.67
N GLU C 177 20.45 -5.75 -6.45
CA GLU C 177 21.27 -5.40 -5.30
C GLU C 177 22.68 -6.04 -5.34
N ILE C 178 22.80 -7.29 -5.79
CA ILE C 178 24.12 -7.89 -5.91
C ILE C 178 24.92 -7.27 -7.06
N ARG C 179 24.26 -7.02 -8.19
CA ARG C 179 24.93 -6.40 -9.34
C ARG C 179 25.61 -5.08 -8.99
N LYS C 180 25.50 -4.66 -7.74
CA LYS C 180 26.18 -3.46 -7.26
C LYS C 180 27.36 -3.84 -6.35
N GLY C 181 28.47 -4.22 -6.97
CA GLY C 181 29.60 -4.78 -6.26
C GLY C 181 29.50 -6.27 -6.44
N ARG C 182 30.27 -7.04 -5.66
CA ARG C 182 30.15 -8.50 -5.65
C ARG C 182 30.36 -9.05 -4.24
N PHE C 183 29.29 -9.14 -3.46
CA PHE C 183 29.33 -9.84 -2.19
C PHE C 183 27.93 -10.03 -1.63
N ARG C 184 27.41 -11.25 -1.79
CA ARG C 184 26.10 -11.61 -1.26
C ARG C 184 26.05 -13.06 -0.84
N THR C 201 11.83 -23.79 3.69
CA THR C 201 11.13 -24.52 2.62
C THR C 201 10.16 -23.60 1.89
N THR C 202 9.18 -23.03 2.62
CA THR C 202 8.32 -21.97 2.07
C THR C 202 9.16 -20.94 1.32
N LYS C 203 10.32 -20.67 1.91
CA LYS C 203 11.29 -19.73 1.41
C LYS C 203 11.58 -19.99 -0.04
N GLU C 204 12.32 -21.08 -0.29
CA GLU C 204 12.86 -21.36 -1.62
C GLU C 204 11.77 -21.82 -2.57
N GLU C 205 10.68 -22.31 -1.99
CA GLU C 205 9.61 -22.91 -2.77
C GLU C 205 8.91 -21.86 -3.61
N HIS C 206 9.07 -20.59 -3.22
CA HIS C 206 8.38 -19.54 -3.96
C HIS C 206 9.07 -19.34 -5.29
N VAL C 207 10.28 -19.87 -5.39
CA VAL C 207 10.93 -19.93 -6.68
C VAL C 207 10.73 -21.33 -7.27
N LEU C 208 11.07 -22.35 -6.49
CA LEU C 208 11.20 -23.69 -7.04
C LEU C 208 9.87 -24.32 -7.48
N ARG C 209 8.77 -23.95 -6.83
CA ARG C 209 7.47 -24.50 -7.20
C ARG C 209 6.98 -24.02 -8.60
N PRO C 210 6.97 -22.68 -8.86
CA PRO C 210 6.59 -22.25 -10.21
C PRO C 210 7.54 -22.78 -11.28
N LEU C 211 8.83 -22.80 -10.94
CA LEU C 211 9.88 -23.37 -11.76
C LEU C 211 9.55 -24.80 -12.19
N ARG C 212 9.22 -25.65 -11.22
CA ARG C 212 8.76 -27.01 -11.52
C ARG C 212 7.46 -26.99 -12.35
N ASN C 213 6.45 -26.29 -11.86
CA ASN C 213 5.14 -26.27 -12.54
C ASN C 213 5.13 -25.72 -13.96
N HIS C 214 5.85 -24.63 -14.20
CA HIS C 214 5.90 -24.04 -15.53
C HIS C 214 6.66 -24.88 -16.53
N LEU C 215 7.84 -25.32 -16.12
CA LEU C 215 8.63 -26.23 -16.92
C LEU C 215 7.76 -27.40 -17.38
N HIS C 216 7.01 -27.97 -16.46
CA HIS C 216 6.10 -29.08 -16.80
C HIS C 216 4.97 -28.64 -17.75
N ALA C 217 4.36 -27.51 -17.45
CA ALA C 217 3.35 -26.95 -18.32
C ALA C 217 3.89 -26.63 -19.71
N ALA C 218 5.20 -26.44 -19.85
CA ALA C 218 5.84 -26.28 -21.17
C ALA C 218 6.29 -27.63 -21.78
N GLY C 219 5.91 -28.74 -21.15
CA GLY C 219 6.22 -30.03 -21.71
C GLY C 219 7.56 -30.59 -21.30
N ILE C 220 8.35 -29.82 -20.55
CA ILE C 220 9.59 -30.40 -20.02
C ILE C 220 9.26 -31.40 -18.90
N PRO C 221 9.79 -32.63 -18.98
CA PRO C 221 9.51 -33.67 -17.97
C PRO C 221 10.30 -33.52 -16.66
N VAL C 222 9.86 -32.54 -15.86
CA VAL C 222 10.41 -32.29 -14.53
C VAL C 222 10.10 -33.42 -13.55
N GLU C 223 11.14 -33.99 -12.93
CA GLU C 223 10.90 -34.94 -11.86
C GLU C 223 10.71 -34.18 -10.54
N GLY C 224 11.50 -33.12 -10.36
CA GLY C 224 11.31 -32.25 -9.23
C GLY C 224 12.60 -31.56 -8.87
N THR C 225 12.61 -30.98 -7.67
CA THR C 225 13.79 -30.30 -7.15
C THR C 225 14.31 -31.04 -5.93
N LYS C 226 15.56 -30.77 -5.57
CA LYS C 226 16.17 -31.38 -4.37
C LYS C 226 17.25 -30.47 -3.74
N GLY C 227 17.17 -30.32 -2.42
CA GLY C 227 18.05 -29.42 -1.71
C GLY C 227 19.43 -30.01 -1.54
N GLU C 228 20.43 -29.37 -2.14
CA GLU C 228 21.79 -29.87 -2.10
C GLU C 228 22.55 -29.43 -0.84
N ALA C 229 23.87 -29.56 -0.89
CA ALA C 229 24.75 -29.31 0.25
C ALA C 229 24.78 -27.84 0.68
N GLY C 230 25.11 -26.94 -0.25
CA GLY C 230 25.19 -25.52 0.01
C GLY C 230 23.96 -24.91 0.64
N ALA C 231 24.09 -23.70 1.19
CA ALA C 231 22.99 -23.08 1.94
C ALA C 231 22.09 -22.23 1.05
N GLY C 232 21.85 -22.75 -0.15
CA GLY C 232 21.06 -22.07 -1.15
C GLY C 232 21.28 -22.86 -2.42
N GLN C 233 21.86 -24.05 -2.26
CA GLN C 233 22.14 -24.86 -3.42
C GLN C 233 20.97 -25.80 -3.76
N GLU C 234 20.50 -25.68 -4.99
CA GLU C 234 19.34 -26.42 -5.45
C GLU C 234 19.70 -27.20 -6.68
N GLU C 235 19.03 -28.32 -6.87
CA GLU C 235 19.19 -29.11 -8.08
C GLU C 235 17.82 -29.43 -8.65
N LEU C 236 17.68 -29.24 -9.95
CA LEU C 236 16.44 -29.55 -10.62
C LEU C 236 16.61 -30.83 -11.42
N ASN C 237 15.73 -31.79 -11.19
CA ASN C 237 15.79 -33.08 -11.85
C ASN C 237 14.75 -33.28 -12.96
N ILE C 238 15.26 -33.41 -14.18
CA ILE C 238 14.43 -33.62 -15.34
C ILE C 238 14.66 -35.04 -15.84
N ARG C 239 13.58 -35.71 -16.26
CA ARG C 239 13.67 -37.12 -16.62
C ARG C 239 14.41 -37.29 -17.93
N CYS C 240 15.07 -38.44 -18.12
CA CYS C 240 15.88 -38.67 -19.32
C CYS C 240 15.05 -38.71 -20.58
N ALA C 241 15.75 -38.58 -21.71
CA ALA C 241 15.13 -38.34 -22.99
C ALA C 241 16.18 -38.56 -24.09
N LYS C 242 15.75 -38.52 -25.33
CA LYS C 242 16.70 -38.48 -26.43
C LYS C 242 17.61 -37.29 -26.20
N ALA C 243 18.90 -37.50 -26.45
CA ALA C 243 19.93 -36.48 -26.24
C ALA C 243 19.52 -35.09 -26.69
N LEU C 244 19.07 -34.93 -27.95
CA LEU C 244 18.69 -33.61 -28.43
C LEU C 244 17.63 -33.02 -27.53
N ASP C 245 16.71 -33.87 -27.10
CA ASP C 245 15.64 -33.40 -26.23
C ASP C 245 16.18 -32.89 -24.90
N THR C 246 17.04 -33.68 -24.30
CA THR C 246 17.66 -33.33 -23.03
C THR C 246 18.39 -31.98 -23.13
N ALA C 247 19.16 -31.79 -24.19
CA ALA C 247 19.98 -30.61 -24.34
C ALA C 247 19.09 -29.38 -24.57
N ASP C 248 17.92 -29.60 -25.13
CA ASP C 248 16.91 -28.53 -25.21
C ASP C 248 16.30 -28.25 -23.85
N TYR C 249 15.97 -29.32 -23.16
CA TYR C 249 15.34 -29.24 -21.86
C TYR C 249 16.22 -28.45 -20.90
N HIS C 250 17.51 -28.71 -20.99
CA HIS C 250 18.51 -28.18 -20.06
C HIS C 250 18.61 -26.68 -20.27
N THR C 251 18.70 -26.31 -21.53
CA THR C 251 18.81 -24.93 -21.96
C THR C 251 17.58 -24.09 -21.59
N ILE C 252 16.40 -24.66 -21.83
CA ILE C 252 15.11 -24.06 -21.47
C ILE C 252 14.89 -23.95 -19.96
N ALA C 253 15.20 -25.04 -19.26
CA ALA C 253 15.10 -25.10 -17.80
C ALA C 253 15.95 -24.00 -17.16
N LYS C 254 17.17 -23.85 -17.67
CA LYS C 254 18.11 -22.84 -17.19
C LYS C 254 17.54 -21.43 -17.35
N HIS C 255 17.00 -21.15 -18.52
CA HIS C 255 16.37 -19.88 -18.84
C HIS C 255 15.13 -19.58 -17.96
N ALA C 256 14.31 -20.60 -17.70
CA ALA C 256 13.16 -20.44 -16.81
C ALA C 256 13.60 -20.09 -15.37
N THR C 257 14.67 -20.73 -14.91
CA THR C 257 15.18 -20.53 -13.55
C THR C 257 15.62 -19.09 -13.35
N LYS C 258 16.31 -18.53 -14.33
CA LYS C 258 16.70 -17.13 -14.23
C LYS C 258 15.50 -16.20 -14.31
N GLU C 259 14.58 -16.45 -15.24
CA GLU C 259 13.41 -15.59 -15.39
C GLU C 259 12.55 -15.60 -14.14
N ILE C 260 12.26 -16.80 -13.67
CA ILE C 260 11.36 -16.99 -12.54
C ILE C 260 11.98 -16.47 -11.23
N ALA C 261 13.27 -16.73 -11.00
CA ALA C 261 13.98 -16.14 -9.87
C ALA C 261 13.94 -14.62 -9.87
N TRP C 262 14.14 -14.00 -11.03
CA TRP C 262 14.06 -12.55 -11.16
C TRP C 262 12.66 -12.10 -10.75
N GLN C 263 11.65 -12.86 -11.18
CA GLN C 263 10.26 -12.49 -10.93
C GLN C 263 9.88 -12.55 -9.46
N GLN C 264 10.56 -13.40 -8.69
CA GLN C 264 10.43 -13.36 -7.22
C GLN C 264 11.48 -12.46 -6.53
N GLY C 265 12.28 -11.76 -7.32
CA GLY C 265 13.20 -10.78 -6.79
C GLY C 265 14.46 -11.33 -6.16
N ARG C 266 14.99 -12.41 -6.74
CA ARG C 266 16.20 -13.06 -6.21
C ARG C 266 17.13 -13.46 -7.35
N ALA C 267 18.43 -13.39 -7.11
CA ALA C 267 19.42 -13.76 -8.11
C ALA C 267 19.58 -15.27 -8.15
N VAL C 268 20.09 -15.77 -9.28
CA VAL C 268 20.42 -17.17 -9.37
C VAL C 268 21.63 -17.31 -10.26
N THR C 269 22.58 -18.12 -9.84
CA THR C 269 23.77 -18.33 -10.65
C THR C 269 24.00 -19.78 -11.01
N PHE C 270 24.49 -19.98 -12.23
CA PHE C 270 24.87 -21.31 -12.67
C PHE C 270 26.40 -21.41 -12.82
N LEU C 271 27.09 -20.52 -12.10
CA LEU C 271 28.53 -20.58 -11.97
C LEU C 271 29.04 -21.89 -11.38
N SER C 272 30.11 -22.43 -11.92
CA SER C 272 30.73 -23.61 -11.34
C SER C 272 31.07 -23.41 -9.86
N LYS C 273 31.51 -22.20 -9.52
CA LYS C 273 31.99 -21.84 -8.20
C LYS C 273 31.82 -20.38 -7.95
N TRP C 274 30.92 -20.00 -7.06
CA TRP C 274 30.63 -18.58 -6.85
C TRP C 274 31.42 -18.04 -5.68
N HIS C 275 32.04 -18.93 -4.92
CA HIS C 275 32.85 -18.47 -3.81
C HIS C 275 33.76 -19.57 -3.27
N HIS C 276 34.96 -19.17 -2.88
CA HIS C 276 35.97 -20.09 -2.38
C HIS C 276 35.44 -21.13 -1.38
N ALA C 277 34.72 -20.66 -0.36
CA ALA C 277 34.37 -21.48 0.81
C ALA C 277 33.06 -22.29 0.68
N HIS C 278 32.27 -22.01 -0.35
CA HIS C 278 31.12 -22.85 -0.65
C HIS C 278 31.46 -23.88 -1.70
N ALA C 279 30.63 -24.93 -1.77
CA ALA C 279 30.79 -25.99 -2.76
C ALA C 279 30.59 -25.43 -4.16
N GLY C 280 31.06 -26.18 -5.15
CA GLY C 280 30.77 -25.81 -6.52
C GLY C 280 29.41 -26.29 -6.99
N SER C 281 29.01 -25.83 -8.17
CA SER C 281 27.79 -26.33 -8.80
C SER C 281 28.15 -27.18 -10.01
N SER C 282 27.64 -28.40 -10.07
CA SER C 282 27.95 -29.26 -11.23
C SER C 282 26.80 -29.53 -12.20
N SER C 283 27.15 -30.15 -13.31
CA SER C 283 26.15 -30.63 -14.26
C SER C 283 26.54 -32.02 -14.70
N HIS C 284 26.18 -33.01 -13.89
CA HIS C 284 26.43 -34.41 -14.25
C HIS C 284 25.62 -34.80 -15.50
N ILE C 285 26.20 -35.65 -16.32
CA ILE C 285 25.55 -36.01 -17.55
C ILE C 285 25.45 -37.53 -17.68
N HIS C 286 24.22 -38.03 -17.53
CA HIS C 286 23.96 -39.47 -17.64
C HIS C 286 23.80 -39.86 -19.11
N GLN C 287 24.35 -41.00 -19.49
CA GLN C 287 24.22 -41.44 -20.88
C GLN C 287 24.11 -42.94 -21.05
N SER C 288 23.26 -43.34 -21.99
CA SER C 288 23.23 -44.71 -22.47
C SER C 288 22.81 -44.78 -23.93
N LEU C 289 23.20 -45.87 -24.60
CA LEU C 289 22.90 -46.08 -26.01
C LEU C 289 21.90 -47.21 -26.17
N TRP C 290 20.98 -47.04 -27.11
CA TRP C 290 19.93 -48.03 -27.32
C TRP C 290 19.78 -48.37 -28.79
N LYS C 291 19.59 -49.66 -29.08
CA LYS C 291 19.36 -50.15 -30.43
C LYS C 291 17.95 -50.69 -30.52
N GLN C 292 17.03 -49.83 -30.96
CA GLN C 292 15.61 -50.16 -31.14
C GLN C 292 14.92 -50.59 -29.84
N GLY C 293 14.70 -49.65 -28.94
CA GLY C 293 14.06 -49.94 -27.68
C GLY C 293 14.79 -50.94 -26.79
N LEU C 294 15.94 -51.41 -27.26
CA LEU C 294 16.76 -52.35 -26.50
C LEU C 294 17.90 -51.63 -25.83
N PRO C 295 18.21 -51.97 -24.57
CA PRO C 295 19.33 -51.39 -23.82
C PRO C 295 20.67 -51.89 -24.34
N ALA C 296 21.31 -51.12 -25.23
CA ALA C 296 22.55 -51.54 -25.89
C ALA C 296 23.77 -51.53 -24.96
N PHE C 297 23.66 -50.90 -23.80
CA PHE C 297 24.77 -50.85 -22.86
C PHE C 297 24.73 -52.07 -21.95
N HIS C 298 23.61 -52.80 -22.01
CA HIS C 298 23.38 -53.91 -21.09
C HIS C 298 23.78 -55.30 -21.62
N ASP C 299 24.26 -56.15 -20.72
CA ASP C 299 24.43 -57.58 -21.00
C ASP C 299 24.33 -58.33 -19.68
N GLU C 300 23.22 -59.03 -19.49
CA GLU C 300 22.94 -59.77 -18.26
C GLU C 300 24.04 -60.78 -17.92
N ARG C 301 24.75 -61.28 -18.94
CA ARG C 301 25.78 -62.29 -18.72
C ARG C 301 27.09 -61.68 -18.23
N ASP C 302 27.22 -60.36 -18.32
CA ASP C 302 28.37 -59.69 -17.72
C ASP C 302 28.17 -59.46 -16.22
N ALA C 303 29.27 -59.55 -15.47
CA ALA C 303 29.26 -59.34 -14.03
C ALA C 303 28.53 -58.07 -13.63
N LEU C 304 28.83 -56.98 -14.32
CA LEU C 304 28.25 -55.69 -14.00
C LEU C 304 27.11 -55.30 -14.95
N GLY C 305 26.61 -56.30 -15.67
CA GLY C 305 25.51 -56.07 -16.59
C GLY C 305 25.93 -55.15 -17.71
N MET C 306 27.24 -55.05 -17.93
CA MET C 306 27.82 -54.10 -18.88
C MET C 306 28.21 -54.72 -20.23
N SER C 307 27.66 -54.15 -21.31
CA SER C 307 27.92 -54.63 -22.67
C SER C 307 29.38 -54.57 -23.08
N ALA C 308 29.67 -55.12 -24.25
CA ALA C 308 30.98 -55.00 -24.86
C ALA C 308 31.07 -53.65 -25.53
N LEU C 309 29.90 -53.13 -25.91
CA LEU C 309 29.82 -51.85 -26.58
C LEU C 309 29.89 -50.76 -25.54
N MET C 310 29.31 -51.03 -24.36
CA MET C 310 29.40 -50.10 -23.24
C MET C 310 30.87 -49.92 -22.81
N LYS C 311 31.56 -51.03 -22.60
CA LYS C 311 32.95 -50.99 -22.19
C LYS C 311 33.81 -50.27 -23.22
N HIS C 312 33.48 -50.38 -24.50
CA HIS C 312 34.21 -49.66 -25.54
C HIS C 312 33.92 -48.16 -25.41
N TYR C 313 32.64 -47.84 -25.31
CA TYR C 313 32.19 -46.48 -25.11
C TYR C 313 32.95 -45.82 -23.94
N LEU C 314 32.97 -46.51 -22.80
CA LEU C 314 33.57 -45.94 -21.60
C LEU C 314 35.09 -45.88 -21.75
N ALA C 315 35.64 -46.80 -22.52
CA ALA C 315 37.06 -46.75 -22.77
C ALA C 315 37.33 -45.48 -23.57
N GLY C 316 36.46 -45.21 -24.54
CA GLY C 316 36.51 -43.97 -25.30
C GLY C 316 36.44 -42.72 -24.44
N LEU C 317 35.47 -42.66 -23.52
CA LEU C 317 35.32 -41.52 -22.61
C LEU C 317 36.58 -41.25 -21.80
N LEU C 318 37.25 -42.32 -21.41
CA LEU C 318 38.42 -42.18 -20.59
C LEU C 318 39.58 -41.71 -21.44
N LYS C 319 39.75 -42.34 -22.60
CA LYS C 319 40.92 -42.08 -23.43
C LYS C 319 40.91 -40.66 -23.97
N TYR C 320 39.75 -40.21 -24.41
CA TYR C 320 39.67 -38.91 -25.05
C TYR C 320 39.08 -37.84 -24.11
N ALA C 321 39.02 -38.16 -22.82
CA ALA C 321 38.57 -37.22 -21.80
C ALA C 321 39.32 -35.89 -21.77
N PRO C 322 40.65 -35.90 -21.93
CA PRO C 322 41.24 -34.55 -21.92
C PRO C 322 40.87 -33.73 -23.14
N ASP C 323 40.55 -34.39 -24.26
CA ASP C 323 40.29 -33.74 -25.55
C ASP C 323 39.13 -32.75 -25.50
N TYR C 324 38.08 -33.11 -24.75
CA TYR C 324 36.85 -32.32 -24.67
C TYR C 324 36.57 -31.76 -23.28
N THR C 325 37.61 -31.58 -22.47
CA THR C 325 37.43 -30.97 -21.16
C THR C 325 36.98 -29.51 -21.27
N TYR C 326 37.43 -28.80 -22.31
CA TYR C 326 36.95 -27.45 -22.58
C TYR C 326 35.42 -27.36 -22.72
N PHE C 327 34.84 -28.40 -23.30
CA PHE C 327 33.41 -28.48 -23.50
C PHE C 327 32.70 -28.74 -22.18
N LEU C 328 33.47 -29.27 -21.23
CA LEU C 328 32.99 -29.54 -19.88
C LEU C 328 33.30 -28.42 -18.89
N ALA C 329 34.30 -27.60 -19.22
CA ALA C 329 34.79 -26.52 -18.37
C ALA C 329 35.35 -25.37 -19.22
N PRO C 330 34.45 -24.52 -19.75
CA PRO C 330 34.84 -23.48 -20.72
C PRO C 330 35.45 -22.20 -20.16
N TYR C 331 35.30 -21.96 -18.86
CA TYR C 331 35.73 -20.67 -18.32
C TYR C 331 36.82 -20.81 -17.28
N LEU C 332 37.55 -19.72 -17.01
CA LEU C 332 38.50 -19.70 -15.90
C LEU C 332 37.88 -20.31 -14.65
N ASN C 333 36.78 -19.71 -14.23
CA ASN C 333 36.03 -20.14 -13.07
C ASN C 333 35.71 -21.64 -13.01
N SER C 334 35.49 -22.26 -14.16
CA SER C 334 35.18 -23.70 -14.23
C SER C 334 36.18 -24.54 -13.44
N TYR C 335 37.46 -24.24 -13.62
CA TYR C 335 38.51 -25.06 -13.02
C TYR C 335 38.66 -24.85 -11.51
N LYS C 336 38.17 -23.74 -10.98
CA LYS C 336 38.26 -23.49 -9.55
C LYS C 336 37.34 -24.41 -8.76
N ARG C 337 36.55 -25.22 -9.47
CA ARG C 337 35.70 -26.22 -8.83
C ARG C 337 36.52 -27.47 -8.50
N PHE C 338 37.73 -27.56 -9.05
CA PHE C 338 38.59 -28.73 -8.84
C PHE C 338 39.64 -28.52 -7.75
N GLN C 339 39.35 -27.67 -6.76
CA GLN C 339 40.34 -27.31 -5.74
C GLN C 339 40.80 -28.50 -4.90
N PHE C 343 39.32 -33.97 -3.38
CA PHE C 343 38.47 -35.05 -3.88
C PHE C 343 37.57 -34.57 -4.98
N ALA C 344 38.17 -34.30 -6.14
CA ALA C 344 37.41 -33.80 -7.27
C ALA C 344 37.35 -34.86 -8.35
N PRO C 345 36.16 -35.07 -8.92
CA PRO C 345 36.00 -36.06 -9.98
C PRO C 345 36.81 -35.68 -11.23
N THR C 346 38.13 -35.78 -11.13
CA THR C 346 38.98 -35.26 -12.18
C THR C 346 39.91 -36.36 -12.67
N ARG C 347 39.83 -37.51 -12.03
CA ARG C 347 40.76 -38.55 -12.38
C ARG C 347 40.28 -39.18 -13.68
N THR C 348 41.22 -39.46 -14.58
CA THR C 348 40.88 -40.00 -15.89
C THR C 348 40.57 -41.50 -15.72
N VAL C 349 39.68 -41.83 -14.78
CA VAL C 349 39.34 -43.24 -14.49
C VAL C 349 37.86 -43.42 -14.21
N TRP C 350 37.40 -44.66 -14.38
CA TRP C 350 36.00 -44.98 -14.12
C TRP C 350 35.85 -45.71 -12.80
N SER C 351 34.67 -45.61 -12.20
CA SER C 351 34.39 -46.35 -10.97
C SER C 351 32.91 -46.42 -10.63
N VAL C 352 32.52 -47.51 -9.97
CA VAL C 352 31.14 -47.61 -9.51
C VAL C 352 31.00 -46.93 -8.14
N ASP C 353 32.12 -46.76 -7.42
CA ASP C 353 32.09 -46.23 -6.06
C ASP C 353 33.02 -45.03 -5.75
N ASN C 354 34.03 -44.78 -6.59
CA ASN C 354 35.02 -43.74 -6.30
C ASN C 354 34.57 -42.31 -6.56
N ARG C 355 34.77 -41.45 -5.56
CA ARG C 355 34.37 -40.05 -5.64
C ARG C 355 35.40 -39.18 -6.34
N THR C 356 36.50 -39.81 -6.76
CA THR C 356 37.56 -39.08 -7.45
C THR C 356 37.53 -39.38 -8.94
N ALA C 357 36.76 -40.40 -9.31
CA ALA C 357 36.59 -40.79 -10.70
C ALA C 357 35.67 -39.81 -11.40
N GLY C 358 36.07 -39.40 -12.61
CA GLY C 358 35.30 -38.46 -13.39
C GLY C 358 34.17 -39.16 -14.12
N PHE C 359 34.11 -40.47 -13.94
CA PHE C 359 33.05 -41.27 -14.54
C PHE C 359 32.55 -42.35 -13.57
N ARG C 360 31.24 -42.36 -13.32
CA ARG C 360 30.64 -43.28 -12.38
C ARG C 360 29.66 -44.23 -13.06
N LEU C 361 29.94 -45.53 -12.96
CA LEU C 361 29.02 -46.55 -13.42
C LEU C 361 27.73 -46.50 -12.61
N CYS C 362 26.60 -46.49 -13.31
CA CYS C 362 25.30 -46.33 -12.68
C CYS C 362 24.31 -47.42 -13.08
N ALA C 363 23.48 -47.81 -12.12
CA ALA C 363 22.50 -48.89 -12.31
C ALA C 363 23.22 -50.13 -12.84
N GLU C 364 24.30 -50.49 -12.19
CA GLU C 364 25.05 -51.68 -12.53
C GLU C 364 24.16 -52.89 -12.42
N GLY C 365 24.13 -53.69 -13.49
CA GLY C 365 23.36 -54.93 -13.52
C GLY C 365 21.88 -54.82 -13.83
N THR C 366 21.42 -53.65 -14.31
CA THR C 366 20.01 -53.48 -14.64
C THR C 366 19.76 -53.18 -16.12
N ARG C 367 18.49 -53.13 -16.53
CA ARG C 367 18.18 -52.82 -17.92
C ARG C 367 18.52 -51.37 -18.27
N ALA C 368 19.23 -50.70 -17.37
CA ALA C 368 19.52 -49.29 -17.53
C ALA C 368 20.94 -48.94 -17.07
N VAL C 369 21.84 -49.91 -17.15
CA VAL C 369 23.27 -49.66 -16.93
C VAL C 369 23.71 -48.44 -17.74
N ARG C 370 24.28 -47.45 -17.07
CA ARG C 370 24.64 -46.22 -17.77
C ARG C 370 25.82 -45.50 -17.14
N ILE C 371 26.34 -44.52 -17.87
CA ILE C 371 27.45 -43.70 -17.38
C ILE C 371 26.98 -42.34 -16.87
N GLU C 372 27.50 -41.93 -15.72
CA GLU C 372 27.33 -40.57 -15.22
C GLU C 372 28.69 -39.87 -15.22
N CYS C 373 28.90 -38.95 -16.16
CA CYS C 373 30.07 -38.10 -16.13
C CYS C 373 29.89 -37.00 -15.08
N ARG C 374 30.85 -36.86 -14.17
CA ARG C 374 30.70 -35.89 -13.11
C ARG C 374 31.74 -34.78 -13.19
N ILE C 375 32.32 -34.60 -14.37
CA ILE C 375 33.39 -33.62 -14.59
C ILE C 375 32.92 -32.17 -14.71
N GLY C 376 31.88 -31.96 -15.51
CA GLY C 376 31.48 -30.62 -15.87
C GLY C 376 30.59 -29.92 -14.87
N GLY C 377 30.81 -28.61 -14.75
CA GLY C 377 30.06 -27.82 -13.80
C GLY C 377 28.81 -27.30 -14.46
N SER C 378 28.03 -26.52 -13.70
CA SER C 378 26.83 -25.92 -14.22
C SER C 378 27.02 -24.83 -15.29
N ASP C 379 28.26 -24.45 -15.61
CA ASP C 379 28.39 -23.40 -16.59
C ASP C 379 28.51 -23.94 -18.01
N LEU C 380 28.44 -25.27 -18.13
CA LEU C 380 28.75 -25.93 -19.39
C LEU C 380 27.63 -25.72 -20.42
N ASN C 381 27.94 -25.97 -21.69
CA ASN C 381 26.92 -25.98 -22.74
C ASN C 381 26.57 -27.43 -23.04
N PRO C 382 25.32 -27.83 -22.73
CA PRO C 382 24.88 -29.23 -22.85
C PRO C 382 25.04 -29.78 -24.27
N TYR C 383 24.89 -28.94 -25.29
CA TYR C 383 25.10 -29.41 -26.67
C TYR C 383 26.57 -29.76 -26.89
N LEU C 384 27.45 -28.85 -26.47
CA LEU C 384 28.89 -29.08 -26.62
C LEU C 384 29.42 -30.24 -25.76
N ALA C 385 28.97 -30.34 -24.53
CA ALA C 385 29.43 -31.40 -23.62
C ALA C 385 28.92 -32.78 -24.03
N MET C 386 27.65 -32.86 -24.45
CA MET C 386 27.10 -34.15 -24.84
C MET C 386 27.77 -34.58 -26.12
N ALA C 387 28.07 -33.63 -26.99
CA ALA C 387 28.67 -33.98 -28.28
C ALA C 387 30.06 -34.58 -28.08
N GLY C 388 30.86 -33.93 -27.23
CA GLY C 388 32.21 -34.37 -26.96
C GLY C 388 32.32 -35.80 -26.46
N GLN C 389 31.47 -36.15 -25.50
CA GLN C 389 31.43 -37.50 -24.94
C GLN C 389 30.91 -38.49 -25.97
N LEU C 390 29.99 -38.04 -26.81
CA LEU C 390 29.49 -38.89 -27.87
C LEU C 390 30.65 -39.21 -28.82
N ALA C 391 31.34 -38.17 -29.29
CA ALA C 391 32.44 -38.33 -30.23
C ALA C 391 33.51 -39.28 -29.68
N ALA C 392 33.82 -39.13 -28.41
CA ALA C 392 34.73 -40.05 -27.75
C ALA C 392 34.10 -41.44 -27.63
N GLY C 393 32.82 -41.48 -27.30
CA GLY C 393 32.11 -42.74 -27.20
C GLY C 393 32.19 -43.53 -28.49
N ILE C 394 31.66 -42.96 -29.57
CA ILE C 394 31.73 -43.53 -30.92
C ILE C 394 33.12 -44.07 -31.28
N LYS C 395 34.15 -43.25 -31.07
CA LYS C 395 35.53 -43.63 -31.31
C LYS C 395 35.96 -44.86 -30.48
N GLY C 396 35.46 -44.95 -29.25
CA GLY C 396 35.72 -46.10 -28.41
C GLY C 396 35.16 -47.38 -28.99
N ILE C 397 34.03 -47.24 -29.69
CA ILE C 397 33.41 -48.37 -30.36
C ILE C 397 34.15 -48.74 -31.64
N GLU C 398 34.54 -47.72 -32.39
CA GLU C 398 35.18 -47.93 -33.69
C GLU C 398 36.63 -48.39 -33.57
N GLU C 399 37.24 -48.16 -32.41
CA GLU C 399 38.61 -48.60 -32.22
C GLU C 399 38.60 -49.97 -31.52
N CYS C 400 37.44 -50.37 -31.02
CA CYS C 400 37.32 -51.54 -30.16
C CYS C 400 38.36 -51.41 -29.07
N LEU C 401 38.20 -50.34 -28.31
CA LEU C 401 39.17 -49.94 -27.32
C LEU C 401 39.09 -50.84 -26.08
N ALA C 402 40.27 -51.27 -25.63
CA ALA C 402 40.43 -52.01 -24.38
C ALA C 402 40.03 -51.14 -23.19
N LEU C 403 39.16 -51.69 -22.32
CA LEU C 403 38.67 -50.96 -21.15
C LEU C 403 39.41 -51.31 -19.84
N PRO C 404 39.98 -50.30 -19.19
CA PRO C 404 40.67 -50.41 -17.90
C PRO C 404 39.72 -50.80 -16.77
N PRO C 405 40.26 -51.20 -15.60
CA PRO C 405 39.44 -51.55 -14.43
C PRO C 405 39.23 -50.35 -13.50
N PRO C 406 38.23 -50.42 -12.60
CA PRO C 406 37.84 -49.28 -11.75
C PRO C 406 38.89 -48.82 -10.74
N ALA C 407 38.43 -48.15 -9.68
CA ALA C 407 39.29 -47.69 -8.60
C ALA C 407 38.61 -47.86 -7.25
N SER C 416 44.59 -42.19 -17.89
CA SER C 416 45.02 -42.74 -16.60
C SER C 416 45.55 -41.66 -15.67
N GLY C 417 46.08 -40.59 -16.24
CA GLY C 417 46.61 -39.51 -15.45
C GLY C 417 45.51 -38.66 -14.87
N LEU C 418 45.42 -37.42 -15.33
CA LEU C 418 44.35 -36.51 -14.93
C LEU C 418 43.92 -35.58 -16.06
N ILE C 419 42.75 -34.96 -15.91
CA ILE C 419 42.24 -34.07 -16.94
C ILE C 419 42.77 -32.66 -16.76
N PRO C 420 42.85 -31.90 -17.87
CA PRO C 420 43.25 -30.49 -17.86
C PRO C 420 42.76 -29.69 -16.64
N GLN C 421 43.72 -29.25 -15.84
CA GLN C 421 43.44 -28.56 -14.58
C GLN C 421 43.29 -27.06 -14.75
N ASN C 422 43.68 -26.52 -15.89
CA ASN C 422 43.45 -25.09 -16.14
C ASN C 422 42.99 -24.89 -17.57
N LEU C 423 42.38 -23.74 -17.83
CA LEU C 423 41.77 -23.49 -19.12
C LEU C 423 42.81 -23.55 -20.23
N ARG C 424 44.05 -23.18 -19.90
CA ARG C 424 45.05 -23.09 -20.93
C ARG C 424 45.44 -24.51 -21.32
N ASP C 425 45.65 -25.36 -20.32
CA ASP C 425 45.93 -26.76 -20.60
C ASP C 425 44.73 -27.45 -21.27
N ALA C 426 43.55 -26.91 -21.03
CA ALA C 426 42.37 -27.46 -21.67
C ALA C 426 42.30 -27.06 -23.13
N MET C 427 42.55 -25.79 -23.41
CA MET C 427 42.56 -25.33 -24.80
C MET C 427 43.55 -26.11 -25.64
N GLU C 428 44.68 -26.46 -25.03
CA GLU C 428 45.74 -27.19 -25.73
C GLU C 428 45.31 -28.60 -26.01
N ALA C 429 44.62 -29.22 -25.06
CA ALA C 429 44.13 -30.59 -25.26
C ALA C 429 43.13 -30.65 -26.42
N LEU C 430 42.25 -29.65 -26.51
CA LEU C 430 41.30 -29.54 -27.62
C LEU C 430 41.99 -29.28 -28.96
N ARG C 431 42.88 -28.30 -28.96
CA ARG C 431 43.63 -27.92 -30.15
C ARG C 431 44.28 -29.15 -30.78
N GLY C 432 44.97 -29.93 -29.95
CA GLY C 432 45.63 -31.13 -30.41
C GLY C 432 44.80 -32.39 -30.21
N SER C 433 43.51 -32.29 -30.48
CA SER C 433 42.68 -33.48 -30.43
C SER C 433 42.38 -33.96 -31.83
N THR C 434 43.13 -34.96 -32.28
CA THR C 434 42.89 -35.62 -33.55
C THR C 434 41.49 -36.22 -33.60
N MET C 435 41.07 -36.81 -32.48
CA MET C 435 39.77 -37.44 -32.36
C MET C 435 38.66 -36.45 -32.72
N LEU C 436 38.64 -35.32 -32.01
CA LEU C 436 37.61 -34.30 -32.17
C LEU C 436 37.63 -33.64 -33.54
N ARG C 437 38.81 -33.54 -34.14
CA ARG C 437 38.92 -32.92 -35.46
C ARG C 437 38.19 -33.77 -36.47
N GLU C 438 38.58 -35.04 -36.56
CA GLU C 438 37.91 -35.88 -37.53
C GLU C 438 36.44 -36.10 -37.17
N ALA C 439 36.10 -36.01 -35.89
CA ALA C 439 34.72 -36.32 -35.47
C ALA C 439 33.75 -35.14 -35.62
N MET C 440 34.21 -33.93 -35.30
CA MET C 440 33.37 -32.75 -35.36
C MET C 440 33.64 -31.96 -36.62
N GLY C 441 34.83 -32.16 -37.18
CA GLY C 441 35.28 -31.35 -38.29
C GLY C 441 36.35 -30.40 -37.80
N GLU C 442 37.35 -30.15 -38.65
CA GLU C 442 38.43 -29.22 -38.35
C GLU C 442 37.89 -27.81 -38.11
N ASP C 443 36.94 -27.42 -38.95
CA ASP C 443 36.22 -26.15 -38.87
C ASP C 443 35.81 -25.87 -37.44
N VAL C 444 35.26 -26.91 -36.82
CA VAL C 444 34.71 -26.81 -35.49
C VAL C 444 35.77 -26.71 -34.39
N VAL C 445 36.72 -27.64 -34.38
CA VAL C 445 37.76 -27.63 -33.35
C VAL C 445 38.48 -26.27 -33.31
N ASP C 446 38.80 -25.72 -34.48
CA ASP C 446 39.50 -24.44 -34.57
C ASP C 446 38.69 -23.25 -34.04
N HIS C 447 37.39 -23.23 -34.34
CA HIS C 447 36.48 -22.18 -33.84
C HIS C 447 36.45 -22.12 -32.31
N TYR C 448 36.36 -23.30 -31.71
CA TYR C 448 36.31 -23.35 -30.26
C TYR C 448 37.67 -23.16 -29.58
N VAL C 449 38.81 -23.41 -30.27
CA VAL C 449 40.09 -23.05 -29.65
C VAL C 449 40.26 -21.52 -29.66
N ARG C 450 39.70 -20.84 -30.65
CA ARG C 450 39.78 -19.40 -30.62
C ARG C 450 38.87 -18.88 -29.51
N ALA C 451 37.68 -19.48 -29.37
CA ALA C 451 36.78 -19.14 -28.26
C ALA C 451 37.53 -19.16 -26.94
N ALA C 452 38.21 -20.27 -26.65
CA ALA C 452 39.00 -20.44 -25.43
C ALA C 452 40.20 -19.50 -25.34
N GLU C 453 40.77 -19.15 -26.50
CA GLU C 453 41.86 -18.19 -26.52
C GLU C 453 41.35 -16.83 -26.07
N VAL C 454 40.16 -16.50 -26.54
CA VAL C 454 39.53 -15.23 -26.28
C VAL C 454 39.16 -15.10 -24.83
N GLU C 455 38.77 -16.22 -24.21
CA GLU C 455 38.41 -16.21 -22.79
C GLU C 455 39.65 -15.87 -21.97
N LEU C 456 40.76 -16.51 -22.33
CA LEU C 456 42.06 -16.27 -21.72
C LEU C 456 42.49 -14.83 -21.97
N GLU C 457 42.33 -14.40 -23.22
CA GLU C 457 42.73 -13.06 -23.62
C GLU C 457 41.86 -12.03 -22.89
N ASP C 458 40.61 -12.40 -22.59
CA ASP C 458 39.69 -11.46 -21.94
C ASP C 458 40.14 -11.09 -20.53
N PHE C 459 40.63 -12.08 -19.79
CA PHE C 459 41.07 -11.89 -18.43
C PHE C 459 42.26 -10.93 -18.34
N GLN C 460 43.11 -10.98 -19.35
CA GLN C 460 44.26 -10.14 -19.41
C GLN C 460 43.89 -8.67 -19.62
N ARG C 461 42.65 -8.41 -20.01
CA ARG C 461 42.22 -7.04 -20.25
C ARG C 461 41.47 -6.44 -19.07
N VAL C 462 41.56 -7.11 -17.92
CA VAL C 462 40.82 -6.70 -16.73
C VAL C 462 41.72 -6.91 -15.53
N VAL C 463 41.71 -5.98 -14.60
CA VAL C 463 42.40 -6.20 -13.33
C VAL C 463 41.40 -6.68 -12.30
N SER C 464 41.55 -7.92 -11.85
CA SER C 464 40.63 -8.44 -10.88
C SER C 464 40.89 -7.84 -9.52
N ASP C 465 39.87 -7.91 -8.68
CA ASP C 465 39.99 -7.49 -7.31
C ASP C 465 40.91 -8.45 -6.55
N TYR C 466 41.11 -9.66 -7.08
CA TYR C 466 42.14 -10.54 -6.56
C TYR C 466 43.53 -9.87 -6.68
N GLU C 467 43.86 -9.40 -7.89
CA GLU C 467 45.17 -8.85 -8.18
C GLU C 467 45.46 -7.59 -7.37
N VAL C 468 44.44 -6.73 -7.25
CA VAL C 468 44.58 -5.49 -6.48
C VAL C 468 44.78 -5.78 -5.00
N ALA C 469 44.00 -6.72 -4.46
CA ALA C 469 44.17 -7.06 -3.05
C ALA C 469 45.52 -7.72 -2.81
N ARG C 470 45.95 -8.58 -3.72
CA ARG C 470 47.19 -9.32 -3.54
C ARG C 470 48.39 -8.38 -3.70
N GLY C 471 48.23 -7.38 -4.57
CA GLY C 471 49.20 -6.31 -4.71
C GLY C 471 49.32 -5.51 -3.42
N PHE C 472 49.91 -4.32 -3.54
CA PHE C 472 50.33 -3.57 -2.37
C PHE C 472 51.32 -4.42 -1.55
N GLU C 473 52.00 -5.33 -2.26
CA GLU C 473 52.80 -6.44 -1.72
C GLU C 473 52.50 -6.83 -0.27
N THR D 26 -24.17 -17.05 28.07
CA THR D 26 -24.32 -18.51 28.17
C THR D 26 -24.27 -19.18 26.79
N LEU D 27 -23.50 -20.25 26.66
CA LEU D 27 -23.43 -21.07 25.44
C LEU D 27 -23.57 -22.55 25.81
N ALA D 28 -24.50 -23.26 25.18
CA ALA D 28 -24.87 -24.62 25.59
C ALA D 28 -23.84 -25.68 25.20
N LEU D 29 -23.86 -26.79 25.93
CA LEU D 29 -22.89 -27.88 25.74
C LEU D 29 -22.91 -28.40 24.32
N ASP D 30 -24.10 -28.60 23.79
CA ASP D 30 -24.27 -29.21 22.47
C ASP D 30 -24.47 -28.15 21.38
N ASP D 31 -24.62 -26.91 21.80
CA ASP D 31 -24.66 -25.82 20.84
C ASP D 31 -23.26 -25.63 20.25
N LEU D 32 -22.25 -25.65 21.11
CA LEU D 32 -20.86 -25.51 20.66
C LEU D 32 -20.52 -26.64 19.69
N LYS D 33 -21.04 -27.83 19.95
CA LYS D 33 -20.82 -28.95 19.04
C LYS D 33 -21.40 -28.65 17.65
N THR D 34 -22.54 -27.98 17.58
CA THR D 34 -23.07 -27.58 16.28
C THR D 34 -22.10 -26.61 15.58
N ARG D 35 -21.53 -25.70 16.38
CA ARG D 35 -20.74 -24.60 15.85
C ARG D 35 -19.29 -25.04 15.62
N VAL D 36 -18.87 -26.07 16.35
CA VAL D 36 -17.61 -26.73 16.05
C VAL D 36 -17.76 -27.43 14.72
N GLU D 37 -18.87 -28.16 14.58
CA GLU D 37 -19.17 -28.94 13.40
C GLU D 37 -19.19 -28.06 12.15
N SER D 38 -19.80 -26.89 12.25
CA SER D 38 -19.86 -25.97 11.11
C SER D 38 -18.58 -25.17 10.93
N GLY D 39 -17.51 -25.57 11.61
CA GLY D 39 -16.24 -24.88 11.50
C GLY D 39 -16.20 -23.45 12.03
N GLU D 40 -17.27 -23.00 12.67
CA GLU D 40 -17.33 -21.66 13.23
C GLU D 40 -16.32 -21.54 14.39
N ILE D 41 -16.37 -22.50 15.32
CA ILE D 41 -15.41 -22.51 16.42
C ILE D 41 -14.36 -23.59 16.20
N ASP D 42 -13.08 -23.25 16.38
CA ASP D 42 -11.99 -24.24 16.29
C ASP D 42 -11.17 -24.32 17.57
N THR D 43 -11.39 -23.36 18.46
CA THR D 43 -10.55 -23.15 19.61
C THR D 43 -11.36 -22.95 20.84
N VAL D 44 -11.12 -23.75 21.88
CA VAL D 44 -11.74 -23.48 23.18
C VAL D 44 -10.71 -23.09 24.21
N LEU D 45 -10.87 -21.89 24.80
CA LEU D 45 -10.04 -21.47 25.93
C LEU D 45 -10.48 -22.14 27.22
N VAL D 46 -9.60 -22.91 27.83
CA VAL D 46 -9.96 -23.59 29.07
C VAL D 46 -9.22 -22.96 30.25
N CYS D 47 -9.99 -22.23 31.06
CA CYS D 47 -9.41 -21.26 31.98
C CYS D 47 -9.66 -21.49 33.46
N ILE D 48 -8.71 -21.02 34.27
CA ILE D 48 -8.95 -20.77 35.68
C ILE D 48 -8.63 -19.29 35.93
N VAL D 49 -8.74 -18.84 37.16
CA VAL D 49 -8.37 -17.48 37.51
C VAL D 49 -7.29 -17.55 38.58
N ASP D 50 -6.12 -16.97 38.34
CA ASP D 50 -5.06 -17.01 39.35
C ASP D 50 -5.22 -15.90 40.41
N MET D 51 -4.24 -15.76 41.31
CA MET D 51 -4.33 -14.74 42.37
C MET D 51 -4.34 -13.32 41.83
N GLN D 52 -3.71 -13.12 40.67
CA GLN D 52 -3.70 -11.81 40.01
C GLN D 52 -5.08 -11.46 39.45
N GLY D 53 -5.82 -12.48 39.01
CA GLY D 53 -7.06 -12.24 38.31
C GLY D 53 -6.95 -12.52 36.82
N ARG D 54 -5.86 -13.13 36.40
CA ARG D 54 -5.72 -13.45 35.00
C ARG D 54 -6.41 -14.77 34.70
N LEU D 55 -6.90 -14.89 33.47
CA LEU D 55 -7.30 -16.16 32.90
C LEU D 55 -6.05 -16.93 32.49
N MET D 56 -5.94 -18.18 32.94
CA MET D 56 -4.76 -18.99 32.67
C MET D 56 -5.21 -20.35 32.18
N GLY D 57 -4.37 -21.01 31.38
CA GLY D 57 -4.72 -22.36 30.99
C GLY D 57 -4.36 -22.71 29.56
N LYS D 58 -5.14 -23.63 28.98
CA LYS D 58 -4.83 -24.17 27.68
C LYS D 58 -5.75 -23.61 26.60
N ARG D 59 -5.24 -23.58 25.37
CA ARG D 59 -6.02 -23.30 24.19
C ARG D 59 -6.18 -24.59 23.42
N LEU D 60 -7.34 -25.23 23.60
CA LEU D 60 -7.57 -26.53 22.96
C LEU D 60 -8.16 -26.37 21.58
N HIS D 61 -7.81 -27.29 20.69
CA HIS D 61 -8.58 -27.51 19.46
C HIS D 61 -10.01 -27.96 19.82
N ALA D 62 -11.01 -27.29 19.25
CA ALA D 62 -12.40 -27.50 19.68
C ALA D 62 -12.95 -28.91 19.43
N ARG D 63 -12.28 -29.69 18.59
CA ARG D 63 -12.73 -31.05 18.33
C ARG D 63 -12.27 -31.93 19.47
N HIS D 64 -11.06 -31.70 19.97
CA HIS D 64 -10.62 -32.38 21.18
C HIS D 64 -11.45 -32.00 22.41
N PHE D 65 -11.82 -30.72 22.53
CA PHE D 65 -12.59 -30.29 23.70
C PHE D 65 -14.00 -30.91 23.73
N VAL D 66 -14.69 -31.01 22.59
CA VAL D 66 -16.04 -31.55 22.62
C VAL D 66 -16.06 -33.07 22.67
N ASP D 67 -14.91 -33.71 22.40
CA ASP D 67 -14.83 -35.18 22.43
C ASP D 67 -14.22 -35.75 23.71
N HIS D 68 -13.48 -34.93 24.45
CA HIS D 68 -12.79 -35.39 25.65
C HIS D 68 -12.43 -34.25 26.60
N GLY D 69 -11.82 -33.20 26.06
CA GLY D 69 -11.36 -32.07 26.87
C GLY D 69 -12.41 -31.49 27.82
N TRP D 70 -13.69 -31.70 27.52
CA TRP D 70 -14.76 -31.06 28.27
C TRP D 70 -14.86 -31.57 29.71
N GLU D 71 -14.21 -32.69 30.01
CA GLU D 71 -14.21 -33.21 31.37
C GLU D 71 -12.88 -32.91 32.09
N GLU D 72 -12.45 -33.83 32.96
CA GLU D 72 -11.22 -33.65 33.76
C GLU D 72 -9.99 -33.31 32.89
N THR D 73 -8.97 -32.71 33.52
CA THR D 73 -7.78 -32.22 32.79
C THR D 73 -6.60 -31.87 33.71
N HIS D 74 -5.44 -32.44 33.42
CA HIS D 74 -4.24 -32.14 34.20
C HIS D 74 -3.84 -30.68 34.01
N CYS D 75 -3.14 -30.14 35.00
CA CYS D 75 -2.92 -28.68 35.11
C CYS D 75 -1.83 -28.36 36.11
N CYS D 76 -1.05 -27.31 35.85
CA CYS D 76 0.05 -26.89 36.74
C CYS D 76 -0.38 -25.93 37.86
N ASN D 77 0.56 -25.63 38.75
CA ASN D 77 0.29 -24.72 39.86
C ASN D 77 0.42 -23.26 39.45
N TYR D 78 -0.66 -22.70 38.89
CA TYR D 78 -0.72 -21.27 38.59
C TYR D 78 -0.92 -20.45 39.88
N LEU D 79 -1.40 -21.10 40.94
CA LEU D 79 -1.48 -20.43 42.23
C LEU D 79 -0.18 -20.65 43.00
N TYR D 104 -2.48 -30.85 39.25
CA TYR D 104 -3.81 -30.30 39.45
C TYR D 104 -4.77 -30.75 38.37
N ILE D 105 -6.05 -30.66 38.68
CA ILE D 105 -7.08 -31.01 37.71
C ILE D 105 -8.00 -29.82 37.43
N MET D 106 -8.29 -29.60 36.15
CA MET D 106 -9.23 -28.59 35.73
C MET D 106 -10.54 -29.25 35.30
N LYS D 107 -11.60 -29.08 36.09
CA LYS D 107 -12.93 -29.48 35.64
C LYS D 107 -13.71 -28.27 35.17
N PRO D 108 -14.02 -28.23 33.86
CA PRO D 108 -14.67 -27.05 33.29
C PRO D 108 -16.17 -27.06 33.49
N ASP D 109 -16.62 -26.02 34.17
CA ASP D 109 -18.01 -25.69 34.40
C ASP D 109 -18.68 -25.23 33.11
N LEU D 110 -19.41 -26.14 32.46
CA LEU D 110 -20.00 -25.83 31.16
C LEU D 110 -21.07 -24.77 31.23
N ALA D 111 -21.44 -24.35 32.43
CA ALA D 111 -22.41 -23.29 32.57
C ALA D 111 -21.75 -21.99 32.20
N THR D 112 -20.43 -22.00 32.34
CA THR D 112 -19.59 -20.84 32.08
C THR D 112 -19.15 -20.78 30.63
N LEU D 113 -19.40 -21.87 29.91
CA LEU D 113 -19.10 -21.95 28.49
C LEU D 113 -19.67 -20.75 27.80
N ARG D 114 -18.82 -20.05 27.04
CA ARG D 114 -19.17 -18.74 26.48
C ARG D 114 -18.26 -18.41 25.28
N CYS D 115 -18.82 -17.76 24.26
CA CYS D 115 -18.02 -17.46 23.05
C CYS D 115 -17.30 -16.16 23.25
N VAL D 116 -16.13 -16.04 22.60
CA VAL D 116 -15.20 -14.92 22.80
C VAL D 116 -15.05 -14.07 21.52
N PRO D 117 -16.07 -13.29 21.18
CA PRO D 117 -16.23 -12.56 19.91
C PRO D 117 -15.00 -11.77 19.45
N TRP D 118 -14.03 -11.55 20.32
CA TRP D 118 -12.89 -10.74 19.94
C TRP D 118 -11.67 -11.59 19.64
N LEU D 119 -11.91 -12.88 19.53
CA LEU D 119 -10.96 -13.83 19.01
C LEU D 119 -11.74 -14.69 18.04
N GLU D 120 -11.20 -14.81 16.84
CA GLU D 120 -11.83 -15.61 15.80
C GLU D 120 -11.95 -17.08 16.22
N GLY D 121 -13.09 -17.70 15.91
CA GLY D 121 -13.29 -19.12 16.09
C GLY D 121 -13.15 -19.64 17.51
N THR D 122 -13.42 -18.79 18.49
CA THR D 122 -13.00 -19.09 19.85
C THR D 122 -14.14 -19.04 20.86
N ALA D 123 -14.16 -20.03 21.75
CA ALA D 123 -15.07 -20.07 22.90
C ALA D 123 -14.22 -20.18 24.16
N MET D 124 -14.75 -19.73 25.29
CA MET D 124 -14.04 -19.98 26.55
C MET D 124 -14.88 -20.74 27.56
N VAL D 125 -14.23 -21.23 28.59
CA VAL D 125 -14.95 -21.86 29.67
C VAL D 125 -14.12 -21.68 30.92
N LEU D 126 -14.80 -21.42 32.04
CA LEU D 126 -14.12 -21.39 33.34
C LEU D 126 -14.07 -22.76 33.96
N CYS D 127 -13.06 -23.00 34.76
CA CYS D 127 -12.92 -24.28 35.43
C CYS D 127 -12.91 -24.19 36.96
N ASP D 128 -12.91 -25.37 37.55
CA ASP D 128 -12.65 -25.52 38.95
C ASP D 128 -11.38 -26.33 39.11
N LEU D 129 -10.50 -25.90 40.02
CA LEU D 129 -9.21 -26.53 40.23
C LEU D 129 -9.22 -27.57 41.36
N LEU D 130 -8.72 -28.77 41.07
CA LEU D 130 -8.79 -29.89 42.04
C LEU D 130 -7.44 -30.62 42.23
N ASP D 131 -7.35 -31.41 43.29
CA ASP D 131 -6.14 -32.22 43.55
C ASP D 131 -6.19 -33.54 42.80
N HIS D 132 -5.01 -34.05 42.43
CA HIS D 132 -4.91 -35.33 41.74
C HIS D 132 -5.66 -36.37 42.55
N ARG D 133 -5.43 -36.33 43.86
CA ARG D 133 -6.17 -37.14 44.82
C ARG D 133 -6.07 -36.45 46.18
N THR D 134 -7.20 -36.19 46.83
CA THR D 134 -8.54 -36.51 46.32
C THR D 134 -8.98 -35.46 45.33
N HIS D 135 -10.17 -35.61 44.77
CA HIS D 135 -10.62 -34.67 43.76
C HIS D 135 -11.28 -33.45 44.39
N ALA D 136 -10.72 -33.03 45.52
CA ALA D 136 -11.18 -31.88 46.29
C ALA D 136 -10.86 -30.55 45.61
N GLU D 137 -11.81 -29.62 45.68
CA GLU D 137 -11.57 -28.27 45.21
C GLU D 137 -10.34 -27.71 45.91
N VAL D 138 -9.47 -27.04 45.14
CA VAL D 138 -8.31 -26.37 45.73
C VAL D 138 -8.82 -25.10 46.39
N PRO D 139 -8.59 -24.99 47.72
CA PRO D 139 -9.29 -24.04 48.58
C PRO D 139 -8.83 -22.59 48.40
N HIS D 140 -7.59 -22.38 47.96
CA HIS D 140 -7.06 -21.03 47.92
C HIS D 140 -7.12 -20.45 46.51
N ALA D 141 -7.70 -21.23 45.57
CA ALA D 141 -8.08 -20.70 44.25
C ALA D 141 -9.15 -19.62 44.40
N PRO D 142 -8.97 -18.49 43.72
CA PRO D 142 -9.90 -17.36 43.92
C PRO D 142 -11.37 -17.68 43.66
N ARG D 143 -11.69 -18.56 42.72
CA ARG D 143 -13.10 -18.89 42.49
C ARG D 143 -13.68 -19.69 43.65
N ALA D 144 -12.93 -20.69 44.12
CA ALA D 144 -13.37 -21.46 45.29
C ALA D 144 -13.67 -20.56 46.48
N ILE D 145 -12.70 -19.75 46.87
CA ILE D 145 -12.79 -18.84 48.00
C ILE D 145 -14.10 -18.02 48.04
N LEU D 146 -14.50 -17.50 46.87
CA LEU D 146 -15.72 -16.68 46.75
C LEU D 146 -16.99 -17.53 46.81
N LYS D 147 -16.96 -18.65 46.09
CA LYS D 147 -18.03 -19.63 46.16
C LYS D 147 -18.36 -19.97 47.62
N ARG D 148 -17.31 -20.18 48.42
CA ARG D 148 -17.48 -20.52 49.82
C ARG D 148 -18.24 -19.45 50.62
N GLN D 149 -17.98 -18.17 50.37
CA GLN D 149 -18.73 -17.13 51.06
C GLN D 149 -20.14 -17.08 50.55
N LEU D 150 -20.34 -17.49 49.31
CA LEU D 150 -21.67 -17.51 48.72
C LEU D 150 -22.46 -18.68 49.28
N ALA D 151 -21.76 -19.78 49.51
CA ALA D 151 -22.40 -20.99 50.03
C ALA D 151 -22.89 -20.78 51.47
N ARG D 152 -22.11 -20.01 52.24
CA ARG D 152 -22.53 -19.59 53.58
C ARG D 152 -23.75 -18.68 53.54
N LEU D 153 -23.75 -17.74 52.59
CA LEU D 153 -24.87 -16.83 52.44
C LEU D 153 -26.17 -17.55 52.13
N GLU D 154 -26.13 -18.51 51.22
CA GLU D 154 -27.36 -19.11 50.77
C GLU D 154 -27.91 -20.01 51.84
N ALA D 155 -27.02 -20.66 52.59
CA ALA D 155 -27.40 -21.35 53.81
C ALA D 155 -28.27 -20.45 54.67
N MET D 156 -27.87 -19.19 54.77
CA MET D 156 -28.60 -18.24 55.58
C MET D 156 -29.95 -17.91 54.97
N GLY D 157 -30.12 -18.26 53.70
CA GLY D 157 -31.29 -17.85 52.95
C GLY D 157 -31.11 -16.53 52.22
N LEU D 158 -29.87 -16.09 52.11
CA LEU D 158 -29.57 -14.82 51.44
C LEU D 158 -28.79 -14.98 50.11
N GLU D 159 -28.94 -13.99 49.24
CA GLU D 159 -28.25 -13.98 47.96
C GLU D 159 -27.49 -12.67 47.80
N ALA D 160 -26.24 -12.75 47.33
CA ALA D 160 -25.44 -11.55 47.09
C ALA D 160 -25.61 -11.04 45.67
N ILE D 161 -26.03 -9.79 45.54
CA ILE D 161 -26.10 -9.19 44.21
C ILE D 161 -25.11 -8.05 44.16
N MET D 162 -24.16 -8.18 43.25
CA MET D 162 -23.04 -7.25 43.24
C MET D 162 -22.74 -6.71 41.85
N ALA D 163 -22.08 -5.55 41.83
CA ALA D 163 -21.62 -4.87 40.62
C ALA D 163 -20.27 -4.24 40.91
N THR D 164 -19.36 -4.28 39.95
CA THR D 164 -18.08 -3.59 40.06
C THR D 164 -17.97 -2.58 38.93
N GLU D 165 -17.34 -1.44 39.19
CA GLU D 165 -17.11 -0.45 38.15
C GLU D 165 -15.61 -0.35 37.82
N LEU D 166 -15.24 -1.09 36.79
CA LEU D 166 -13.88 -1.22 36.31
C LEU D 166 -13.31 0.06 35.66
N GLU D 167 -12.28 0.62 36.28
CA GLU D 167 -11.65 1.80 35.67
C GLU D 167 -10.34 1.38 35.06
N PHE D 168 -9.88 2.16 34.07
CA PHE D 168 -8.62 1.89 33.45
C PHE D 168 -8.15 3.05 32.59
N PHE D 169 -6.88 3.01 32.19
CA PHE D 169 -6.29 4.06 31.35
C PHE D 169 -5.96 3.51 29.96
N LEU D 170 -6.60 4.11 28.97
CA LEU D 170 -6.24 3.88 27.58
C LEU D 170 -5.11 4.83 27.11
N PHE D 171 -3.96 4.29 26.75
CA PHE D 171 -2.84 5.09 26.28
C PHE D 171 -2.79 5.26 24.75
N GLU D 172 -2.30 6.40 24.30
CA GLU D 172 -2.13 6.67 22.88
C GLU D 172 -1.09 5.77 22.24
N LYS D 173 -0.06 5.44 23.00
CA LYS D 173 1.00 4.56 22.55
C LYS D 173 0.50 3.13 22.53
N SER D 174 1.21 2.26 21.82
CA SER D 174 0.94 0.83 21.90
C SER D 174 1.93 0.25 22.90
N LEU D 175 1.87 -1.05 23.17
CA LEU D 175 2.91 -1.68 23.96
C LEU D 175 4.27 -1.60 23.24
N ASP D 176 4.95 -0.47 23.41
CA ASP D 176 6.21 -0.19 22.72
C ASP D 176 6.78 1.11 23.27
N THR D 201 -13.51 11.68 20.61
CA THR D 201 -14.62 10.73 20.79
C THR D 201 -14.53 9.56 19.80
N THR D 202 -14.47 9.88 18.52
CA THR D 202 -14.18 8.87 17.50
C THR D 202 -12.97 8.00 17.89
N LYS D 203 -11.91 8.65 18.39
CA LYS D 203 -10.64 7.96 18.62
C LYS D 203 -10.73 6.95 19.76
N GLU D 204 -11.26 7.40 20.89
CA GLU D 204 -11.50 6.55 22.05
C GLU D 204 -12.35 5.37 21.65
N GLU D 205 -13.40 5.68 20.88
CA GLU D 205 -14.45 4.72 20.50
C GLU D 205 -14.00 3.58 19.58
N HIS D 206 -12.88 3.74 18.87
CA HIS D 206 -12.37 2.61 18.10
C HIS D 206 -11.94 1.47 19.00
N VAL D 207 -11.74 1.76 20.28
CA VAL D 207 -11.52 0.69 21.25
C VAL D 207 -12.79 0.40 22.05
N LEU D 208 -13.49 1.43 22.49
CA LEU D 208 -14.62 1.25 23.41
C LEU D 208 -15.89 0.61 22.80
N ARG D 209 -16.24 1.00 21.57
CA ARG D 209 -17.43 0.46 20.92
C ARG D 209 -17.32 -1.06 20.75
N PRO D 210 -16.21 -1.55 20.13
CA PRO D 210 -16.10 -3.01 20.01
C PRO D 210 -16.12 -3.68 21.37
N LEU D 211 -15.49 -3.02 22.35
CA LEU D 211 -15.46 -3.53 23.72
C LEU D 211 -16.86 -3.76 24.23
N ARG D 212 -17.68 -2.72 24.18
CA ARG D 212 -19.07 -2.79 24.59
C ARG D 212 -19.84 -3.85 23.81
N ASN D 213 -19.63 -3.87 22.49
CA ASN D 213 -20.42 -4.71 21.60
C ASN D 213 -20.06 -6.19 21.65
N HIS D 214 -18.78 -6.49 21.80
CA HIS D 214 -18.35 -7.88 21.90
C HIS D 214 -18.75 -8.50 23.23
N LEU D 215 -18.49 -7.76 24.31
CA LEU D 215 -18.86 -8.24 25.64
C LEU D 215 -20.35 -8.52 25.67
N HIS D 216 -21.12 -7.62 25.11
CA HIS D 216 -22.55 -7.80 25.10
C HIS D 216 -22.90 -9.08 24.35
N ALA D 217 -22.11 -9.37 23.32
CA ALA D 217 -22.34 -10.52 22.48
C ALA D 217 -21.74 -11.78 23.06
N ALA D 218 -21.02 -11.63 24.15
CA ALA D 218 -20.59 -12.80 24.91
C ALA D 218 -21.55 -13.05 26.07
N GLY D 219 -22.63 -12.27 26.10
CA GLY D 219 -23.64 -12.40 27.15
C GLY D 219 -23.33 -11.60 28.41
N ILE D 220 -22.34 -10.74 28.35
CA ILE D 220 -22.03 -9.90 29.48
C ILE D 220 -22.97 -8.69 29.44
N PRO D 221 -23.73 -8.48 30.52
CA PRO D 221 -24.74 -7.41 30.52
C PRO D 221 -24.13 -6.00 30.66
N VAL D 222 -23.59 -5.49 29.57
CA VAL D 222 -22.93 -4.18 29.55
C VAL D 222 -23.91 -3.03 29.55
N GLU D 223 -23.73 -2.09 30.45
CA GLU D 223 -24.55 -0.88 30.34
C GLU D 223 -23.89 0.09 29.37
N GLY D 224 -22.57 0.26 29.51
CA GLY D 224 -21.84 1.21 28.68
C GLY D 224 -20.51 1.71 29.26
N THR D 225 -20.03 2.82 28.71
CA THR D 225 -18.76 3.36 29.13
C THR D 225 -18.88 4.84 29.50
N LYS D 226 -18.04 5.31 30.43
CA LYS D 226 -18.01 6.72 30.74
C LYS D 226 -16.58 7.16 30.95
N GLY D 227 -16.24 8.32 30.41
CA GLY D 227 -14.92 8.92 30.58
C GLY D 227 -14.78 9.39 32.02
N GLU D 228 -13.73 8.93 32.68
CA GLU D 228 -13.52 9.28 34.07
C GLU D 228 -12.77 10.59 34.17
N ALA D 229 -12.16 10.81 35.34
CA ALA D 229 -11.34 11.99 35.58
C ALA D 229 -9.93 11.80 35.05
N GLY D 230 -9.68 12.32 33.86
CA GLY D 230 -8.39 12.14 33.21
C GLY D 230 -8.55 11.62 31.80
N ALA D 231 -8.00 12.34 30.83
CA ALA D 231 -8.00 11.91 29.43
C ALA D 231 -7.34 10.54 29.32
N GLY D 232 -7.98 9.66 28.56
CA GLY D 232 -7.53 8.29 28.48
C GLY D 232 -8.05 7.44 29.62
N GLN D 233 -8.68 8.04 30.64
CA GLN D 233 -9.21 7.22 31.71
C GLN D 233 -10.66 6.85 31.46
N GLU D 234 -10.95 5.55 31.44
CA GLU D 234 -12.29 5.09 31.07
C GLU D 234 -12.88 4.20 32.13
N GLU D 235 -14.19 4.10 32.11
CA GLU D 235 -14.87 3.22 33.04
C GLU D 235 -15.88 2.35 32.30
N LEU D 236 -15.77 1.04 32.48
CA LEU D 236 -16.74 0.11 31.92
C LEU D 236 -17.81 -0.19 32.95
N ASN D 237 -19.07 -0.20 32.53
CA ASN D 237 -20.17 -0.43 33.44
C ASN D 237 -20.98 -1.65 33.03
N ILE D 238 -21.13 -2.58 33.97
CA ILE D 238 -21.87 -3.80 33.73
C ILE D 238 -22.99 -3.94 34.76
N ARG D 239 -24.20 -4.27 34.29
CA ARG D 239 -25.35 -4.42 35.16
C ARG D 239 -25.00 -5.32 36.34
N CYS D 240 -25.60 -5.06 37.50
CA CYS D 240 -25.36 -5.91 38.66
C CYS D 240 -25.91 -7.32 38.45
N ALA D 241 -25.44 -8.26 39.25
CA ALA D 241 -25.68 -9.65 38.96
C ALA D 241 -25.35 -10.44 40.22
N LYS D 242 -25.67 -11.74 40.22
CA LYS D 242 -25.24 -12.61 41.30
C LYS D 242 -23.74 -12.57 41.41
N ALA D 243 -23.25 -12.32 42.63
CA ALA D 243 -21.84 -12.15 42.94
C ALA D 243 -20.87 -12.86 42.00
N LEU D 244 -21.14 -14.14 41.72
CA LEU D 244 -20.19 -14.97 40.99
C LEU D 244 -20.22 -14.62 39.51
N ASP D 245 -21.42 -14.33 39.00
CA ASP D 245 -21.56 -13.72 37.68
C ASP D 245 -20.70 -12.50 37.56
N THR D 246 -20.90 -11.57 38.49
CA THR D 246 -20.20 -10.30 38.50
C THR D 246 -18.69 -10.49 38.47
N ALA D 247 -18.16 -11.41 39.28
CA ALA D 247 -16.72 -11.62 39.28
C ALA D 247 -16.21 -12.26 37.96
N ASP D 248 -17.08 -13.01 37.29
CA ASP D 248 -16.76 -13.59 36.00
C ASP D 248 -16.75 -12.49 34.92
N TYR D 249 -17.82 -11.70 34.91
CA TYR D 249 -17.92 -10.58 34.01
C TYR D 249 -16.73 -9.63 34.16
N HIS D 250 -16.30 -9.41 35.40
CA HIS D 250 -15.22 -8.48 35.70
C HIS D 250 -13.90 -9.00 35.09
N THR D 251 -13.60 -10.26 35.38
CA THR D 251 -12.42 -10.90 34.86
C THR D 251 -12.45 -10.91 33.33
N ILE D 252 -13.58 -11.34 32.76
CA ILE D 252 -13.70 -11.42 31.30
C ILE D 252 -13.57 -10.05 30.60
N ALA D 253 -14.20 -9.04 31.16
CA ALA D 253 -14.12 -7.68 30.61
C ALA D 253 -12.68 -7.15 30.57
N LYS D 254 -11.90 -7.51 31.59
CA LYS D 254 -10.52 -7.08 31.68
C LYS D 254 -9.72 -7.74 30.56
N HIS D 255 -9.98 -9.03 30.35
CA HIS D 255 -9.34 -9.75 29.28
C HIS D 255 -9.66 -9.07 27.96
N ALA D 256 -10.95 -8.89 27.69
CA ALA D 256 -11.42 -8.25 26.47
C ALA D 256 -10.81 -6.87 26.28
N THR D 257 -10.78 -6.06 27.34
CA THR D 257 -10.25 -4.70 27.25
C THR D 257 -8.80 -4.72 26.77
N LYS D 258 -7.98 -5.57 27.36
CA LYS D 258 -6.58 -5.66 26.95
C LYS D 258 -6.45 -6.11 25.50
N GLU D 259 -7.23 -7.11 25.12
CA GLU D 259 -7.06 -7.68 23.78
C GLU D 259 -7.54 -6.77 22.68
N ILE D 260 -8.68 -6.14 22.90
CA ILE D 260 -9.23 -5.28 21.85
C ILE D 260 -8.35 -4.02 21.69
N ALA D 261 -7.85 -3.49 22.81
CA ALA D 261 -6.92 -2.36 22.77
C ALA D 261 -5.66 -2.70 21.97
N TRP D 262 -5.15 -3.88 22.21
CA TRP D 262 -4.01 -4.35 21.46
C TRP D 262 -4.32 -4.39 19.96
N GLN D 263 -5.39 -5.09 19.57
CA GLN D 263 -5.85 -5.14 18.18
C GLN D 263 -5.97 -3.74 17.55
N GLN D 264 -6.25 -2.73 18.38
CA GLN D 264 -6.38 -1.34 17.92
C GLN D 264 -5.13 -0.48 18.07
N GLY D 265 -3.96 -1.09 18.21
CA GLY D 265 -2.74 -0.32 18.40
C GLY D 265 -2.69 0.55 19.66
N ARG D 266 -3.31 0.09 20.74
CA ARG D 266 -3.40 0.89 21.96
C ARG D 266 -2.98 0.09 23.16
N ALA D 267 -2.47 0.77 24.18
CA ALA D 267 -2.16 0.09 25.42
C ALA D 267 -3.16 0.49 26.49
N VAL D 268 -3.43 -0.46 27.38
CA VAL D 268 -4.39 -0.22 28.44
C VAL D 268 -3.82 -0.74 29.76
N THR D 269 -4.09 -0.04 30.86
CA THR D 269 -3.63 -0.47 32.19
C THR D 269 -4.68 -0.42 33.30
N PHE D 270 -4.64 -1.44 34.15
CA PHE D 270 -5.52 -1.47 35.29
C PHE D 270 -4.73 -1.23 36.57
N LEU D 271 -3.53 -0.70 36.40
CA LEU D 271 -2.74 -0.06 37.44
C LEU D 271 -3.54 0.92 38.28
N SER D 272 -3.46 0.84 39.60
CA SER D 272 -4.18 1.82 40.42
C SER D 272 -3.63 3.24 40.22
N LYS D 273 -2.31 3.35 40.15
CA LYS D 273 -1.62 4.60 39.90
C LYS D 273 -0.51 4.35 38.91
N TRP D 274 -0.66 4.79 37.67
CA TRP D 274 0.45 4.63 36.72
C TRP D 274 1.37 5.86 36.75
N HIS D 275 0.95 6.90 37.45
CA HIS D 275 1.71 8.13 37.51
C HIS D 275 1.22 9.00 38.65
N HIS D 276 2.11 9.77 39.28
CA HIS D 276 1.69 10.56 40.44
C HIS D 276 0.74 11.68 40.11
N ALA D 277 1.00 12.38 39.00
CA ALA D 277 0.19 13.52 38.58
C ALA D 277 -1.23 13.12 38.12
N HIS D 278 -1.30 12.10 37.27
CA HIS D 278 -2.59 11.62 36.81
C HIS D 278 -3.29 10.78 37.88
N ALA D 279 -4.62 10.78 37.84
CA ALA D 279 -5.46 10.22 38.88
C ALA D 279 -5.37 8.71 39.02
N GLY D 280 -5.97 8.19 40.09
CA GLY D 280 -5.99 6.77 40.35
C GLY D 280 -7.10 6.05 39.61
N SER D 281 -6.94 4.74 39.41
CA SER D 281 -7.97 3.92 38.80
C SER D 281 -8.58 3.07 39.87
N SER D 282 -9.88 3.22 40.11
CA SER D 282 -10.48 2.38 41.13
C SER D 282 -11.39 1.29 40.58
N SER D 283 -11.78 0.41 41.49
CA SER D 283 -12.69 -0.67 41.17
C SER D 283 -13.74 -0.72 42.27
N HIS D 284 -14.64 0.26 42.27
CA HIS D 284 -15.73 0.32 43.23
C HIS D 284 -16.57 -0.95 43.18
N ILE D 285 -16.99 -1.39 44.37
CA ILE D 285 -17.81 -2.57 44.47
C ILE D 285 -19.11 -2.28 45.22
N HIS D 286 -20.21 -2.49 44.50
CA HIS D 286 -21.56 -2.43 45.02
C HIS D 286 -22.04 -3.80 45.49
N GLN D 287 -22.80 -3.82 46.57
CA GLN D 287 -23.26 -5.08 47.12
C GLN D 287 -24.64 -4.98 47.77
N SER D 288 -25.45 -6.02 47.58
CA SER D 288 -26.80 -6.13 48.15
C SER D 288 -27.09 -7.55 48.57
N LEU D 289 -27.81 -7.71 49.66
CA LEU D 289 -28.26 -9.04 50.01
C LEU D 289 -29.75 -9.15 49.68
N TRP D 290 -30.14 -10.26 49.08
CA TRP D 290 -31.54 -10.46 48.66
C TRP D 290 -32.12 -11.74 49.23
N LYS D 291 -33.37 -11.67 49.66
CA LYS D 291 -34.07 -12.81 50.22
C LYS D 291 -35.26 -13.19 49.32
N GLN D 292 -35.19 -14.33 48.66
CA GLN D 292 -36.27 -14.80 47.78
C GLN D 292 -36.74 -13.73 46.81
N GLY D 293 -35.82 -12.91 46.31
CA GLY D 293 -36.22 -11.84 45.41
C GLY D 293 -36.73 -10.62 46.12
N LEU D 294 -36.61 -10.60 47.44
CA LEU D 294 -36.86 -9.38 48.21
C LEU D 294 -35.55 -8.75 48.71
N PRO D 295 -35.45 -7.41 48.59
CA PRO D 295 -34.32 -6.59 49.05
C PRO D 295 -34.13 -6.57 50.56
N ALA D 296 -33.42 -7.58 51.05
CA ALA D 296 -33.06 -7.69 52.47
C ALA D 296 -32.46 -6.41 53.09
N PHE D 297 -31.73 -5.63 52.30
CA PHE D 297 -31.14 -4.39 52.84
C PHE D 297 -32.16 -3.27 53.02
N HIS D 298 -33.39 -3.51 52.60
CA HIS D 298 -34.36 -2.42 52.58
C HIS D 298 -35.38 -2.49 53.72
N ASP D 299 -35.61 -1.35 54.35
CA ASP D 299 -36.72 -1.19 55.29
C ASP D 299 -37.34 0.18 55.11
N GLU D 300 -38.44 0.23 54.36
CA GLU D 300 -39.21 1.46 54.16
C GLU D 300 -39.44 2.22 55.46
N ARG D 301 -39.52 1.50 56.57
CA ARG D 301 -39.72 2.09 57.88
C ARG D 301 -38.46 2.76 58.46
N ASP D 302 -37.36 2.73 57.71
CA ASP D 302 -36.14 3.40 58.18
C ASP D 302 -35.94 4.72 57.44
N ALA D 303 -35.36 5.69 58.12
CA ALA D 303 -35.17 7.03 57.54
C ALA D 303 -34.23 7.02 56.33
N LEU D 304 -33.31 6.07 56.28
CA LEU D 304 -32.43 5.95 55.13
C LEU D 304 -32.76 4.70 54.32
N GLY D 305 -33.98 4.20 54.48
CA GLY D 305 -34.40 2.97 53.81
C GLY D 305 -33.51 1.78 54.14
N MET D 306 -32.77 1.86 55.24
CA MET D 306 -31.81 0.83 55.64
C MET D 306 -32.38 -0.17 56.64
N SER D 307 -32.49 -1.42 56.22
CA SER D 307 -32.80 -2.52 57.12
C SER D 307 -31.77 -2.69 58.23
N ALA D 308 -32.16 -3.38 59.30
CA ALA D 308 -31.28 -3.65 60.46
C ALA D 308 -30.21 -4.67 60.10
N LEU D 309 -30.51 -5.47 59.09
CA LEU D 309 -29.56 -6.41 58.53
C LEU D 309 -28.47 -5.67 57.80
N MET D 310 -28.87 -4.68 57.02
CA MET D 310 -27.92 -3.88 56.24
C MET D 310 -26.97 -3.10 57.14
N LYS D 311 -27.48 -2.67 58.28
CA LYS D 311 -26.69 -1.89 59.21
C LYS D 311 -25.70 -2.82 59.90
N HIS D 312 -26.15 -4.04 60.14
CA HIS D 312 -25.29 -5.09 60.69
C HIS D 312 -24.18 -5.42 59.69
N TYR D 313 -24.60 -5.78 58.48
CA TYR D 313 -23.68 -6.12 57.40
C TYR D 313 -22.63 -5.02 57.21
N LEU D 314 -23.09 -3.78 57.16
CA LEU D 314 -22.21 -2.61 57.02
C LEU D 314 -21.29 -2.39 58.24
N ALA D 315 -21.76 -2.71 59.45
CA ALA D 315 -20.91 -2.59 60.63
C ALA D 315 -19.80 -3.63 60.59
N GLY D 316 -20.10 -4.82 60.08
CA GLY D 316 -19.07 -5.81 59.83
C GLY D 316 -18.00 -5.30 58.88
N LEU D 317 -18.45 -4.81 57.72
CA LEU D 317 -17.57 -4.19 56.73
C LEU D 317 -16.63 -3.14 57.33
N LEU D 318 -17.19 -2.28 58.18
CA LEU D 318 -16.39 -1.24 58.78
C LEU D 318 -15.37 -1.87 59.74
N LYS D 319 -15.84 -2.81 60.56
CA LYS D 319 -15.02 -3.37 61.64
C LYS D 319 -13.81 -4.18 61.14
N TYR D 320 -13.99 -4.91 60.05
CA TYR D 320 -12.96 -5.82 59.60
C TYR D 320 -12.25 -5.34 58.34
N ALA D 321 -12.53 -4.10 57.96
CA ALA D 321 -11.94 -3.48 56.78
C ALA D 321 -10.43 -3.57 56.71
N PRO D 322 -9.72 -3.36 57.84
CA PRO D 322 -8.28 -3.59 57.73
C PRO D 322 -7.94 -5.03 57.31
N ASP D 323 -8.64 -6.00 57.89
CA ASP D 323 -8.35 -7.44 57.69
C ASP D 323 -8.33 -7.89 56.22
N TYR D 324 -9.17 -7.30 55.37
CA TYR D 324 -9.23 -7.68 53.97
C TYR D 324 -8.79 -6.56 53.02
N THR D 325 -8.09 -5.57 53.55
CA THR D 325 -7.46 -4.53 52.72
C THR D 325 -6.57 -5.14 51.65
N TYR D 326 -5.80 -6.18 52.00
CA TYR D 326 -4.93 -6.82 51.00
C TYR D 326 -5.76 -7.30 49.79
N PHE D 327 -6.99 -7.72 50.01
CA PHE D 327 -7.83 -8.19 48.92
C PHE D 327 -8.42 -7.04 48.09
N LEU D 328 -8.17 -5.81 48.53
CA LEU D 328 -8.52 -4.66 47.73
C LEU D 328 -7.25 -3.97 47.21
N ALA D 329 -6.11 -4.24 47.86
CA ALA D 329 -4.85 -3.58 47.54
C ALA D 329 -3.65 -4.55 47.60
N PRO D 330 -3.52 -5.39 46.57
CA PRO D 330 -2.58 -6.51 46.56
C PRO D 330 -1.13 -6.13 46.26
N TYR D 331 -0.93 -4.94 45.71
CA TYR D 331 0.37 -4.56 45.20
C TYR D 331 0.94 -3.37 45.94
N LEU D 332 2.25 -3.21 45.88
CA LEU D 332 2.87 -2.02 46.40
C LEU D 332 2.23 -0.77 45.76
N ASN D 333 1.79 -0.90 44.50
CA ASN D 333 1.31 0.24 43.71
C ASN D 333 -0.06 0.71 44.14
N SER D 334 -0.86 -0.22 44.63
CA SER D 334 -2.19 0.06 45.18
C SER D 334 -2.21 1.22 46.17
N TYR D 335 -1.27 1.21 47.11
CA TYR D 335 -1.32 2.13 48.23
C TYR D 335 -0.98 3.55 47.82
N LYS D 336 -0.51 3.72 46.59
CA LYS D 336 -0.18 5.04 46.11
C LYS D 336 -1.43 5.74 45.54
N ARG D 337 -2.56 5.04 45.55
CA ARG D 337 -3.83 5.73 45.31
C ARG D 337 -4.30 6.47 46.59
N PHE D 338 -3.78 6.07 47.75
CA PHE D 338 -4.16 6.73 49.00
C PHE D 338 -3.11 7.78 49.44
N ALA D 344 -9.29 11.38 49.83
CA ALA D 344 -9.01 9.98 49.51
C ALA D 344 -9.82 9.05 50.36
N PRO D 345 -10.46 8.04 49.74
CA PRO D 345 -11.50 7.19 50.35
C PRO D 345 -10.95 6.08 51.25
N THR D 346 -10.27 6.45 52.33
CA THR D 346 -9.47 5.49 53.10
C THR D 346 -9.90 5.36 54.56
N ARG D 347 -10.90 6.14 54.95
CA ARG D 347 -11.37 6.19 56.32
C ARG D 347 -12.41 5.11 56.53
N THR D 348 -12.26 4.35 57.61
CA THR D 348 -13.09 3.18 57.79
C THR D 348 -14.40 3.61 58.45
N VAL D 349 -15.07 4.52 57.76
CA VAL D 349 -16.39 5.02 58.16
C VAL D 349 -17.35 4.84 56.99
N TRP D 350 -18.65 5.04 57.24
CA TRP D 350 -19.63 5.01 56.15
C TRP D 350 -20.27 6.38 56.02
N SER D 351 -20.88 6.64 54.88
CA SER D 351 -21.38 7.96 54.57
C SER D 351 -22.28 7.96 53.35
N VAL D 352 -23.09 8.99 53.20
CA VAL D 352 -23.97 9.08 52.03
C VAL D 352 -23.32 9.90 50.91
N ASP D 353 -22.58 10.95 51.28
CA ASP D 353 -21.94 11.79 50.26
C ASP D 353 -20.60 12.37 50.74
N ASN D 354 -19.79 11.54 51.41
CA ASN D 354 -18.42 11.90 51.78
C ASN D 354 -17.45 11.46 50.69
N ARG D 355 -16.20 11.88 50.78
CA ARG D 355 -15.19 11.46 49.83
C ARG D 355 -14.19 10.50 50.47
N THR D 356 -13.98 10.66 51.77
CA THR D 356 -12.94 9.90 52.44
C THR D 356 -13.46 8.61 53.04
N ALA D 357 -14.78 8.50 53.15
CA ALA D 357 -15.35 7.27 53.70
C ALA D 357 -15.10 6.17 52.71
N GLY D 358 -14.55 5.06 53.18
CA GLY D 358 -14.32 3.90 52.35
C GLY D 358 -15.62 3.36 51.80
N PHE D 359 -16.70 3.58 52.53
CA PHE D 359 -18.00 3.00 52.19
C PHE D 359 -19.05 4.09 52.02
N ARG D 360 -19.81 3.99 50.94
CA ARG D 360 -20.82 4.98 50.61
C ARG D 360 -22.20 4.31 50.49
N LEU D 361 -23.21 4.96 51.07
CA LEU D 361 -24.58 4.49 51.01
C LEU D 361 -25.23 4.88 49.70
N CYS D 362 -25.77 3.90 48.98
CA CYS D 362 -26.30 4.17 47.66
C CYS D 362 -27.79 3.90 47.59
N ALA D 363 -28.48 4.77 46.85
CA ALA D 363 -29.94 4.73 46.69
C ALA D 363 -30.63 4.62 48.04
N GLU D 364 -30.32 5.57 48.92
CA GLU D 364 -30.99 5.67 50.22
C GLU D 364 -32.51 5.66 50.02
N GLY D 365 -33.18 4.80 50.77
CA GLY D 365 -34.63 4.76 50.79
C GLY D 365 -35.28 4.27 49.51
N THR D 366 -34.69 3.23 48.93
CA THR D 366 -35.27 2.55 47.78
C THR D 366 -35.03 1.06 47.96
N ARG D 367 -35.61 0.23 47.09
CA ARG D 367 -35.30 -1.21 47.11
C ARG D 367 -33.92 -1.46 46.52
N ALA D 368 -33.29 -0.41 45.99
CA ALA D 368 -31.94 -0.51 45.47
C ALA D 368 -30.89 -0.05 46.50
N VAL D 369 -31.33 0.17 47.74
CA VAL D 369 -30.41 0.65 48.75
C VAL D 369 -29.29 -0.39 48.92
N ARG D 370 -28.05 0.09 48.92
CA ARG D 370 -26.88 -0.79 48.86
C ARG D 370 -25.61 -0.07 49.34
N ILE D 371 -24.52 -0.84 49.50
CA ILE D 371 -23.23 -0.31 49.93
C ILE D 371 -22.19 -0.31 48.80
N GLU D 372 -21.52 0.82 48.62
CA GLU D 372 -20.44 0.86 47.67
C GLU D 372 -19.10 0.86 48.40
N CYS D 373 -18.26 -0.10 48.07
CA CYS D 373 -16.87 -0.06 48.55
C CYS D 373 -15.98 0.69 47.60
N ARG D 374 -15.54 1.87 47.99
CA ARG D 374 -14.69 2.72 47.15
C ARG D 374 -13.21 2.54 47.40
N ILE D 375 -12.81 1.50 48.12
CA ILE D 375 -11.42 1.37 48.51
C ILE D 375 -10.54 0.68 47.48
N GLY D 376 -11.06 -0.35 46.83
CA GLY D 376 -10.22 -1.11 45.92
C GLY D 376 -9.95 -0.37 44.64
N GLY D 377 -8.73 -0.56 44.12
CA GLY D 377 -8.36 -0.02 42.84
C GLY D 377 -8.53 -1.07 41.74
N SER D 378 -8.43 -0.61 40.51
CA SER D 378 -8.48 -1.46 39.34
C SER D 378 -7.49 -2.65 39.31
N ASP D 379 -6.60 -2.80 40.29
CA ASP D 379 -5.69 -3.92 40.19
C ASP D 379 -6.18 -5.13 41.00
N LEU D 380 -7.31 -4.98 41.67
CA LEU D 380 -7.76 -6.02 42.59
C LEU D 380 -8.23 -7.29 41.88
N ASN D 381 -8.26 -8.38 42.64
CA ASN D 381 -8.88 -9.61 42.18
C ASN D 381 -10.34 -9.55 42.62
N PRO D 382 -11.27 -9.67 41.66
CA PRO D 382 -12.69 -9.56 41.97
C PRO D 382 -13.17 -10.63 42.95
N TYR D 383 -12.75 -11.88 42.76
CA TYR D 383 -13.23 -12.97 43.62
C TYR D 383 -12.77 -12.79 45.07
N LEU D 384 -11.49 -12.48 45.26
CA LEU D 384 -10.95 -12.23 46.58
C LEU D 384 -11.58 -11.01 47.24
N ALA D 385 -11.69 -9.93 46.49
CA ALA D 385 -12.21 -8.67 47.03
C ALA D 385 -13.66 -8.80 47.56
N MET D 386 -14.49 -9.57 46.86
CA MET D 386 -15.87 -9.79 47.29
C MET D 386 -15.93 -10.79 48.45
N ALA D 387 -15.19 -11.90 48.31
CA ALA D 387 -15.11 -12.90 49.37
C ALA D 387 -14.75 -12.30 50.74
N GLY D 388 -13.80 -11.36 50.76
CA GLY D 388 -13.40 -10.73 52.02
C GLY D 388 -14.50 -9.84 52.56
N GLN D 389 -15.14 -9.11 51.67
CA GLN D 389 -16.24 -8.23 52.04
C GLN D 389 -17.47 -9.01 52.52
N LEU D 390 -17.73 -10.16 51.93
CA LEU D 390 -18.88 -10.96 52.33
C LEU D 390 -18.62 -11.60 53.68
N ALA D 391 -17.41 -12.12 53.88
CA ALA D 391 -17.03 -12.66 55.19
C ALA D 391 -17.10 -11.58 56.28
N ALA D 392 -16.70 -10.36 55.96
CA ALA D 392 -16.85 -9.25 56.90
C ALA D 392 -18.31 -8.95 57.18
N GLY D 393 -19.13 -9.07 56.14
CA GLY D 393 -20.50 -8.62 56.21
C GLY D 393 -21.36 -9.62 56.94
N ILE D 394 -21.14 -10.89 56.61
CA ILE D 394 -21.69 -12.04 57.35
C ILE D 394 -21.36 -12.00 58.84
N LYS D 395 -20.09 -11.75 59.19
CA LYS D 395 -19.71 -11.58 60.59
C LYS D 395 -20.52 -10.50 61.29
N GLY D 396 -20.74 -9.39 60.60
CA GLY D 396 -21.51 -8.28 61.13
C GLY D 396 -22.92 -8.73 61.45
N ILE D 397 -23.50 -9.53 60.57
CA ILE D 397 -24.81 -10.12 60.82
C ILE D 397 -24.77 -10.90 62.12
N GLU D 398 -23.93 -11.93 62.12
CA GLU D 398 -23.79 -12.85 63.24
C GLU D 398 -23.44 -12.18 64.56
N GLU D 399 -22.39 -11.38 64.57
CA GLU D 399 -21.99 -10.65 65.77
C GLU D 399 -23.11 -9.73 66.21
N CYS D 400 -24.06 -9.52 65.31
CA CYS D 400 -25.13 -8.56 65.53
C CYS D 400 -24.47 -7.25 65.92
N LEU D 401 -23.64 -6.76 65.00
CA LEU D 401 -22.82 -5.57 65.21
C LEU D 401 -23.67 -4.31 65.15
N ALA D 402 -23.24 -3.29 65.88
CA ALA D 402 -23.94 -2.02 65.89
C ALA D 402 -23.36 -1.07 64.83
N LEU D 403 -24.22 -0.52 63.99
CA LEU D 403 -23.73 0.36 62.93
C LEU D 403 -23.42 1.75 63.48
N PRO D 404 -22.14 2.15 63.43
CA PRO D 404 -21.73 3.48 63.91
C PRO D 404 -22.44 4.61 63.15
N PRO D 405 -22.41 5.82 63.73
CA PRO D 405 -22.88 7.02 63.02
C PRO D 405 -22.09 7.20 61.73
N PRO D 406 -22.74 7.70 60.67
CA PRO D 406 -22.03 7.99 59.41
C PRO D 406 -21.14 9.21 59.55
N ALA D 407 -20.00 9.21 58.87
CA ALA D 407 -19.15 10.39 58.88
C ALA D 407 -19.78 11.43 57.97
N GLU D 408 -19.30 12.67 58.08
CA GLU D 408 -19.78 13.76 57.24
C GLU D 408 -18.67 14.79 56.97
N LEU D 418 -9.34 4.64 59.86
CA LEU D 418 -8.33 4.62 58.80
C LEU D 418 -7.70 3.22 58.52
N ILE D 419 -7.61 2.91 57.23
CA ILE D 419 -7.31 1.58 56.74
C ILE D 419 -5.79 1.39 56.55
N PRO D 420 -5.30 0.15 56.33
CA PRO D 420 -3.83 0.10 56.18
C PRO D 420 -3.26 0.91 54.99
N GLN D 421 -2.15 1.61 55.24
CA GLN D 421 -1.63 2.61 54.31
C GLN D 421 -0.42 2.15 53.54
N ASN D 422 -0.01 0.92 53.81
CA ASN D 422 1.03 0.30 52.99
C ASN D 422 0.89 -1.21 52.95
N LEU D 423 1.57 -1.86 52.01
CA LEU D 423 1.46 -3.30 51.84
C LEU D 423 1.83 -4.06 53.08
N ARG D 424 2.85 -3.62 53.79
CA ARG D 424 3.33 -4.40 54.93
C ARG D 424 2.28 -4.43 56.02
N ASP D 425 1.72 -3.27 56.32
CA ASP D 425 0.71 -3.18 57.36
C ASP D 425 -0.52 -4.01 57.01
N ALA D 426 -0.82 -4.12 55.72
CA ALA D 426 -2.01 -4.87 55.25
C ALA D 426 -1.79 -6.38 55.32
N MET D 427 -0.62 -6.82 54.87
CA MET D 427 -0.14 -8.18 55.08
C MET D 427 -0.23 -8.65 56.54
N GLU D 428 0.16 -7.78 57.47
CA GLU D 428 0.10 -8.14 58.88
C GLU D 428 -1.35 -8.07 59.37
N ALA D 429 -2.14 -7.18 58.79
CA ALA D 429 -3.55 -7.09 59.18
C ALA D 429 -4.29 -8.39 58.86
N LEU D 430 -4.07 -8.91 57.65
CA LEU D 430 -4.67 -10.14 57.21
C LEU D 430 -4.21 -11.32 58.03
N ARG D 431 -2.91 -11.36 58.31
CA ARG D 431 -2.33 -12.45 59.08
C ARG D 431 -2.94 -12.53 60.48
N GLY D 432 -3.29 -11.39 61.07
CA GLY D 432 -3.84 -11.36 62.40
C GLY D 432 -5.34 -11.51 62.44
N SER D 433 -5.95 -11.69 61.27
CA SER D 433 -7.39 -11.74 61.20
C SER D 433 -7.88 -13.11 61.63
N THR D 434 -8.39 -13.17 62.86
CA THR D 434 -9.17 -14.32 63.27
C THR D 434 -10.39 -14.46 62.34
N MET D 435 -11.00 -13.33 62.00
CA MET D 435 -12.20 -13.32 61.16
C MET D 435 -12.00 -14.07 59.85
N LEU D 436 -10.97 -13.72 59.10
CA LEU D 436 -10.81 -14.31 57.77
C LEU D 436 -10.29 -15.71 57.91
N ARG D 437 -9.66 -16.01 59.03
CA ARG D 437 -9.15 -17.35 59.29
C ARG D 437 -10.32 -18.30 59.52
N GLU D 438 -11.28 -17.80 60.28
CA GLU D 438 -12.50 -18.52 60.56
C GLU D 438 -13.33 -18.63 59.28
N ALA D 439 -13.44 -17.52 58.56
CA ALA D 439 -14.30 -17.45 57.37
C ALA D 439 -13.76 -18.18 56.14
N MET D 440 -12.45 -18.16 55.94
CA MET D 440 -11.90 -18.65 54.68
C MET D 440 -11.08 -19.92 54.86
N GLY D 441 -10.46 -20.05 56.02
CA GLY D 441 -9.56 -21.15 56.25
C GLY D 441 -8.15 -20.67 56.56
N GLU D 442 -7.58 -21.27 57.60
CA GLU D 442 -6.20 -21.09 57.99
C GLU D 442 -5.27 -21.24 56.78
N ASP D 443 -5.55 -22.26 55.96
CA ASP D 443 -4.79 -22.55 54.75
C ASP D 443 -4.79 -21.41 53.72
N VAL D 444 -5.94 -20.77 53.50
CA VAL D 444 -5.98 -19.79 52.43
C VAL D 444 -5.43 -18.49 52.96
N VAL D 445 -5.71 -18.18 54.22
CA VAL D 445 -5.23 -16.95 54.84
C VAL D 445 -3.71 -16.95 54.87
N ASP D 446 -3.13 -18.13 55.14
CA ASP D 446 -1.68 -18.27 55.10
C ASP D 446 -1.13 -18.17 53.69
N HIS D 447 -1.79 -18.84 52.76
CA HIS D 447 -1.38 -18.81 51.37
C HIS D 447 -1.28 -17.35 50.87
N TYR D 448 -2.26 -16.53 51.23
CA TYR D 448 -2.24 -15.14 50.72
C TYR D 448 -1.40 -14.22 51.58
N VAL D 449 -1.06 -14.65 52.79
CA VAL D 449 -0.06 -13.93 53.57
C VAL D 449 1.26 -14.07 52.85
N ARG D 450 1.58 -15.31 52.51
CA ARG D 450 2.83 -15.63 51.83
C ARG D 450 2.92 -14.84 50.53
N ALA D 451 1.82 -14.75 49.80
CA ALA D 451 1.83 -14.08 48.51
C ALA D 451 2.17 -12.61 48.70
N ALA D 452 1.63 -12.03 49.77
CA ALA D 452 1.94 -10.65 50.07
C ALA D 452 3.43 -10.51 50.40
N GLU D 453 3.93 -11.48 51.17
CA GLU D 453 5.34 -11.53 51.50
C GLU D 453 6.22 -11.65 50.26
N VAL D 454 5.77 -12.42 49.27
CA VAL D 454 6.54 -12.58 48.03
C VAL D 454 6.56 -11.27 47.26
N GLU D 455 5.43 -10.59 47.26
CA GLU D 455 5.29 -9.31 46.59
C GLU D 455 6.28 -8.27 47.11
N LEU D 456 6.49 -8.27 48.43
CA LEU D 456 7.39 -7.33 49.09
C LEU D 456 8.83 -7.71 48.87
N GLU D 457 9.11 -9.00 49.00
CA GLU D 457 10.45 -9.52 48.75
C GLU D 457 10.86 -9.19 47.32
N ASP D 458 9.89 -9.02 46.43
CA ASP D 458 10.23 -8.79 45.05
C ASP D 458 10.76 -7.39 44.80
N PHE D 459 10.19 -6.42 45.48
CA PHE D 459 10.66 -5.04 45.36
C PHE D 459 12.11 -4.94 45.84
N GLN D 460 12.48 -5.82 46.76
CA GLN D 460 13.80 -5.79 47.33
C GLN D 460 14.87 -6.34 46.38
N ARG D 461 14.46 -7.14 45.40
CA ARG D 461 15.40 -7.72 44.45
C ARG D 461 15.46 -6.85 43.19
N VAL D 462 14.95 -5.64 43.29
CA VAL D 462 14.92 -4.71 42.18
C VAL D 462 15.33 -3.31 42.61
N VAL D 463 16.20 -2.69 41.83
CA VAL D 463 16.58 -1.32 42.08
C VAL D 463 15.75 -0.45 41.18
N SER D 464 14.89 0.39 41.76
CA SER D 464 13.99 1.20 40.94
C SER D 464 14.63 2.49 40.45
N ASP D 465 14.02 3.07 39.45
CA ASP D 465 14.51 4.32 38.90
C ASP D 465 14.34 5.44 39.94
N TYR D 466 13.33 5.31 40.80
CA TYR D 466 13.17 6.23 41.89
C TYR D 466 14.43 6.23 42.77
N GLU D 467 14.99 5.04 43.02
CA GLU D 467 16.13 4.94 43.91
C GLU D 467 17.40 5.51 43.30
N VAL D 468 17.62 5.19 42.03
CA VAL D 468 18.84 5.62 41.36
C VAL D 468 18.74 7.14 41.21
N ALA D 469 17.57 7.63 40.82
CA ALA D 469 17.31 9.08 40.74
C ALA D 469 17.54 9.84 42.05
N ARG D 470 17.01 9.31 43.16
CA ARG D 470 17.15 9.94 44.46
C ARG D 470 18.56 9.71 44.99
N GLY D 471 19.27 8.79 44.35
CA GLY D 471 20.61 8.43 44.74
C GLY D 471 21.65 9.50 44.57
N PHE D 472 21.84 9.96 43.34
CA PHE D 472 22.65 11.18 43.13
C PHE D 472 21.85 12.31 43.80
N GLU D 473 22.22 12.66 45.03
CA GLU D 473 21.32 13.42 45.93
C GLU D 473 20.78 14.71 45.34
N THR E 26 -35.92 14.72 14.51
CA THR E 26 -35.95 14.06 15.81
C THR E 26 -36.37 12.60 15.65
N LEU E 27 -35.58 11.72 16.27
CA LEU E 27 -35.84 10.28 16.23
C LEU E 27 -36.88 9.84 17.28
N ALA E 28 -37.81 8.97 16.89
CA ALA E 28 -38.78 8.42 17.86
C ALA E 28 -38.22 7.18 18.56
N LEU E 29 -38.52 7.02 19.85
CA LEU E 29 -37.93 5.95 20.65
C LEU E 29 -38.22 4.56 20.07
N ASP E 30 -39.45 4.33 19.62
CA ASP E 30 -39.77 3.03 19.03
C ASP E 30 -39.07 2.88 17.66
N ASP E 31 -38.85 3.99 16.98
CA ASP E 31 -38.07 3.91 15.74
C ASP E 31 -36.68 3.42 16.09
N LEU E 32 -36.02 4.14 17.00
CA LEU E 32 -34.74 3.75 17.58
C LEU E 32 -34.73 2.29 17.99
N LYS E 33 -35.81 1.87 18.64
CA LYS E 33 -35.93 0.50 19.13
C LYS E 33 -35.78 -0.52 17.99
N THR E 34 -36.44 -0.26 16.87
CA THR E 34 -36.34 -1.11 15.70
C THR E 34 -34.89 -1.22 15.25
N ARG E 35 -34.22 -0.07 15.14
CA ARG E 35 -32.84 -0.03 14.66
C ARG E 35 -31.84 -0.71 15.61
N VAL E 36 -32.19 -0.82 16.89
CA VAL E 36 -31.37 -1.57 17.83
C VAL E 36 -31.53 -3.08 17.60
N GLU E 37 -32.77 -3.56 17.59
CA GLU E 37 -33.04 -4.96 17.27
C GLU E 37 -32.31 -5.42 16.00
N SER E 38 -32.39 -4.66 14.92
CA SER E 38 -31.68 -5.01 13.70
C SER E 38 -30.19 -4.66 13.69
N GLY E 39 -29.69 -4.15 14.81
CA GLY E 39 -28.28 -3.83 14.92
C GLY E 39 -27.82 -2.74 13.97
N GLU E 40 -28.65 -1.72 13.79
CA GLU E 40 -28.20 -0.57 13.04
C GLU E 40 -27.60 0.43 14.00
N ILE E 41 -28.11 0.41 15.23
CA ILE E 41 -27.65 1.30 16.28
C ILE E 41 -27.33 0.48 17.53
N ASP E 42 -26.08 0.60 18.00
CA ASP E 42 -25.63 -0.13 19.19
C ASP E 42 -25.19 0.80 20.30
N THR E 43 -25.13 2.10 20.01
CA THR E 43 -24.61 3.04 20.99
C THR E 43 -25.49 4.25 21.15
N VAL E 44 -25.81 4.59 22.39
CA VAL E 44 -26.57 5.82 22.62
C VAL E 44 -25.80 6.86 23.49
N LEU E 45 -25.50 8.01 22.88
CA LEU E 45 -24.83 9.10 23.60
C LEU E 45 -25.81 9.84 24.50
N VAL E 46 -25.68 9.62 25.80
CA VAL E 46 -26.50 10.34 26.76
C VAL E 46 -25.69 11.52 27.30
N CYS E 47 -26.14 12.71 26.98
CA CYS E 47 -25.32 13.84 27.27
C CYS E 47 -26.06 14.97 27.97
N ILE E 48 -25.28 15.74 28.68
CA ILE E 48 -25.67 17.03 29.16
C ILE E 48 -24.67 17.99 28.57
N VAL E 49 -24.97 19.27 28.61
CA VAL E 49 -24.06 20.29 28.12
C VAL E 49 -23.48 20.96 29.35
N ASP E 50 -22.17 20.97 29.47
CA ASP E 50 -21.58 21.57 30.67
C ASP E 50 -21.37 23.07 30.47
N MET E 51 -20.73 23.73 31.43
CA MET E 51 -20.52 25.18 31.38
C MET E 51 -19.78 25.67 30.15
N GLN E 52 -18.90 24.84 29.59
CA GLN E 52 -18.10 25.21 28.43
C GLN E 52 -18.74 24.94 27.09
N GLY E 53 -19.99 24.47 27.09
CA GLY E 53 -20.71 24.19 25.87
C GLY E 53 -20.45 22.79 25.32
N ARG E 54 -19.73 21.98 26.09
CA ARG E 54 -19.41 20.60 25.74
C ARG E 54 -20.48 19.58 26.11
N LEU E 55 -20.83 18.73 25.14
CA LEU E 55 -21.57 17.52 25.42
C LEU E 55 -20.77 16.59 26.33
N MET E 56 -21.31 16.29 27.50
CA MET E 56 -20.65 15.38 28.44
C MET E 56 -21.61 14.26 28.79
N GLY E 57 -21.11 13.14 29.29
CA GLY E 57 -22.00 12.07 29.74
C GLY E 57 -21.51 10.68 29.46
N LYS E 58 -22.43 9.72 29.44
CA LYS E 58 -22.07 8.32 29.26
C LYS E 58 -22.29 7.86 27.81
N ARG E 59 -21.65 6.77 27.42
CA ARG E 59 -21.92 6.11 26.14
C ARG E 59 -22.49 4.72 26.41
N LEU E 60 -23.82 4.63 26.30
CA LEU E 60 -24.50 3.38 26.63
C LEU E 60 -24.60 2.47 25.41
N HIS E 61 -24.51 1.16 25.65
CA HIS E 61 -24.94 0.20 24.65
C HIS E 61 -26.45 0.37 24.41
N ALA E 62 -26.84 0.40 23.15
CA ALA E 62 -28.21 0.76 22.76
C ALA E 62 -29.26 -0.14 23.39
N ARG E 63 -28.99 -1.44 23.49
CA ARG E 63 -29.98 -2.32 24.12
C ARG E 63 -30.27 -1.89 25.56
N HIS E 64 -29.26 -1.56 26.32
CA HIS E 64 -29.48 -1.17 27.71
C HIS E 64 -30.21 0.14 27.76
N PHE E 65 -29.95 0.98 26.77
CA PHE E 65 -30.62 2.26 26.69
C PHE E 65 -32.11 2.09 26.49
N VAL E 66 -32.51 1.24 25.56
CA VAL E 66 -33.93 1.08 25.29
C VAL E 66 -34.61 0.14 26.30
N ASP E 67 -33.86 -0.36 27.28
CA ASP E 67 -34.44 -1.22 28.32
C ASP E 67 -34.62 -0.52 29.65
N HIS E 68 -33.76 0.46 29.93
CA HIS E 68 -33.61 0.97 31.29
C HIS E 68 -32.93 2.33 31.31
N GLY E 69 -32.08 2.55 30.31
CA GLY E 69 -31.19 3.70 30.31
C GLY E 69 -31.88 5.01 30.07
N TRP E 70 -33.03 4.96 29.42
CA TRP E 70 -33.77 6.16 29.00
C TRP E 70 -34.44 6.91 30.15
N GLU E 71 -34.23 6.47 31.38
CA GLU E 71 -34.82 7.14 32.53
C GLU E 71 -33.77 7.39 33.60
N GLU E 72 -33.27 6.31 34.21
CA GLU E 72 -32.35 6.44 35.32
C GLU E 72 -30.89 6.38 34.90
N THR E 73 -30.16 7.38 35.33
CA THR E 73 -28.70 7.37 35.38
C THR E 73 -28.30 8.50 36.30
N HIS E 74 -27.29 8.24 37.14
CA HIS E 74 -26.72 9.27 37.99
C HIS E 74 -25.41 9.76 37.37
N CYS E 75 -24.71 10.66 38.06
CA CYS E 75 -23.37 11.12 37.65
C CYS E 75 -22.83 12.21 38.56
N TYR E 78 -20.81 16.92 36.55
CA TYR E 78 -19.94 17.60 35.60
C TYR E 78 -20.13 19.12 35.64
N LEU E 79 -20.90 19.60 36.61
CA LEU E 79 -21.16 21.04 36.70
C LEU E 79 -20.65 21.59 38.02
N LEU E 80 -19.40 22.07 37.97
CA LEU E 80 -18.73 22.63 39.13
C LEU E 80 -17.56 23.51 38.71
N TYR E 104 -26.11 13.53 41.41
CA TYR E 104 -26.93 14.12 40.34
C TYR E 104 -27.50 13.07 39.41
N ILE E 105 -28.53 13.44 38.66
CA ILE E 105 -29.25 12.49 37.79
C ILE E 105 -29.48 13.02 36.36
N MET E 106 -29.24 12.19 35.35
CA MET E 106 -29.54 12.57 33.97
C MET E 106 -30.91 12.02 33.56
N LYS E 107 -31.84 12.90 33.22
CA LYS E 107 -33.12 12.46 32.68
C LYS E 107 -33.14 12.81 31.21
N PRO E 108 -33.13 11.79 30.36
CA PRO E 108 -33.10 12.07 28.92
C PRO E 108 -34.39 12.69 28.45
N ASP E 109 -34.26 13.78 27.72
CA ASP E 109 -35.35 14.44 27.07
C ASP E 109 -35.49 13.84 25.66
N LEU E 110 -36.55 13.07 25.43
CA LEU E 110 -36.64 12.21 24.25
C LEU E 110 -37.11 12.95 22.99
N ALA E 111 -37.33 14.24 23.11
CA ALA E 111 -37.56 15.09 21.95
C ALA E 111 -36.24 15.47 21.34
N THR E 112 -35.15 15.02 21.97
CA THR E 112 -33.82 15.36 21.50
C THR E 112 -33.15 14.15 20.89
N LEU E 113 -33.74 12.97 21.06
CA LEU E 113 -33.18 11.75 20.50
C LEU E 113 -32.92 11.89 18.99
N ARG E 114 -31.66 11.67 18.63
CA ARG E 114 -31.08 11.98 17.32
C ARG E 114 -30.10 10.93 16.84
N CYS E 115 -30.07 10.65 15.53
CA CYS E 115 -28.96 9.87 15.01
C CYS E 115 -27.69 10.72 14.97
N VAL E 116 -26.52 10.06 14.91
CA VAL E 116 -25.22 10.73 14.90
C VAL E 116 -24.39 10.18 13.74
N PRO E 117 -24.73 10.58 12.50
CA PRO E 117 -24.17 9.92 11.31
C PRO E 117 -22.63 10.07 11.17
N TRP E 118 -22.02 11.06 11.80
CA TRP E 118 -20.55 11.15 11.74
C TRP E 118 -19.90 10.15 12.67
N LEU E 119 -20.74 9.40 13.39
CA LEU E 119 -20.31 8.20 14.07
C LEU E 119 -21.04 7.03 13.45
N GLU E 120 -20.72 5.82 13.90
CA GLU E 120 -21.36 4.64 13.37
C GLU E 120 -22.08 3.88 14.46
N GLY E 121 -23.31 3.47 14.16
CA GLY E 121 -24.14 2.71 15.08
C GLY E 121 -24.62 3.52 16.25
N THR E 122 -24.67 4.84 16.07
CA THR E 122 -24.78 5.76 17.20
C THR E 122 -25.93 6.75 17.14
N ALA E 123 -26.70 6.74 18.22
CA ALA E 123 -27.70 7.74 18.46
C ALA E 123 -27.27 8.54 19.68
N MET E 124 -27.83 9.74 19.81
CA MET E 124 -27.56 10.57 20.96
C MET E 124 -28.88 11.11 21.54
N VAL E 125 -28.85 11.44 22.82
CA VAL E 125 -29.99 12.10 23.44
C VAL E 125 -29.48 13.12 24.47
N LEU E 126 -30.14 14.28 24.52
CA LEU E 126 -29.84 15.31 25.52
C LEU E 126 -30.63 15.09 26.82
N CYS E 127 -30.01 15.43 27.94
CA CYS E 127 -30.66 15.17 29.22
C CYS E 127 -30.93 16.42 30.04
N ASP E 128 -31.89 16.31 30.95
CA ASP E 128 -32.06 17.30 32.00
C ASP E 128 -31.39 16.77 33.26
N LEU E 129 -30.57 17.61 33.87
CA LEU E 129 -29.82 17.23 35.07
C LEU E 129 -30.59 17.53 36.35
N LEU E 130 -30.67 16.55 37.25
CA LEU E 130 -31.46 16.67 38.50
C LEU E 130 -30.67 16.36 39.77
N ASP E 131 -31.38 16.30 40.89
CA ASP E 131 -30.80 15.95 42.19
C ASP E 131 -30.97 14.45 42.49
N HIS E 135 -34.96 18.10 44.49
CA HIS E 135 -34.93 17.02 43.51
C HIS E 135 -35.13 17.53 42.06
N ALA E 136 -35.46 18.80 41.92
CA ALA E 136 -35.78 19.35 40.60
C ALA E 136 -34.56 19.56 39.71
N GLU E 137 -34.71 20.44 38.73
CA GLU E 137 -33.62 20.82 37.87
C GLU E 137 -32.57 21.56 38.67
N VAL E 138 -31.31 21.20 38.45
CA VAL E 138 -30.20 21.97 38.98
C VAL E 138 -30.24 23.35 38.32
N PRO E 139 -30.32 24.41 39.12
CA PRO E 139 -30.55 25.76 38.60
C PRO E 139 -29.48 26.26 37.63
N HIS E 140 -28.21 25.98 37.90
CA HIS E 140 -27.10 26.62 37.18
C HIS E 140 -26.68 25.89 35.92
N ALA E 141 -27.26 24.73 35.66
CA ALA E 141 -27.03 24.05 34.37
C ALA E 141 -27.46 24.94 33.21
N PRO E 142 -26.61 25.04 32.18
CA PRO E 142 -26.82 25.86 30.99
C PRO E 142 -28.19 25.66 30.33
N ARG E 143 -28.63 24.43 30.14
CA ARG E 143 -29.93 24.17 29.52
C ARG E 143 -31.10 24.66 30.39
N ALA E 144 -31.00 24.43 31.69
CA ALA E 144 -32.04 24.90 32.59
C ALA E 144 -32.16 26.41 32.52
N ILE E 145 -31.04 27.09 32.30
CA ILE E 145 -30.99 28.54 32.38
C ILE E 145 -31.68 29.26 31.21
N LEU E 146 -31.43 28.77 29.99
CA LEU E 146 -32.15 29.26 28.81
C LEU E 146 -33.63 28.94 28.97
N LYS E 147 -33.91 27.68 29.31
CA LYS E 147 -35.26 27.18 29.58
C LYS E 147 -36.11 28.11 30.47
N ARG E 148 -35.47 28.74 31.46
CA ARG E 148 -36.15 29.63 32.39
C ARG E 148 -36.45 30.97 31.74
N GLN E 149 -35.53 31.45 30.92
CA GLN E 149 -35.78 32.70 30.20
C GLN E 149 -36.92 32.50 29.21
N LEU E 150 -37.00 31.28 28.67
CA LEU E 150 -38.04 30.90 27.73
C LEU E 150 -39.44 30.79 28.35
N ALA E 151 -39.52 30.31 29.59
CA ALA E 151 -40.80 30.22 30.28
C ALA E 151 -41.37 31.62 30.47
N ARG E 152 -40.47 32.55 30.78
CA ARG E 152 -40.85 33.94 30.97
C ARG E 152 -41.49 34.49 29.70
N LEU E 153 -40.99 34.02 28.55
CA LEU E 153 -41.49 34.50 27.28
C LEU E 153 -42.86 33.95 26.93
N GLU E 154 -43.16 32.73 27.33
CA GLU E 154 -44.46 32.18 26.98
C GLU E 154 -45.51 32.83 27.86
N ALA E 155 -45.07 33.32 29.01
CA ALA E 155 -45.94 34.03 29.95
C ALA E 155 -46.62 35.18 29.27
N MET E 156 -45.97 35.65 28.21
CA MET E 156 -46.39 36.81 27.46
C MET E 156 -46.78 36.43 26.04
N GLY E 157 -47.07 35.14 25.84
CA GLY E 157 -47.48 34.63 24.54
C GLY E 157 -46.38 34.72 23.50
N LEU E 158 -45.19 35.11 23.96
CA LEU E 158 -44.07 35.36 23.08
C LEU E 158 -43.16 34.14 22.93
N GLU E 159 -42.84 33.84 21.68
CA GLU E 159 -41.96 32.74 21.33
C GLU E 159 -40.67 33.39 20.86
N ALA E 160 -39.52 32.79 21.22
CA ALA E 160 -38.24 33.38 20.84
C ALA E 160 -37.59 32.59 19.72
N ILE E 161 -37.16 33.29 18.68
CA ILE E 161 -36.59 32.64 17.51
C ILE E 161 -35.21 33.22 17.21
N MET E 162 -34.22 32.34 17.30
CA MET E 162 -32.84 32.75 17.27
C MET E 162 -32.01 31.89 16.33
N ALA E 163 -30.93 32.45 15.82
CA ALA E 163 -29.99 31.64 15.05
C ALA E 163 -28.58 32.00 15.45
N THR E 164 -27.64 31.09 15.19
CA THR E 164 -26.23 31.43 15.37
C THR E 164 -25.44 31.26 14.09
N GLU E 165 -24.31 31.93 14.08
CA GLU E 165 -23.36 31.84 13.01
C GLU E 165 -22.04 31.45 13.62
N LEU E 166 -21.77 30.15 13.58
CA LEU E 166 -20.55 29.62 14.15
C LEU E 166 -19.38 29.68 13.15
N GLU E 167 -18.39 30.50 13.50
CA GLU E 167 -17.11 30.50 12.81
C GLU E 167 -16.09 29.59 13.49
N PHE E 168 -15.14 29.05 12.73
CA PHE E 168 -14.04 28.30 13.31
C PHE E 168 -12.86 28.33 12.38
N PHE E 169 -11.70 27.92 12.86
CA PHE E 169 -10.57 27.76 11.99
C PHE E 169 -10.35 26.30 11.67
N LEU E 170 -9.89 26.05 10.46
CA LEU E 170 -9.60 24.70 10.02
C LEU E 170 -8.13 24.66 9.74
N PHE E 171 -7.43 23.76 10.40
CA PHE E 171 -5.98 23.71 10.28
C PHE E 171 -5.51 22.62 9.31
N GLU E 172 -4.40 22.86 8.63
CA GLU E 172 -3.89 21.92 7.64
C GLU E 172 -3.35 20.68 8.34
N LYS E 173 -2.47 20.90 9.30
CA LYS E 173 -1.89 19.79 10.04
C LYS E 173 -2.97 19.11 10.87
N SER E 174 -2.78 17.81 11.12
CA SER E 174 -3.59 17.07 12.07
C SER E 174 -3.45 17.66 13.45
N LEU E 175 -4.20 17.13 14.42
CA LEU E 175 -4.09 17.65 15.76
C LEU E 175 -2.72 17.29 16.37
N ASP E 176 -2.21 16.11 16.05
CA ASP E 176 -0.86 15.74 16.46
C ASP E 176 0.17 16.61 15.71
N GLU E 177 0.31 17.83 16.20
CA GLU E 177 1.12 18.87 15.55
C GLU E 177 1.09 20.14 16.40
N THR E 201 -10.78 24.82 -2.49
CA THR E 201 -12.19 24.41 -2.55
C THR E 201 -12.34 22.92 -2.30
N THR E 202 -11.82 22.09 -3.20
CA THR E 202 -11.70 20.65 -2.96
C THR E 202 -10.86 20.48 -1.74
N LYS E 203 -9.91 21.40 -1.64
CA LYS E 203 -9.19 21.73 -0.43
C LYS E 203 -10.00 21.37 0.81
N GLU E 204 -10.94 22.22 1.17
CA GLU E 204 -11.66 22.11 2.44
C GLU E 204 -12.99 21.32 2.40
N GLU E 205 -13.41 20.84 1.22
CA GLU E 205 -14.70 20.14 1.12
C GLU E 205 -14.69 18.76 1.77
N HIS E 206 -13.50 18.20 1.99
CA HIS E 206 -13.41 16.90 2.64
C HIS E 206 -13.77 16.99 4.11
N VAL E 207 -13.86 18.20 4.64
CA VAL E 207 -14.43 18.36 5.95
C VAL E 207 -15.82 18.95 5.81
N LEU E 208 -15.94 19.95 4.95
CA LEU E 208 -17.14 20.78 4.93
C LEU E 208 -18.36 20.05 4.38
N ARG E 209 -18.18 19.30 3.30
CA ARG E 209 -19.29 18.55 2.71
C ARG E 209 -19.83 17.46 3.67
N PRO E 210 -18.95 16.61 4.24
CA PRO E 210 -19.52 15.71 5.26
C PRO E 210 -20.20 16.45 6.42
N LEU E 211 -19.60 17.54 6.88
CA LEU E 211 -20.14 18.32 7.99
C LEU E 211 -21.56 18.79 7.67
N ARG E 212 -21.75 19.39 6.50
CA ARG E 212 -23.11 19.76 6.03
C ARG E 212 -24.06 18.56 5.89
N ASN E 213 -23.64 17.57 5.12
CA ASN E 213 -24.49 16.43 4.83
C ASN E 213 -24.85 15.61 6.05
N HIS E 214 -23.89 15.39 6.94
CA HIS E 214 -24.16 14.63 8.15
C HIS E 214 -25.11 15.35 9.14
N LEU E 215 -24.90 16.65 9.34
CA LEU E 215 -25.73 17.42 10.25
C LEU E 215 -27.15 17.48 9.72
N HIS E 216 -27.27 17.73 8.43
CA HIS E 216 -28.58 17.75 7.83
C HIS E 216 -29.23 16.37 8.03
N ALA E 217 -28.47 15.29 7.81
CA ALA E 217 -29.04 13.95 8.02
C ALA E 217 -29.46 13.69 9.46
N ALA E 218 -28.87 14.39 10.42
CA ALA E 218 -29.24 14.18 11.82
C ALA E 218 -30.39 15.08 12.22
N GLY E 219 -30.98 15.73 11.22
CA GLY E 219 -32.07 16.67 11.43
C GLY E 219 -31.68 18.10 11.78
N ILE E 220 -30.41 18.45 11.61
CA ILE E 220 -29.97 19.84 11.76
C ILE E 220 -30.19 20.67 10.48
N PRO E 221 -31.02 21.74 10.56
CA PRO E 221 -31.40 22.56 9.43
C PRO E 221 -30.28 23.46 8.89
N VAL E 222 -29.14 22.84 8.59
CA VAL E 222 -28.05 23.45 7.86
C VAL E 222 -28.54 24.19 6.64
N GLU E 223 -27.94 25.34 6.37
CA GLU E 223 -28.14 26.01 5.09
C GLU E 223 -26.88 25.94 4.24
N GLY E 224 -25.73 25.85 4.90
CA GLY E 224 -24.49 25.73 4.19
C GLY E 224 -23.28 26.19 4.98
N THR E 225 -22.19 26.43 4.27
CA THR E 225 -20.98 26.92 4.88
C THR E 225 -20.52 28.08 4.03
N LYS E 226 -19.76 29.00 4.62
CA LYS E 226 -19.10 30.04 3.87
C LYS E 226 -17.70 30.33 4.41
N GLY E 227 -16.74 30.25 3.52
CA GLY E 227 -15.36 30.55 3.84
C GLY E 227 -15.18 32.01 4.15
N GLU E 228 -14.74 32.29 5.38
CA GLU E 228 -14.36 33.63 5.78
C GLU E 228 -13.10 34.10 5.06
N ALA E 229 -12.74 35.35 5.31
CA ALA E 229 -11.45 35.87 4.88
C ALA E 229 -10.34 35.35 5.81
N GLY E 230 -9.33 34.70 5.20
CA GLY E 230 -8.16 34.27 5.95
C GLY E 230 -7.84 32.79 5.93
N ALA E 231 -6.77 32.46 6.65
CA ALA E 231 -6.24 31.10 6.73
C ALA E 231 -7.28 30.12 7.25
N GLY E 232 -8.03 29.51 6.32
CA GLY E 232 -8.96 28.45 6.65
C GLY E 232 -10.03 28.81 7.66
N GLN E 233 -10.40 30.08 7.77
CA GLN E 233 -11.50 30.43 8.64
C GLN E 233 -12.82 30.15 7.92
N GLU E 234 -13.71 29.44 8.62
CA GLU E 234 -14.95 28.94 8.04
C GLU E 234 -16.16 29.38 8.86
N GLU E 235 -17.34 29.34 8.25
CA GLU E 235 -18.59 29.62 8.98
C GLU E 235 -19.65 28.60 8.64
N LEU E 236 -20.43 28.20 9.64
CA LEU E 236 -21.47 27.20 9.43
C LEU E 236 -22.84 27.80 9.70
N ASN E 237 -23.74 27.67 8.72
CA ASN E 237 -25.03 28.37 8.75
C ASN E 237 -26.22 27.45 8.99
N ILE E 238 -26.95 27.70 10.06
CA ILE E 238 -28.13 26.92 10.39
C ILE E 238 -29.37 27.80 10.48
N ARG E 239 -30.42 27.35 9.79
CA ARG E 239 -31.76 27.96 9.85
C ARG E 239 -32.17 28.35 11.26
N CYS E 240 -32.71 29.56 11.40
CA CYS E 240 -33.23 30.02 12.68
C CYS E 240 -34.31 29.08 13.18
N ALA E 241 -34.52 29.04 14.49
CA ALA E 241 -35.41 28.06 15.11
C ALA E 241 -35.87 28.48 16.51
N LYS E 242 -36.78 27.70 17.09
CA LYS E 242 -37.10 27.83 18.51
C LYS E 242 -35.77 27.90 19.28
N ALA E 243 -35.66 28.89 20.16
CA ALA E 243 -34.40 29.25 20.80
C ALA E 243 -33.67 28.04 21.42
N LEU E 244 -34.45 27.17 22.05
CA LEU E 244 -33.87 25.97 22.62
C LEU E 244 -33.27 25.09 21.52
N ASP E 245 -33.96 25.02 20.39
CA ASP E 245 -33.48 24.21 19.29
C ASP E 245 -32.14 24.70 18.76
N THR E 246 -32.06 26.01 18.55
CA THR E 246 -30.86 26.62 18.02
C THR E 246 -29.64 26.32 18.87
N ALA E 247 -29.82 26.40 20.19
CA ALA E 247 -28.72 26.15 21.11
C ALA E 247 -28.25 24.71 20.98
N ASP E 248 -29.20 23.80 20.92
CA ASP E 248 -28.90 22.39 20.70
C ASP E 248 -28.12 22.21 19.39
N TYR E 249 -28.68 22.72 18.29
CA TYR E 249 -28.02 22.69 16.99
C TYR E 249 -26.58 23.24 16.99
N HIS E 250 -26.40 24.37 17.66
CA HIS E 250 -25.10 25.03 17.79
C HIS E 250 -24.09 24.07 18.37
N THR E 251 -24.49 23.47 19.49
CA THR E 251 -23.71 22.50 20.22
C THR E 251 -23.43 21.22 19.44
N ILE E 252 -24.49 20.59 18.91
CA ILE E 252 -24.30 19.36 18.15
C ILE E 252 -23.39 19.60 16.96
N ALA E 253 -23.53 20.76 16.31
CA ALA E 253 -22.69 21.06 15.16
C ALA E 253 -21.21 21.26 15.56
N LYS E 254 -21.01 21.91 16.69
CA LYS E 254 -19.68 22.10 17.25
C LYS E 254 -19.03 20.73 17.45
N HIS E 255 -19.75 19.84 18.13
CA HIS E 255 -19.28 18.47 18.34
C HIS E 255 -19.01 17.72 17.03
N ALA E 256 -19.86 17.94 16.02
CA ALA E 256 -19.74 17.26 14.74
C ALA E 256 -18.54 17.80 13.98
N THR E 257 -18.39 19.12 14.00
CA THR E 257 -17.24 19.79 13.39
C THR E 257 -15.93 19.22 13.96
N LYS E 258 -15.86 19.06 15.27
CA LYS E 258 -14.64 18.51 15.85
C LYS E 258 -14.37 17.10 15.36
N GLU E 259 -15.39 16.25 15.40
CA GLU E 259 -15.23 14.84 15.05
C GLU E 259 -14.85 14.59 13.60
N ILE E 260 -15.53 15.29 12.69
CA ILE E 260 -15.37 15.03 11.27
C ILE E 260 -13.97 15.50 10.84
N ALA E 261 -13.56 16.62 11.44
CA ALA E 261 -12.23 17.17 11.22
C ALA E 261 -11.17 16.16 11.60
N TRP E 262 -11.24 15.69 12.82
CA TRP E 262 -10.32 14.64 13.26
C TRP E 262 -10.38 13.44 12.30
N GLN E 263 -11.59 13.00 11.95
CA GLN E 263 -11.76 11.89 11.03
C GLN E 263 -11.04 12.13 9.71
N GLN E 264 -10.97 13.38 9.26
CA GLN E 264 -10.21 13.72 8.05
C GLN E 264 -8.74 14.15 8.28
N GLY E 265 -8.19 13.92 9.47
CA GLY E 265 -6.80 14.31 9.69
C GLY E 265 -6.55 15.81 9.72
N ARG E 266 -7.60 16.60 9.95
CA ARG E 266 -7.49 18.04 10.10
C ARG E 266 -7.79 18.44 11.55
N ALA E 267 -7.30 19.58 11.97
CA ALA E 267 -7.66 20.05 13.29
C ALA E 267 -8.51 21.32 13.17
N VAL E 268 -9.44 21.45 14.09
CA VAL E 268 -10.38 22.56 14.07
C VAL E 268 -10.38 23.24 15.45
N THR E 269 -10.60 24.55 15.47
CA THR E 269 -10.66 25.33 16.72
C THR E 269 -11.70 26.43 16.74
N PHE E 270 -12.49 26.47 17.82
CA PHE E 270 -13.49 27.51 17.98
C PHE E 270 -12.98 28.60 18.90
N LEU E 271 -11.67 28.74 18.97
CA LEU E 271 -11.01 29.78 19.77
C LEU E 271 -11.39 31.14 19.26
N SER E 272 -11.69 32.05 20.19
CA SER E 272 -12.00 33.43 19.84
C SER E 272 -10.90 34.07 19.00
N LYS E 273 -9.65 33.79 19.36
CA LYS E 273 -8.51 34.35 18.68
C LYS E 273 -7.34 33.42 18.88
N TRP E 274 -6.95 32.69 17.83
CA TRP E 274 -5.95 31.68 18.02
C TRP E 274 -4.57 32.28 17.84
N HIS E 275 -4.50 33.41 17.16
CA HIS E 275 -3.22 34.08 16.92
C HIS E 275 -3.42 35.56 16.61
N HIS E 276 -2.51 36.39 17.12
CA HIS E 276 -2.60 37.84 16.95
C HIS E 276 -2.78 38.25 15.49
N ALA E 277 -1.99 37.63 14.63
CA ALA E 277 -1.95 37.96 13.21
C ALA E 277 -3.23 37.53 12.50
N HIS E 278 -3.92 36.54 13.03
CA HIS E 278 -5.13 36.07 12.39
C HIS E 278 -6.39 36.64 13.04
N ALA E 279 -7.45 36.79 12.25
CA ALA E 279 -8.66 37.46 12.70
C ALA E 279 -9.44 36.57 13.63
N GLY E 280 -10.27 37.17 14.47
CA GLY E 280 -11.04 36.44 15.45
C GLY E 280 -12.15 35.56 14.87
N SER E 281 -12.48 34.49 15.58
CA SER E 281 -13.64 33.70 15.18
C SER E 281 -14.81 34.11 16.06
N SER E 282 -15.87 34.58 15.41
CA SER E 282 -17.01 35.12 16.12
C SER E 282 -18.19 34.17 16.07
N SER E 283 -19.14 34.44 16.96
CA SER E 283 -20.37 33.68 17.01
C SER E 283 -21.58 34.61 17.17
N HIS E 284 -21.86 35.34 16.10
CA HIS E 284 -23.04 36.21 16.00
C HIS E 284 -24.33 35.45 16.38
N ILE E 285 -25.22 36.14 17.08
CA ILE E 285 -26.49 35.57 17.51
C ILE E 285 -27.66 36.45 17.01
N HIS E 286 -28.35 35.98 15.99
CA HIS E 286 -29.57 36.63 15.50
C HIS E 286 -30.73 36.25 16.42
N GLN E 287 -31.76 37.08 16.53
CA GLN E 287 -32.83 36.82 17.51
C GLN E 287 -34.11 37.62 17.30
N SER E 288 -35.25 36.98 17.56
CA SER E 288 -36.56 37.57 17.26
C SER E 288 -37.66 36.98 18.11
N LEU E 289 -38.67 37.79 18.40
CA LEU E 289 -39.81 37.37 19.21
C LEU E 289 -41.06 37.19 18.36
N TRP E 290 -41.89 36.21 18.72
CA TRP E 290 -43.05 35.92 17.90
C TRP E 290 -44.29 35.60 18.75
N LYS E 291 -45.44 36.12 18.33
CA LYS E 291 -46.69 35.97 19.07
C LYS E 291 -47.77 35.39 18.17
N GLN E 292 -48.22 34.19 18.52
CA GLN E 292 -49.22 33.48 17.73
C GLN E 292 -48.73 33.21 16.31
N GLY E 293 -47.43 33.37 16.08
CA GLY E 293 -46.84 33.15 14.78
C GLY E 293 -46.51 34.42 14.04
N LEU E 294 -46.60 35.55 14.73
CA LEU E 294 -46.41 36.85 14.10
C LEU E 294 -45.15 37.57 14.56
N PRO E 295 -44.45 38.21 13.62
CA PRO E 295 -43.25 38.99 13.96
C PRO E 295 -43.55 40.18 14.85
N ALA E 296 -43.54 39.96 16.16
CA ALA E 296 -43.69 41.00 17.15
C ALA E 296 -42.59 42.08 17.08
N PHE E 297 -41.55 41.86 16.29
CA PHE E 297 -40.55 42.90 16.06
C PHE E 297 -40.92 43.78 14.88
N HIS E 298 -42.00 43.43 14.18
CA HIS E 298 -42.39 44.18 12.99
C HIS E 298 -43.90 44.46 12.91
N LEU E 304 -39.99 52.50 10.24
CA LEU E 304 -38.79 51.70 10.02
C LEU E 304 -39.12 50.20 9.97
N GLY E 305 -40.32 49.86 10.42
CA GLY E 305 -40.73 48.47 10.47
C GLY E 305 -40.37 47.87 11.82
N MET E 306 -39.45 48.54 12.51
CA MET E 306 -39.08 48.15 13.87
C MET E 306 -40.20 48.44 14.85
N SER E 307 -40.72 47.38 15.48
CA SER E 307 -41.79 47.51 16.45
C SER E 307 -41.33 48.25 17.70
N ALA E 308 -42.29 48.65 18.54
CA ALA E 308 -41.99 49.31 19.81
C ALA E 308 -41.36 48.31 20.74
N LEU E 309 -41.88 47.09 20.66
CA LEU E 309 -41.39 45.94 21.42
C LEU E 309 -39.91 45.70 21.19
N MET E 310 -39.57 45.58 19.91
CA MET E 310 -38.20 45.44 19.46
C MET E 310 -37.32 46.62 19.93
N LYS E 311 -37.90 47.82 19.89
CA LYS E 311 -37.22 49.01 20.35
C LYS E 311 -36.91 48.93 21.84
N HIS E 312 -37.88 48.45 22.63
CA HIS E 312 -37.67 48.25 24.07
C HIS E 312 -36.60 47.19 24.34
N TYR E 313 -36.79 46.02 23.73
CA TYR E 313 -35.87 44.89 23.80
C TYR E 313 -34.44 45.31 23.45
N LEU E 314 -34.28 45.95 22.28
CA LEU E 314 -32.96 46.37 21.79
C LEU E 314 -32.30 47.37 22.73
N ALA E 315 -33.14 48.23 23.31
CA ALA E 315 -32.68 49.18 24.31
C ALA E 315 -32.15 48.42 25.53
N GLY E 316 -32.85 47.35 25.89
CA GLY E 316 -32.46 46.53 27.02
C GLY E 316 -31.12 45.84 26.81
N LEU E 317 -30.96 45.16 25.67
CA LEU E 317 -29.68 44.52 25.32
C LEU E 317 -28.55 45.53 25.42
N LEU E 318 -28.81 46.73 24.92
CA LEU E 318 -27.86 47.83 24.99
C LEU E 318 -27.51 48.21 26.43
N LYS E 319 -28.54 48.46 27.23
CA LYS E 319 -28.34 48.87 28.63
C LYS E 319 -27.61 47.80 29.45
N TYR E 320 -27.96 46.52 29.26
CA TYR E 320 -27.47 45.48 30.16
C TYR E 320 -26.35 44.62 29.56
N ALA E 321 -25.84 45.04 28.41
CA ALA E 321 -24.72 44.38 27.77
C ALA E 321 -23.50 44.12 28.69
N PRO E 322 -23.04 45.15 29.43
CA PRO E 322 -21.86 44.84 30.25
C PRO E 322 -22.07 43.73 31.27
N ASP E 323 -23.31 43.56 31.72
CA ASP E 323 -23.65 42.62 32.77
C ASP E 323 -23.44 41.17 32.37
N TYR E 324 -23.94 40.82 31.18
CA TYR E 324 -23.90 39.44 30.73
C TYR E 324 -22.71 39.14 29.80
N THR E 325 -21.88 40.15 29.58
CA THR E 325 -20.67 40.04 28.75
C THR E 325 -19.85 38.75 28.95
N TYR E 326 -19.81 38.29 30.19
CA TYR E 326 -19.11 37.07 30.52
C TYR E 326 -19.77 35.82 29.91
N PHE E 327 -21.07 35.91 29.64
CA PHE E 327 -21.77 34.79 29.00
C PHE E 327 -21.48 34.78 27.50
N LEU E 328 -20.93 35.88 27.00
CA LEU E 328 -20.52 35.99 25.61
C LEU E 328 -19.00 35.87 25.48
N ALA E 329 -18.33 35.96 26.62
CA ALA E 329 -16.89 35.96 26.70
C ALA E 329 -16.45 35.35 28.01
N PRO E 330 -16.37 34.00 28.05
CA PRO E 330 -16.14 33.24 29.28
C PRO E 330 -14.67 33.18 29.65
N TYR E 331 -13.81 33.24 28.65
CA TYR E 331 -12.41 32.94 28.86
C TYR E 331 -11.52 34.15 28.63
N LEU E 332 -10.29 34.04 29.11
CA LEU E 332 -9.29 35.07 28.97
C LEU E 332 -9.09 35.42 27.50
N ASN E 333 -8.97 34.37 26.69
CA ASN E 333 -8.78 34.47 25.26
C ASN E 333 -9.85 35.31 24.57
N SER E 334 -11.06 35.25 25.12
CA SER E 334 -12.20 35.91 24.50
C SER E 334 -11.97 37.39 24.26
N TYR E 335 -11.15 38.02 25.11
CA TYR E 335 -11.00 39.47 25.09
C TYR E 335 -9.88 39.91 24.13
N LYS E 336 -8.99 38.98 23.77
CA LYS E 336 -8.02 39.23 22.69
C LYS E 336 -8.67 39.60 21.35
N ARG E 337 -9.97 39.35 21.24
CA ARG E 337 -10.76 39.62 20.05
C ARG E 337 -11.39 41.01 20.16
N PHE E 338 -11.03 41.71 21.21
CA PHE E 338 -11.38 43.11 21.39
C PHE E 338 -10.11 43.95 21.54
N GLN E 339 -9.50 44.36 20.44
CA GLN E 339 -8.26 45.13 20.53
C GLN E 339 -8.00 45.94 19.27
N THR E 342 -8.35 49.06 16.83
CA THR E 342 -9.42 48.28 17.43
C THR E 342 -10.29 47.58 16.38
N PHE E 343 -11.31 48.29 15.91
CA PHE E 343 -12.22 47.85 14.86
C PHE E 343 -13.24 46.78 15.31
N ALA E 344 -12.96 46.13 16.43
CA ALA E 344 -13.87 45.15 17.03
C ALA E 344 -15.22 45.77 17.42
N PRO E 345 -16.26 44.94 17.61
CA PRO E 345 -17.57 45.46 18.05
C PRO E 345 -17.68 45.49 19.57
N THR E 346 -17.32 46.60 20.18
CA THR E 346 -17.32 46.70 21.64
C THR E 346 -18.29 47.76 22.13
N ARG E 347 -18.59 48.70 21.25
CA ARG E 347 -19.44 49.85 21.58
C ARG E 347 -20.82 49.37 21.94
N THR E 348 -21.25 49.78 23.11
CA THR E 348 -22.56 49.43 23.65
C THR E 348 -23.68 50.12 22.89
N VAL E 349 -23.55 50.15 21.56
CA VAL E 349 -24.53 50.80 20.68
C VAL E 349 -25.16 49.82 19.67
N TRP E 350 -26.02 50.35 18.82
CA TRP E 350 -26.64 49.53 17.78
C TRP E 350 -26.65 50.31 16.48
N SER E 351 -26.51 49.62 15.35
CA SER E 351 -26.46 50.31 14.08
C SER E 351 -27.09 49.47 12.95
N VAL E 352 -26.63 49.71 11.74
CA VAL E 352 -27.13 48.98 10.59
C VAL E 352 -25.95 48.38 9.83
N ASP E 353 -24.85 49.12 9.74
CA ASP E 353 -23.66 48.57 9.13
C ASP E 353 -22.36 48.97 9.84
N ASN E 354 -22.45 49.79 10.89
CA ASN E 354 -21.26 50.17 11.65
C ASN E 354 -20.58 48.97 12.33
N ARG E 355 -19.36 48.67 11.87
CA ARG E 355 -18.57 47.52 12.35
C ARG E 355 -18.19 47.61 13.83
N THR E 356 -18.31 48.80 14.40
CA THR E 356 -17.93 49.03 15.79
C THR E 356 -19.13 48.90 16.72
N ALA E 357 -20.31 48.77 16.14
CA ALA E 357 -21.53 48.61 16.94
C ALA E 357 -21.60 47.17 17.41
N GLY E 358 -21.89 46.94 18.68
CA GLY E 358 -22.02 45.59 19.19
C GLY E 358 -23.27 44.91 18.67
N PHE E 359 -24.11 45.68 18.00
CA PHE E 359 -25.42 45.20 17.58
C PHE E 359 -25.79 45.71 16.20
N ARG E 360 -26.17 44.79 15.32
CA ARG E 360 -26.59 45.17 13.98
C ARG E 360 -28.10 44.98 13.82
N LEU E 361 -28.78 46.04 13.40
CA LEU E 361 -30.15 45.92 12.93
C LEU E 361 -30.08 45.34 11.54
N CYS E 362 -30.76 44.23 11.31
CA CYS E 362 -30.49 43.44 10.13
C CYS E 362 -31.50 43.64 9.03
N ALA E 363 -32.68 43.05 9.19
CA ALA E 363 -33.65 43.06 8.09
C ALA E 363 -34.69 44.17 8.22
N GLU E 364 -34.21 45.40 8.39
CA GLU E 364 -35.01 46.62 8.39
C GLU E 364 -36.23 46.61 7.45
N GLY E 365 -37.38 47.04 7.96
CA GLY E 365 -38.63 47.09 7.20
C GLY E 365 -39.01 45.78 6.53
N THR E 366 -39.25 44.74 7.34
CA THR E 366 -39.49 43.39 6.85
C THR E 366 -40.23 42.57 7.88
N ARG E 367 -40.99 41.57 7.44
CA ARG E 367 -41.56 40.58 8.35
C ARG E 367 -40.46 39.66 8.90
N ALA E 368 -39.22 40.12 8.88
CA ALA E 368 -38.09 39.34 9.37
C ALA E 368 -37.05 40.20 10.05
N VAL E 369 -37.38 41.47 10.26
CA VAL E 369 -36.48 42.44 10.90
C VAL E 369 -35.96 41.88 12.24
N ARG E 370 -34.70 42.15 12.57
CA ARG E 370 -34.13 41.55 13.79
C ARG E 370 -32.85 42.19 14.32
N ILE E 371 -32.37 41.62 15.43
CA ILE E 371 -31.17 42.08 16.11
C ILE E 371 -30.05 41.04 16.05
N GLU E 372 -28.87 41.47 15.63
CA GLU E 372 -27.71 40.60 15.55
C GLU E 372 -26.66 41.03 16.57
N CYS E 373 -26.44 40.19 17.58
CA CYS E 373 -25.39 40.48 18.53
C CYS E 373 -24.07 40.06 17.91
N ARG E 374 -23.17 41.02 17.71
CA ARG E 374 -21.90 40.70 17.08
C ARG E 374 -20.80 40.58 18.12
N ILE E 375 -21.18 40.53 19.39
CA ILE E 375 -20.20 40.58 20.46
C ILE E 375 -19.48 39.25 20.72
N GLY E 376 -20.24 38.19 20.94
CA GLY E 376 -19.67 36.90 21.28
C GLY E 376 -18.79 36.28 20.21
N GLY E 377 -17.74 35.62 20.66
CA GLY E 377 -16.88 34.83 19.79
C GLY E 377 -17.30 33.39 19.81
N SER E 378 -16.68 32.59 18.96
CA SER E 378 -17.04 31.20 18.81
C SER E 378 -16.76 30.31 20.03
N ASP E 379 -16.17 30.87 21.08
CA ASP E 379 -15.85 30.06 22.24
C ASP E 379 -16.97 30.08 23.26
N LEU E 380 -18.09 30.69 22.90
CA LEU E 380 -19.16 30.88 23.87
C LEU E 380 -20.03 29.63 24.08
N ASN E 381 -20.78 29.66 25.18
CA ASN E 381 -21.83 28.70 25.46
C ASN E 381 -23.17 29.25 24.99
N PRO E 382 -23.83 28.53 24.05
CA PRO E 382 -25.10 28.91 23.39
C PRO E 382 -26.24 29.26 24.36
N TYR E 383 -26.49 28.36 25.31
CA TYR E 383 -27.57 28.54 26.25
C TYR E 383 -27.38 29.75 27.15
N LEU E 384 -26.15 29.95 27.66
CA LEU E 384 -25.82 31.09 28.52
C LEU E 384 -25.89 32.43 27.77
N ALA E 385 -25.13 32.52 26.68
CA ALA E 385 -25.23 33.60 25.71
C ALA E 385 -26.67 34.02 25.44
N MET E 386 -27.50 33.05 25.10
CA MET E 386 -28.89 33.38 24.81
C MET E 386 -29.63 33.78 26.08
N ALA E 387 -29.42 33.05 27.16
CA ALA E 387 -30.13 33.33 28.40
C ALA E 387 -29.89 34.79 28.80
N GLY E 388 -28.63 35.22 28.72
CA GLY E 388 -28.25 36.58 29.07
C GLY E 388 -28.95 37.66 28.26
N GLN E 389 -28.89 37.52 26.95
CA GLN E 389 -29.50 38.48 26.06
C GLN E 389 -31.02 38.51 26.25
N LEU E 390 -31.63 37.34 26.17
CA LEU E 390 -33.04 37.20 26.41
C LEU E 390 -33.45 37.93 27.69
N ALA E 391 -32.78 37.64 28.79
CA ALA E 391 -33.04 38.35 30.05
C ALA E 391 -32.94 39.86 29.88
N ALA E 392 -31.86 40.32 29.24
CA ALA E 392 -31.65 41.75 29.06
C ALA E 392 -32.83 42.39 28.32
N GLY E 393 -33.33 41.65 27.33
CA GLY E 393 -34.42 42.10 26.48
C GLY E 393 -35.78 42.08 27.14
N ILE E 394 -35.95 41.21 28.13
CA ILE E 394 -37.19 41.19 28.91
C ILE E 394 -37.29 42.41 29.83
N LYS E 395 -36.26 42.63 30.64
CA LYS E 395 -36.24 43.77 31.55
C LYS E 395 -36.26 45.08 30.79
N GLY E 396 -35.86 45.04 29.52
CA GLY E 396 -35.92 46.20 28.66
C GLY E 396 -37.33 46.44 28.18
N ILE E 397 -38.16 45.39 28.27
CA ILE E 397 -39.54 45.50 27.85
C ILE E 397 -40.39 45.78 29.08
N GLU E 398 -40.09 45.08 30.17
CA GLU E 398 -40.83 45.26 31.41
C GLU E 398 -40.67 46.68 31.96
N GLU E 399 -39.64 47.39 31.49
CA GLU E 399 -39.32 48.75 31.96
C GLU E 399 -39.49 49.82 30.85
N CYS E 400 -39.97 49.38 29.68
CA CYS E 400 -40.21 50.24 28.51
C CYS E 400 -39.14 51.30 28.24
N LEU E 401 -37.89 50.86 28.29
CA LEU E 401 -36.74 51.69 28.00
C LEU E 401 -36.83 52.32 26.60
N ALA E 402 -36.17 53.46 26.42
CA ALA E 402 -36.21 54.13 25.14
C ALA E 402 -34.96 53.83 24.33
N LEU E 403 -35.15 53.39 23.10
CA LEU E 403 -34.03 53.07 22.23
C LEU E 403 -33.26 54.30 21.85
N PRO E 404 -31.99 54.36 22.25
CA PRO E 404 -31.13 55.51 22.02
C PRO E 404 -30.80 55.66 20.54
N PRO E 405 -30.13 56.76 20.16
CA PRO E 405 -29.70 56.86 18.76
C PRO E 405 -28.76 55.73 18.33
N PRO E 406 -28.79 55.41 17.04
CA PRO E 406 -27.83 54.48 16.45
C PRO E 406 -26.47 55.15 16.35
N ALA E 407 -25.41 54.35 16.28
CA ALA E 407 -24.08 54.90 16.15
C ALA E 407 -23.55 54.58 14.77
N GLU E 408 -23.89 55.41 13.80
CA GLU E 408 -23.34 55.24 12.45
C GLU E 408 -21.89 55.72 12.38
N GLY E 409 -21.09 55.29 13.36
CA GLY E 409 -19.71 55.73 13.51
C GLY E 409 -19.46 56.49 14.80
N ASP E 410 -18.32 57.15 14.91
CA ASP E 410 -17.30 57.12 13.87
C ASP E 410 -16.03 56.48 14.40
N LEU E 418 -19.06 51.12 26.47
CA LEU E 418 -18.26 49.93 26.18
C LEU E 418 -18.44 48.80 27.18
N ILE E 419 -18.48 47.58 26.63
CA ILE E 419 -18.58 46.36 27.42
C ILE E 419 -17.25 46.10 28.11
N PRO E 420 -17.27 45.30 29.20
CA PRO E 420 -16.01 44.95 29.86
C PRO E 420 -14.94 44.50 28.87
N GLN E 421 -13.80 45.19 28.91
CA GLN E 421 -12.70 44.92 28.01
C GLN E 421 -11.82 43.77 28.51
N ASN E 422 -12.08 43.28 29.71
CA ASN E 422 -11.38 42.09 30.20
C ASN E 422 -12.18 41.22 31.19
N LEU E 423 -11.73 39.98 31.37
CA LEU E 423 -12.41 38.99 32.18
C LEU E 423 -12.69 39.47 33.60
N ARG E 424 -11.68 40.06 34.22
CA ARG E 424 -11.75 40.53 35.59
C ARG E 424 -12.90 41.52 35.72
N ASP E 425 -12.96 42.49 34.81
CA ASP E 425 -14.06 43.45 34.79
C ASP E 425 -15.42 42.83 34.50
N ALA E 426 -15.46 41.85 33.61
CA ALA E 426 -16.73 41.23 33.24
C ALA E 426 -17.29 40.35 34.35
N MET E 427 -16.40 39.75 35.12
CA MET E 427 -16.83 38.91 36.25
C MET E 427 -17.56 39.75 37.28
N GLU E 428 -16.96 40.86 37.68
CA GLU E 428 -17.57 41.69 38.72
C GLU E 428 -18.68 42.56 38.12
N ALA E 429 -18.67 42.74 36.80
CA ALA E 429 -19.84 43.27 36.08
C ALA E 429 -20.98 42.31 36.25
N LEU E 430 -20.69 41.01 36.12
CA LEU E 430 -21.67 39.96 36.35
C LEU E 430 -22.07 39.89 37.82
N ARG E 431 -21.10 40.00 38.71
CA ARG E 431 -21.37 39.85 40.14
C ARG E 431 -22.31 40.93 40.65
N GLY E 432 -22.23 42.12 40.05
CA GLY E 432 -23.00 43.26 40.48
C GLY E 432 -24.25 43.57 39.66
N SER E 433 -24.58 42.66 38.74
CA SER E 433 -25.76 42.82 37.91
C SER E 433 -27.04 42.37 38.61
N THR E 434 -27.74 43.32 39.25
CA THR E 434 -28.97 42.98 39.97
C THR E 434 -29.95 42.32 39.01
N MET E 435 -30.07 42.90 37.81
CA MET E 435 -30.93 42.36 36.76
C MET E 435 -30.72 40.87 36.50
N LEU E 436 -29.48 40.43 36.38
CA LEU E 436 -29.21 39.02 36.14
C LEU E 436 -29.54 38.15 37.38
N ARG E 437 -29.34 38.71 38.57
CA ARG E 437 -29.69 38.00 39.80
C ARG E 437 -31.19 37.84 39.97
N GLU E 438 -31.96 38.77 39.40
CA GLU E 438 -33.41 38.74 39.49
C GLU E 438 -34.00 37.68 38.56
N ALA E 439 -33.47 37.64 37.35
CA ALA E 439 -33.99 36.79 36.29
C ALA E 439 -33.57 35.34 36.48
N MET E 440 -32.30 35.15 36.87
CA MET E 440 -31.69 33.83 36.91
C MET E 440 -31.63 33.27 38.33
N GLY E 441 -31.39 34.14 39.30
CA GLY E 441 -31.30 33.74 40.68
C GLY E 441 -29.90 33.99 41.18
N GLU E 442 -29.79 34.44 42.43
CA GLU E 442 -28.50 34.68 43.08
C GLU E 442 -27.72 33.38 43.11
N ASP E 443 -28.44 32.27 43.28
CA ASP E 443 -27.81 30.95 43.33
C ASP E 443 -26.98 30.69 42.07
N VAL E 444 -27.56 30.94 40.90
CA VAL E 444 -26.85 30.63 39.66
C VAL E 444 -25.91 31.78 39.28
N VAL E 445 -26.24 33.03 39.62
CA VAL E 445 -25.33 34.11 39.30
C VAL E 445 -24.08 34.02 40.16
N ASP E 446 -24.25 33.69 41.44
CA ASP E 446 -23.10 33.45 42.31
C ASP E 446 -22.27 32.30 41.79
N HIS E 447 -22.94 31.32 41.22
CA HIS E 447 -22.26 30.17 40.69
C HIS E 447 -21.31 30.55 39.54
N TYR E 448 -21.77 31.37 38.59
CA TYR E 448 -20.93 31.69 37.45
C TYR E 448 -19.91 32.83 37.68
N VAL E 449 -20.13 33.67 38.69
CA VAL E 449 -19.08 34.59 39.12
C VAL E 449 -17.89 33.78 39.62
N ARG E 450 -18.19 32.69 40.33
CA ARG E 450 -17.13 31.82 40.84
C ARG E 450 -16.45 31.06 39.70
N ALA E 451 -17.21 30.68 38.68
CA ALA E 451 -16.62 30.06 37.49
C ALA E 451 -15.69 31.07 36.82
N ALA E 452 -16.08 32.33 36.84
CA ALA E 452 -15.24 33.39 36.31
C ALA E 452 -13.96 33.53 37.14
N GLU E 453 -14.12 33.61 38.46
CA GLU E 453 -12.98 33.71 39.39
C GLU E 453 -11.99 32.58 39.14
N VAL E 454 -12.49 31.35 39.04
CA VAL E 454 -11.63 30.18 38.95
C VAL E 454 -10.91 30.14 37.59
N GLU E 455 -11.50 30.73 36.57
CA GLU E 455 -10.83 30.85 35.28
C GLU E 455 -9.61 31.80 35.34
N LEU E 456 -9.80 32.93 36.01
CA LEU E 456 -8.75 33.91 36.20
C LEU E 456 -7.56 33.32 36.94
N GLU E 457 -7.86 32.55 37.98
CA GLU E 457 -6.82 32.04 38.83
C GLU E 457 -6.11 30.83 38.23
N ASP E 458 -6.72 30.18 37.25
CA ASP E 458 -6.03 29.10 36.58
C ASP E 458 -4.79 29.64 35.90
N PHE E 459 -4.92 30.83 35.32
CA PHE E 459 -3.82 31.51 34.67
C PHE E 459 -2.69 31.87 35.64
N GLN E 460 -3.04 32.27 36.85
CA GLN E 460 -2.04 32.62 37.84
C GLN E 460 -1.24 31.40 38.27
N ARG E 461 -1.73 30.21 37.90
CA ARG E 461 -1.09 28.98 38.31
C ARG E 461 -0.19 28.37 37.21
N VAL E 462 -0.16 29.01 36.04
CA VAL E 462 0.64 28.56 34.91
C VAL E 462 1.47 29.72 34.39
N VAL E 463 2.74 29.48 34.05
CA VAL E 463 3.57 30.55 33.48
C VAL E 463 3.61 30.43 31.95
N SER E 464 3.04 31.42 31.28
CA SER E 464 2.90 31.38 29.83
C SER E 464 4.21 31.65 29.15
N ASP E 465 4.28 31.32 27.86
CA ASP E 465 5.46 31.61 27.07
C ASP E 465 5.62 33.12 26.87
N TYR E 466 4.49 33.83 26.76
CA TYR E 466 4.53 35.29 26.64
C TYR E 466 5.33 35.85 27.83
N GLU E 467 5.13 35.26 29.01
CA GLU E 467 5.77 35.75 30.21
C GLU E 467 7.26 35.45 30.23
N VAL E 468 7.61 34.24 29.78
CA VAL E 468 9.01 33.81 29.76
C VAL E 468 9.76 34.65 28.73
N ALA E 469 9.16 34.82 27.56
CA ALA E 469 9.79 35.54 26.47
C ALA E 469 10.04 36.99 26.84
N ARG E 470 9.05 37.63 27.46
CA ARG E 470 9.23 39.01 27.89
C ARG E 470 10.27 39.06 28.99
N GLY E 471 10.34 38.03 29.81
CA GLY E 471 11.24 37.98 30.95
C GLY E 471 12.70 38.05 30.60
N PHE E 472 13.17 37.14 29.76
CA PHE E 472 14.51 37.27 29.16
C PHE E 472 14.79 38.62 28.43
N GLU E 473 13.76 39.49 28.38
CA GLU E 473 13.78 40.85 27.85
C GLU E 473 13.64 40.84 26.34
N LEU F 27 -28.28 22.99 -17.09
CA LEU F 27 -28.97 22.29 -16.00
C LEU F 27 -30.19 23.09 -15.51
N ALA F 28 -31.34 22.42 -15.38
CA ALA F 28 -32.63 23.09 -15.12
C ALA F 28 -33.12 22.94 -13.68
N LEU F 29 -34.02 23.82 -13.24
CA LEU F 29 -34.38 23.94 -11.82
C LEU F 29 -34.99 22.68 -11.21
N ASP F 30 -36.13 22.25 -11.72
CA ASP F 30 -36.75 21.06 -11.19
C ASP F 30 -35.99 19.82 -11.63
N ASP F 31 -35.03 20.00 -12.55
CA ASP F 31 -34.15 18.90 -12.91
C ASP F 31 -33.06 18.73 -11.86
N LEU F 32 -32.75 19.82 -11.16
CA LEU F 32 -31.80 19.76 -10.07
C LEU F 32 -32.48 19.12 -8.86
N LYS F 33 -33.70 19.59 -8.59
CA LYS F 33 -34.51 19.11 -7.46
C LYS F 33 -34.66 17.60 -7.48
N THR F 34 -34.85 17.03 -8.67
CA THR F 34 -34.82 15.58 -8.86
C THR F 34 -33.50 15.00 -8.36
N ARG F 35 -32.41 15.58 -8.85
CA ARG F 35 -31.08 15.11 -8.52
C ARG F 35 -30.77 15.31 -7.04
N VAL F 36 -31.36 16.33 -6.44
CA VAL F 36 -31.22 16.44 -5.00
C VAL F 36 -31.95 15.27 -4.37
N GLU F 37 -33.25 15.15 -4.65
CA GLU F 37 -34.05 13.98 -4.24
C GLU F 37 -33.33 12.67 -4.61
N SER F 38 -32.84 12.59 -5.84
CA SER F 38 -31.99 11.48 -6.28
C SER F 38 -30.86 11.13 -5.33
N GLY F 39 -30.33 12.16 -4.66
CA GLY F 39 -29.19 12.03 -3.79
C GLY F 39 -27.91 12.20 -4.59
N GLU F 40 -28.03 12.66 -5.82
CA GLU F 40 -26.85 12.89 -6.66
C GLU F 40 -26.22 14.25 -6.42
N ILE F 41 -27.01 15.21 -5.93
CA ILE F 41 -26.51 16.54 -5.72
C ILE F 41 -26.82 16.95 -4.30
N ASP F 42 -25.78 17.27 -3.53
CA ASP F 42 -26.03 17.70 -2.16
C ASP F 42 -25.44 19.08 -1.91
N THR F 43 -24.74 19.59 -2.91
CA THR F 43 -24.05 20.85 -2.74
C THR F 43 -24.29 21.80 -3.90
N VAL F 44 -24.71 23.02 -3.60
CA VAL F 44 -24.84 24.05 -4.61
C VAL F 44 -23.95 25.25 -4.26
N LEU F 45 -22.86 25.43 -5.03
CA LEU F 45 -22.03 26.65 -4.95
C LEU F 45 -22.76 27.89 -5.46
N VAL F 46 -23.17 28.76 -4.55
CA VAL F 46 -23.88 29.97 -4.92
C VAL F 46 -22.88 31.14 -5.05
N CYS F 47 -22.55 31.51 -6.29
CA CYS F 47 -21.39 32.34 -6.57
C CYS F 47 -21.64 33.70 -7.20
N ILE F 48 -20.67 34.60 -7.00
CA ILE F 48 -20.58 35.79 -7.81
C ILE F 48 -19.11 35.92 -8.19
N VAL F 49 -18.81 36.63 -9.28
CA VAL F 49 -17.42 36.82 -9.65
C VAL F 49 -16.87 38.11 -9.03
N ASP F 50 -15.74 38.02 -8.35
CA ASP F 50 -15.19 39.19 -7.68
C ASP F 50 -14.26 39.94 -8.63
N MET F 51 -13.56 40.97 -8.15
CA MET F 51 -12.74 41.80 -9.03
C MET F 51 -11.54 41.09 -9.63
N GLN F 52 -10.98 40.13 -8.90
CA GLN F 52 -9.80 39.39 -9.35
C GLN F 52 -10.20 38.24 -10.26
N GLY F 53 -11.49 38.14 -10.54
CA GLY F 53 -12.00 37.15 -11.46
C GLY F 53 -12.34 35.84 -10.77
N ARG F 54 -12.26 35.82 -9.45
CA ARG F 54 -12.53 34.60 -8.69
C ARG F 54 -14.00 34.41 -8.36
N LEU F 55 -14.48 33.18 -8.50
CA LEU F 55 -15.79 32.77 -7.99
C LEU F 55 -15.80 32.79 -6.45
N MET F 56 -16.83 33.38 -5.86
CA MET F 56 -16.85 33.71 -4.43
C MET F 56 -18.25 33.54 -3.83
N GLY F 57 -18.32 33.15 -2.56
CA GLY F 57 -19.60 33.12 -1.88
C GLY F 57 -19.88 31.91 -1.01
N LYS F 58 -21.10 31.38 -1.09
CA LYS F 58 -21.55 30.33 -0.19
C LYS F 58 -21.69 28.96 -0.81
N ARG F 59 -21.42 27.94 0.02
CA ARG F 59 -21.70 26.55 -0.31
C ARG F 59 -22.94 26.04 0.45
N LEU F 60 -24.10 26.11 -0.22
CA LEU F 60 -25.35 25.72 0.43
C LEU F 60 -25.60 24.23 0.31
N HIS F 61 -26.29 23.69 1.31
CA HIS F 61 -26.83 22.35 1.19
C HIS F 61 -27.87 22.42 0.09
N ALA F 62 -27.82 21.48 -0.84
CA ALA F 62 -28.65 21.56 -2.03
C ALA F 62 -30.11 21.47 -1.66
N ARG F 63 -30.42 20.74 -0.60
CA ARG F 63 -31.80 20.69 -0.17
C ARG F 63 -32.21 22.09 0.26
N HIS F 64 -31.31 22.80 0.92
CA HIS F 64 -31.61 24.19 1.25
C HIS F 64 -31.80 25.05 0.00
N PHE F 65 -30.92 24.86 -0.98
CA PHE F 65 -30.93 25.69 -2.15
C PHE F 65 -32.30 25.71 -2.85
N VAL F 66 -32.91 24.53 -2.98
CA VAL F 66 -34.08 24.37 -3.81
C VAL F 66 -35.36 24.71 -3.09
N ASP F 67 -35.30 24.86 -1.77
CA ASP F 67 -36.46 25.28 -0.97
C ASP F 67 -36.39 26.76 -0.56
N HIS F 68 -35.21 27.34 -0.64
CA HIS F 68 -35.05 28.70 -0.17
C HIS F 68 -33.95 29.45 -0.93
N GLY F 69 -32.76 28.88 -0.98
CA GLY F 69 -31.59 29.58 -1.46
C GLY F 69 -31.57 29.98 -2.92
N TRP F 70 -32.53 29.50 -3.69
CA TRP F 70 -32.55 29.75 -5.12
C TRP F 70 -33.17 31.11 -5.39
N GLU F 71 -34.04 31.52 -4.48
CA GLU F 71 -34.67 32.84 -4.56
C GLU F 71 -33.62 33.89 -4.20
N GLU F 72 -33.02 33.76 -3.02
CA GLU F 72 -31.92 34.63 -2.67
C GLU F 72 -31.10 34.18 -1.49
N THR F 73 -29.96 34.83 -1.36
CA THR F 73 -28.97 34.61 -0.30
C THR F 73 -28.43 36.00 0.07
N HIS F 74 -27.64 36.11 1.14
CA HIS F 74 -27.04 37.38 1.47
C HIS F 74 -25.52 37.26 1.62
N CYS F 75 -24.83 38.40 1.64
CA CYS F 75 -23.41 38.42 1.23
C CYS F 75 -22.56 39.44 1.98
N CYS F 76 -21.39 39.71 1.40
CA CYS F 76 -20.45 40.73 1.88
C CYS F 76 -20.11 41.71 0.75
N ASN F 77 -19.53 42.85 1.11
CA ASN F 77 -19.25 43.90 0.13
C ASN F 77 -17.81 43.88 -0.37
N TYR F 78 -17.56 43.26 -1.53
CA TYR F 78 -16.24 43.24 -2.12
C TYR F 78 -16.06 44.44 -3.07
N TYR F 104 -25.33 43.22 0.91
CA TYR F 104 -25.67 42.89 -0.47
C TYR F 104 -26.45 41.57 -0.61
N ILE F 105 -27.38 41.53 -1.56
CA ILE F 105 -28.07 40.28 -1.88
C ILE F 105 -27.34 39.51 -2.98
N MET F 106 -27.37 38.18 -2.91
CA MET F 106 -26.99 37.35 -4.04
C MET F 106 -28.22 36.73 -4.69
N LYS F 107 -28.67 37.27 -5.83
CA LYS F 107 -29.82 36.66 -6.53
C LYS F 107 -29.33 35.65 -7.57
N PRO F 108 -29.58 34.37 -7.31
CA PRO F 108 -29.18 33.30 -8.23
C PRO F 108 -29.91 33.42 -9.56
N ASP F 109 -29.13 33.36 -10.64
CA ASP F 109 -29.65 33.34 -11.99
C ASP F 109 -29.75 31.91 -12.49
N LEU F 110 -30.93 31.32 -12.34
CA LEU F 110 -31.16 29.89 -12.56
C LEU F 110 -30.67 29.42 -13.94
N ALA F 111 -30.52 30.35 -14.88
CA ALA F 111 -30.03 30.00 -16.20
C ALA F 111 -28.53 29.79 -16.18
N THR F 112 -27.92 29.94 -15.02
CA THR F 112 -26.49 29.70 -14.92
C THR F 112 -26.21 28.38 -14.26
N LEU F 113 -27.27 27.67 -13.84
CA LEU F 113 -27.11 26.42 -13.11
C LEU F 113 -26.27 25.44 -13.91
N ARG F 114 -25.24 24.87 -13.30
CA ARG F 114 -24.32 23.93 -13.95
C ARG F 114 -23.97 22.82 -13.00
N CYS F 115 -23.71 21.63 -13.55
CA CYS F 115 -23.04 20.61 -12.76
C CYS F 115 -21.55 20.92 -12.76
N VAL F 116 -20.92 20.67 -11.61
CA VAL F 116 -19.49 20.82 -11.42
C VAL F 116 -18.84 19.43 -11.32
N PRO F 117 -18.61 18.75 -12.46
CA PRO F 117 -18.21 17.33 -12.49
C PRO F 117 -16.88 17.04 -11.81
N TRP F 118 -16.06 18.05 -11.52
CA TRP F 118 -14.80 17.75 -10.86
C TRP F 118 -14.92 17.74 -9.34
N LEU F 119 -15.89 18.48 -8.83
CA LEU F 119 -16.32 18.28 -7.46
C LEU F 119 -17.39 17.20 -7.46
N GLU F 120 -17.65 16.59 -6.31
CA GLU F 120 -18.56 15.48 -6.25
C GLU F 120 -19.87 15.94 -5.64
N GLY F 121 -20.99 15.42 -6.14
CA GLY F 121 -22.30 15.85 -5.71
C GLY F 121 -22.60 17.35 -5.81
N THR F 122 -22.01 18.02 -6.77
CA THR F 122 -21.94 19.48 -6.69
C THR F 122 -22.36 20.24 -7.94
N ALA F 123 -23.25 21.20 -7.73
CA ALA F 123 -23.70 22.09 -8.80
C ALA F 123 -23.36 23.55 -8.43
N MET F 124 -23.36 24.44 -9.41
CA MET F 124 -23.05 25.84 -9.15
C MET F 124 -24.10 26.74 -9.79
N VAL F 125 -24.23 27.94 -9.25
CA VAL F 125 -25.10 28.94 -9.84
C VAL F 125 -24.39 30.30 -9.75
N LEU F 126 -24.41 31.05 -10.86
CA LEU F 126 -23.92 32.42 -10.85
C LEU F 126 -25.04 33.35 -10.40
N CYS F 127 -24.69 34.39 -9.64
CA CYS F 127 -25.69 35.32 -9.08
C CYS F 127 -25.49 36.78 -9.49
N ASP F 128 -26.51 37.58 -9.22
CA ASP F 128 -26.43 39.03 -9.38
C ASP F 128 -26.38 39.66 -8.00
N LEU F 129 -25.43 40.55 -7.77
CA LEU F 129 -25.28 41.16 -6.47
C LEU F 129 -26.11 42.45 -6.35
N LEU F 130 -26.96 42.53 -5.31
CA LEU F 130 -27.88 43.67 -5.14
C LEU F 130 -27.71 44.43 -3.82
N HIS F 135 -32.59 48.76 -3.51
CA HIS F 135 -32.66 47.31 -3.62
C HIS F 135 -32.13 46.85 -5.00
N ALA F 136 -31.29 47.68 -5.62
CA ALA F 136 -30.83 47.42 -6.98
C ALA F 136 -29.43 46.78 -7.06
N GLU F 137 -28.99 46.58 -8.29
CA GLU F 137 -27.74 45.90 -8.61
C GLU F 137 -26.50 46.73 -8.30
N VAL F 138 -25.55 46.16 -7.58
CA VAL F 138 -24.28 46.80 -7.32
C VAL F 138 -23.54 46.98 -8.65
N PRO F 139 -23.16 48.22 -8.95
CA PRO F 139 -22.64 48.58 -10.27
C PRO F 139 -21.19 48.14 -10.55
N HIS F 140 -20.34 48.12 -9.53
CA HIS F 140 -18.94 47.74 -9.74
C HIS F 140 -18.68 46.23 -9.69
N ALA F 141 -19.75 45.44 -9.61
CA ALA F 141 -19.61 43.98 -9.70
C ALA F 141 -19.35 43.64 -11.16
N PRO F 142 -18.20 43.00 -11.42
CA PRO F 142 -17.67 42.83 -12.79
C PRO F 142 -18.71 42.28 -13.79
N ARG F 143 -19.51 41.31 -13.36
CA ARG F 143 -20.63 40.80 -14.16
C ARG F 143 -21.67 41.89 -14.53
N ALA F 144 -21.96 42.78 -13.58
CA ALA F 144 -22.91 43.87 -13.85
C ALA F 144 -22.34 44.85 -14.87
N ILE F 145 -21.02 45.02 -14.85
CA ILE F 145 -20.35 46.00 -15.70
C ILE F 145 -20.38 45.58 -17.14
N LEU F 146 -20.06 44.32 -17.41
CA LEU F 146 -20.07 43.83 -18.78
C LEU F 146 -21.49 43.81 -19.35
N LYS F 147 -22.47 43.53 -18.51
CA LYS F 147 -23.86 43.45 -18.96
C LYS F 147 -24.35 44.82 -19.38
N ARG F 148 -23.86 45.86 -18.71
CA ARG F 148 -24.19 47.23 -19.10
C ARG F 148 -23.72 47.47 -20.54
N GLN F 149 -22.45 47.23 -20.77
CA GLN F 149 -21.87 47.35 -22.10
C GLN F 149 -22.61 46.51 -23.12
N LEU F 150 -23.00 45.30 -22.74
CA LEU F 150 -23.79 44.43 -23.61
C LEU F 150 -25.17 45.01 -23.92
N ALA F 151 -25.81 45.55 -22.90
CA ALA F 151 -27.14 46.15 -23.05
C ALA F 151 -27.15 47.34 -24.01
N ARG F 152 -26.03 48.05 -24.10
CA ARG F 152 -25.88 49.13 -25.05
C ARG F 152 -25.83 48.61 -26.47
N LEU F 153 -25.01 47.59 -26.69
CA LEU F 153 -24.93 46.94 -28.00
C LEU F 153 -26.29 46.47 -28.51
N GLU F 154 -27.11 45.94 -27.62
CA GLU F 154 -28.44 45.46 -27.99
C GLU F 154 -29.30 46.64 -28.44
N ALA F 155 -28.98 47.82 -27.92
CA ALA F 155 -29.67 49.04 -28.27
C ALA F 155 -29.09 49.63 -29.55
N MET F 156 -28.45 48.78 -30.33
CA MET F 156 -27.88 49.14 -31.62
C MET F 156 -28.27 48.05 -32.60
N GLY F 157 -28.93 47.02 -32.07
CA GLY F 157 -29.29 45.85 -32.86
C GLY F 157 -28.13 44.90 -33.00
N LEU F 158 -27.16 45.05 -32.11
CA LEU F 158 -25.94 44.27 -32.18
C LEU F 158 -25.78 43.27 -31.02
N GLU F 159 -25.16 42.13 -31.30
CA GLU F 159 -24.82 41.17 -30.26
C GLU F 159 -23.32 40.85 -30.38
N ALA F 160 -22.66 40.63 -29.24
CA ALA F 160 -21.23 40.42 -29.21
C ALA F 160 -20.86 38.93 -29.10
N ILE F 161 -20.04 38.45 -30.03
CA ILE F 161 -19.57 37.06 -30.02
C ILE F 161 -18.08 37.09 -29.73
N MET F 162 -17.70 36.43 -28.64
CA MET F 162 -16.35 36.58 -28.15
C MET F 162 -15.70 35.25 -27.85
N ALA F 163 -14.37 35.27 -27.81
CA ALA F 163 -13.60 34.12 -27.38
C ALA F 163 -12.38 34.57 -26.54
N THR F 164 -11.92 33.70 -25.65
CA THR F 164 -10.69 33.91 -24.92
C THR F 164 -9.81 32.66 -25.05
N GLU F 165 -8.51 32.85 -25.25
CA GLU F 165 -7.56 31.74 -25.23
C GLU F 165 -6.75 31.84 -23.94
N LEU F 166 -7.09 30.97 -22.98
CA LEU F 166 -6.59 31.01 -21.62
C LEU F 166 -5.37 30.14 -21.39
N GLU F 167 -4.23 30.76 -21.08
CA GLU F 167 -2.97 30.04 -20.86
C GLU F 167 -2.55 29.96 -19.40
N PHE F 168 -1.80 28.92 -19.08
CA PHE F 168 -1.36 28.76 -17.71
C PHE F 168 -0.08 27.95 -17.67
N PHE F 169 0.57 27.94 -16.53
CA PHE F 169 1.77 27.15 -16.40
C PHE F 169 1.49 25.96 -15.52
N LEU F 170 1.65 24.78 -16.10
CA LEU F 170 1.42 23.57 -15.33
C LEU F 170 2.76 23.14 -14.77
N PHE F 171 2.87 23.06 -13.44
CA PHE F 171 4.14 22.74 -12.78
C PHE F 171 4.29 21.28 -12.34
N GLU F 172 5.55 20.85 -12.28
CA GLU F 172 5.90 19.49 -11.87
C GLU F 172 5.57 19.25 -10.40
N LYS F 173 6.07 20.12 -9.53
CA LYS F 173 5.85 19.97 -8.09
C LYS F 173 4.38 20.19 -7.74
N SER F 174 4.05 19.98 -6.47
CA SER F 174 2.67 19.99 -6.01
C SER F 174 2.37 21.12 -5.02
N LEU F 175 2.03 22.29 -5.53
CA LEU F 175 1.75 23.48 -4.72
C LEU F 175 2.65 23.63 -3.49
N ASP F 176 3.96 23.75 -3.72
CA ASP F 176 4.93 24.09 -2.68
C ASP F 176 5.78 25.29 -3.10
N THR F 201 4.30 13.88 -22.17
CA THR F 201 3.09 13.94 -22.99
C THR F 201 1.91 13.22 -22.32
N THR F 202 2.16 11.99 -21.88
CA THR F 202 1.22 11.25 -21.06
C THR F 202 1.12 11.98 -19.75
N LYS F 203 2.23 12.64 -19.37
CA LYS F 203 2.33 13.33 -18.10
C LYS F 203 1.33 14.48 -18.01
N GLU F 204 1.28 15.29 -19.06
CA GLU F 204 0.41 16.46 -19.11
C GLU F 204 -1.04 16.02 -19.10
N GLU F 205 -1.33 14.99 -19.87
CA GLU F 205 -2.69 14.56 -20.13
C GLU F 205 -3.38 14.09 -18.82
N HIS F 206 -2.58 13.76 -17.84
CA HIS F 206 -3.07 13.41 -16.51
C HIS F 206 -3.95 14.54 -15.93
N VAL F 207 -3.56 15.79 -16.17
CA VAL F 207 -4.34 16.95 -15.79
C VAL F 207 -5.27 17.44 -16.92
N LEU F 208 -4.68 17.64 -18.11
CA LEU F 208 -5.39 18.20 -19.26
C LEU F 208 -6.59 17.36 -19.79
N ARG F 209 -6.49 16.03 -19.85
CA ARG F 209 -7.62 15.27 -20.36
C ARG F 209 -8.83 15.34 -19.42
N PRO F 210 -8.63 15.12 -18.10
CA PRO F 210 -9.75 15.39 -17.19
C PRO F 210 -10.28 16.81 -17.32
N LEU F 211 -9.40 17.81 -17.43
CA LEU F 211 -9.81 19.22 -17.55
C LEU F 211 -10.77 19.40 -18.72
N ARG F 212 -10.32 18.95 -19.87
CA ARG F 212 -11.11 18.94 -21.10
C ARG F 212 -12.43 18.21 -20.93
N ASN F 213 -12.37 16.97 -20.48
CA ASN F 213 -13.57 16.16 -20.43
C ASN F 213 -14.62 16.73 -19.43
N HIS F 214 -14.16 17.23 -18.29
CA HIS F 214 -15.07 17.77 -17.27
C HIS F 214 -15.76 19.06 -17.70
N LEU F 215 -15.01 19.97 -18.29
CA LEU F 215 -15.60 21.18 -18.79
C LEU F 215 -16.67 20.87 -19.82
N HIS F 216 -16.36 19.95 -20.72
CA HIS F 216 -17.34 19.61 -21.73
C HIS F 216 -18.59 19.02 -21.08
N ALA F 217 -18.40 18.19 -20.08
CA ALA F 217 -19.53 17.54 -19.44
C ALA F 217 -20.40 18.58 -18.76
N ALA F 218 -19.77 19.64 -18.23
CA ALA F 218 -20.47 20.69 -17.50
C ALA F 218 -21.15 21.72 -18.41
N GLY F 219 -21.02 21.54 -19.72
CA GLY F 219 -21.69 22.42 -20.64
C GLY F 219 -20.82 23.52 -21.22
N ILE F 220 -19.51 23.45 -21.00
CA ILE F 220 -18.61 24.45 -21.58
C ILE F 220 -18.17 23.98 -22.96
N PRO F 221 -18.23 24.85 -23.96
CA PRO F 221 -17.90 24.39 -25.32
C PRO F 221 -16.38 24.36 -25.60
N VAL F 222 -15.72 23.36 -25.02
CA VAL F 222 -14.31 23.07 -25.22
C VAL F 222 -13.99 22.60 -26.64
N GLU F 223 -12.92 23.15 -27.22
CA GLU F 223 -12.38 22.68 -28.49
C GLU F 223 -11.22 21.72 -28.19
N GLY F 224 -10.45 22.07 -27.17
CA GLY F 224 -9.31 21.26 -26.78
C GLY F 224 -8.23 22.04 -26.08
N THR F 225 -7.11 21.37 -25.83
CA THR F 225 -5.93 22.01 -25.28
C THR F 225 -4.82 22.06 -26.33
N LYS F 226 -3.83 22.89 -26.04
CA LYS F 226 -2.71 23.13 -26.93
C LYS F 226 -1.46 23.34 -26.09
N GLY F 227 -0.46 22.49 -26.27
CA GLY F 227 0.80 22.68 -25.59
C GLY F 227 1.42 23.96 -26.13
N GLU F 228 2.34 24.55 -25.40
CA GLU F 228 2.89 25.79 -25.90
C GLU F 228 4.34 26.01 -25.57
N ALA F 229 4.75 27.26 -25.76
CA ALA F 229 6.14 27.71 -25.67
C ALA F 229 6.84 27.18 -24.45
N GLY F 230 6.20 27.32 -23.29
CA GLY F 230 6.77 26.85 -22.04
C GLY F 230 6.81 25.35 -21.92
N ALA F 231 7.68 24.87 -21.04
CA ALA F 231 7.77 23.45 -20.69
C ALA F 231 6.41 22.98 -20.20
N GLY F 232 5.88 23.71 -19.23
CA GLY F 232 4.58 23.38 -18.68
C GLY F 232 3.57 24.44 -19.04
N GLN F 233 3.73 25.08 -20.20
CA GLN F 233 2.74 26.06 -20.60
C GLN F 233 1.74 25.44 -21.56
N GLU F 234 0.50 25.87 -21.40
CA GLU F 234 -0.64 25.25 -22.04
C GLU F 234 -1.63 26.30 -22.46
N GLU F 235 -2.55 25.92 -23.33
CA GLU F 235 -3.65 26.81 -23.68
C GLU F 235 -4.95 26.04 -23.73
N LEU F 236 -5.98 26.57 -23.08
CA LEU F 236 -7.31 25.99 -23.18
C LEU F 236 -8.17 26.75 -24.19
N ASN F 237 -8.80 26.03 -25.12
CA ASN F 237 -9.58 26.66 -26.18
C ASN F 237 -11.04 26.31 -26.13
N ILE F 238 -11.86 27.33 -25.91
CA ILE F 238 -13.31 27.22 -25.86
C ILE F 238 -13.95 27.83 -27.11
N ARG F 239 -14.94 27.11 -27.67
CA ARG F 239 -15.75 27.65 -28.75
C ARG F 239 -16.28 29.04 -28.39
N CYS F 240 -16.20 29.98 -29.33
CA CYS F 240 -16.70 31.33 -29.13
C CYS F 240 -18.20 31.33 -28.82
N ALA F 241 -18.64 32.27 -28.01
CA ALA F 241 -20.03 32.32 -27.56
C ALA F 241 -20.50 33.76 -27.43
N LYS F 242 -21.75 33.92 -27.01
CA LYS F 242 -22.26 35.23 -26.67
C LYS F 242 -21.38 35.77 -25.56
N ALA F 243 -21.02 37.06 -25.68
CA ALA F 243 -20.04 37.72 -24.82
C ALA F 243 -20.05 37.24 -23.37
N LEU F 244 -21.25 37.21 -22.78
CA LEU F 244 -21.39 36.93 -21.37
C LEU F 244 -21.19 35.46 -21.06
N ASP F 245 -21.57 34.58 -22.00
CA ASP F 245 -21.33 33.16 -21.84
C ASP F 245 -19.83 32.92 -21.80
N THR F 246 -19.13 33.63 -22.67
CA THR F 246 -17.69 33.47 -22.82
C THR F 246 -16.96 33.76 -21.51
N ALA F 247 -17.43 34.79 -20.80
CA ALA F 247 -16.73 35.20 -19.58
C ALA F 247 -17.04 34.25 -18.44
N ASP F 248 -18.25 33.73 -18.42
CA ASP F 248 -18.56 32.64 -17.52
C ASP F 248 -17.68 31.46 -17.84
N TYR F 249 -17.52 31.16 -19.13
CA TYR F 249 -16.68 30.02 -19.55
C TYR F 249 -15.24 30.20 -19.07
N HIS F 250 -14.72 31.41 -19.25
CA HIS F 250 -13.39 31.77 -18.81
C HIS F 250 -13.19 31.51 -17.33
N THR F 251 -13.92 32.28 -16.53
CA THR F 251 -14.00 32.14 -15.09
C THR F 251 -14.17 30.68 -14.64
N ILE F 252 -15.15 29.97 -15.19
CA ILE F 252 -15.39 28.60 -14.78
C ILE F 252 -14.25 27.66 -15.21
N ALA F 253 -13.67 27.89 -16.39
CA ALA F 253 -12.53 27.09 -16.82
C ALA F 253 -11.38 27.28 -15.88
N LYS F 254 -11.09 28.53 -15.55
CA LYS F 254 -9.99 28.84 -14.67
C LYS F 254 -10.17 28.12 -13.33
N HIS F 255 -11.39 28.07 -12.82
CA HIS F 255 -11.64 27.38 -11.54
C HIS F 255 -11.33 25.90 -11.67
N ALA F 256 -11.87 25.26 -12.72
CA ALA F 256 -11.69 23.81 -12.90
C ALA F 256 -10.21 23.45 -13.10
N THR F 257 -9.45 24.36 -13.74
CA THR F 257 -8.05 24.11 -14.00
C THR F 257 -7.30 24.04 -12.69
N LYS F 258 -7.64 24.94 -11.77
CA LYS F 258 -6.99 24.96 -10.46
C LYS F 258 -7.38 23.73 -9.65
N GLU F 259 -8.66 23.37 -9.66
CA GLU F 259 -9.12 22.22 -8.86
C GLU F 259 -8.64 20.86 -9.40
N ILE F 260 -8.63 20.71 -10.72
CA ILE F 260 -8.30 19.42 -11.32
C ILE F 260 -6.82 19.23 -11.23
N ALA F 261 -6.08 20.33 -11.38
CA ALA F 261 -4.63 20.25 -11.20
C ALA F 261 -4.33 19.83 -9.79
N TRP F 262 -4.95 20.51 -8.83
CA TRP F 262 -4.74 20.23 -7.40
C TRP F 262 -5.02 18.77 -7.13
N GLN F 263 -6.17 18.31 -7.62
CA GLN F 263 -6.55 16.91 -7.48
C GLN F 263 -5.49 15.95 -8.05
N GLN F 264 -4.83 16.35 -9.14
CA GLN F 264 -3.82 15.47 -9.75
C GLN F 264 -2.41 15.74 -9.23
N GLY F 265 -2.31 16.34 -8.05
CA GLY F 265 -1.04 16.68 -7.43
C GLY F 265 -0.15 17.62 -8.23
N ARG F 266 -0.73 18.66 -8.83
CA ARG F 266 0.05 19.59 -9.67
C ARG F 266 -0.33 21.04 -9.42
N ALA F 267 0.65 21.93 -9.46
CA ALA F 267 0.36 23.36 -9.35
C ALA F 267 0.04 23.94 -10.70
N VAL F 268 -0.78 24.98 -10.71
CA VAL F 268 -1.06 25.69 -11.94
C VAL F 268 -1.05 27.17 -11.63
N THR F 269 -0.53 27.95 -12.56
CA THR F 269 -0.42 29.38 -12.34
C THR F 269 -0.94 30.21 -13.50
N PHE F 270 -1.87 31.12 -13.23
CA PHE F 270 -2.38 31.99 -14.29
C PHE F 270 -1.69 33.36 -14.30
N LEU F 271 -0.59 33.46 -13.53
CA LEU F 271 0.35 34.58 -13.57
C LEU F 271 0.77 34.92 -15.00
N SER F 272 0.67 36.20 -15.35
CA SER F 272 1.14 36.68 -16.65
C SER F 272 2.61 36.39 -16.88
N LYS F 273 3.39 36.45 -15.81
CA LYS F 273 4.82 36.24 -15.90
C LYS F 273 5.33 35.60 -14.62
N TRP F 274 5.42 34.27 -14.58
CA TRP F 274 5.85 33.66 -13.33
C TRP F 274 7.37 33.67 -13.22
N HIS F 275 8.07 34.02 -14.29
CA HIS F 275 9.52 34.08 -14.18
C HIS F 275 10.15 34.89 -15.29
N HIS F 276 11.36 35.41 -15.07
CA HIS F 276 12.00 36.27 -16.08
C HIS F 276 12.44 35.48 -17.31
N ALA F 277 13.01 34.30 -17.10
CA ALA F 277 13.58 33.54 -18.20
C ALA F 277 12.49 32.93 -19.04
N HIS F 278 11.48 32.41 -18.35
CA HIS F 278 10.43 31.67 -19.02
C HIS F 278 9.44 32.63 -19.63
N ALA F 279 8.55 32.09 -20.47
CA ALA F 279 7.62 32.89 -21.26
C ALA F 279 6.37 33.36 -20.52
N GLY F 280 5.63 34.28 -21.14
CA GLY F 280 4.44 34.86 -20.55
C GLY F 280 3.15 34.15 -20.88
N SER F 281 2.16 34.30 -20.01
CA SER F 281 0.85 33.71 -20.24
C SER F 281 -0.15 34.75 -20.72
N SER F 282 -0.65 34.55 -21.95
CA SER F 282 -1.56 35.48 -22.60
C SER F 282 -3.02 35.18 -22.32
N SER F 283 -3.86 36.20 -22.41
CA SER F 283 -5.30 36.03 -22.51
C SER F 283 -5.85 36.80 -23.71
N HIS F 284 -5.53 36.35 -24.90
CA HIS F 284 -6.04 36.96 -26.12
C HIS F 284 -7.56 36.95 -26.13
N ILE F 285 -8.15 38.04 -26.57
CA ILE F 285 -9.60 38.17 -26.61
C ILE F 285 -10.09 38.42 -28.02
N HIS F 286 -10.88 37.48 -28.54
CA HIS F 286 -11.46 37.59 -29.88
C HIS F 286 -12.85 38.19 -29.79
N GLN F 287 -13.25 38.93 -30.83
CA GLN F 287 -14.50 39.69 -30.78
C GLN F 287 -15.05 40.07 -32.14
N SER F 288 -16.36 39.86 -32.30
CA SER F 288 -17.12 40.23 -33.50
C SER F 288 -18.49 40.77 -33.11
N LEU F 289 -19.03 41.66 -33.93
CA LEU F 289 -20.41 42.08 -33.74
C LEU F 289 -21.27 41.46 -34.84
N TRP F 290 -22.48 41.08 -34.47
CA TRP F 290 -23.39 40.43 -35.39
C TRP F 290 -24.76 41.13 -35.37
N LYS F 291 -25.36 41.28 -36.55
CA LYS F 291 -26.68 41.90 -36.66
C LYS F 291 -27.73 40.87 -37.03
N GLN F 292 -28.48 40.39 -36.04
CA GLN F 292 -29.52 39.38 -36.22
C GLN F 292 -29.03 38.15 -37.01
N GLY F 293 -27.90 37.59 -36.61
CA GLY F 293 -27.40 36.39 -37.24
C GLY F 293 -26.43 36.68 -38.37
N LEU F 294 -26.33 37.95 -38.76
CA LEU F 294 -25.37 38.34 -39.78
C LEU F 294 -24.13 38.98 -39.19
N PRO F 295 -22.95 38.66 -39.74
CA PRO F 295 -21.65 39.25 -39.36
C PRO F 295 -21.54 40.73 -39.72
N ALA F 296 -21.84 41.61 -38.76
CA ALA F 296 -21.84 43.04 -38.99
C ALA F 296 -20.43 43.62 -39.21
N PHE F 297 -19.42 42.76 -39.09
CA PHE F 297 -18.04 43.17 -39.28
C PHE F 297 -17.60 42.89 -40.71
N HIS F 298 -18.46 42.20 -41.45
CA HIS F 298 -18.12 41.66 -42.77
C HIS F 298 -18.59 42.53 -43.96
N ASP F 299 -17.77 42.60 -45.00
CA ASP F 299 -18.10 43.39 -46.17
C ASP F 299 -17.22 43.02 -47.35
N GLU F 300 -17.71 42.11 -48.19
CA GLU F 300 -16.98 41.53 -49.31
C GLU F 300 -16.25 42.58 -50.15
N ARG F 301 -16.81 43.80 -50.19
CA ARG F 301 -16.24 44.88 -50.99
C ARG F 301 -14.79 45.20 -50.65
N ASP F 302 -14.53 45.43 -49.36
CA ASP F 302 -13.20 45.83 -48.88
C ASP F 302 -12.17 44.73 -49.13
N ALA F 303 -10.91 45.13 -49.25
CA ALA F 303 -9.80 44.21 -49.52
C ALA F 303 -9.72 43.08 -48.48
N LEU F 304 -9.81 43.45 -47.21
CA LEU F 304 -9.70 42.46 -46.14
C LEU F 304 -11.06 42.05 -45.62
N GLY F 305 -12.11 42.47 -46.32
CA GLY F 305 -13.47 42.12 -45.97
C GLY F 305 -14.00 42.80 -44.72
N MET F 306 -13.62 44.05 -44.52
CA MET F 306 -14.03 44.82 -43.35
C MET F 306 -15.22 45.71 -43.59
N SER F 307 -16.27 45.54 -42.79
CA SER F 307 -17.38 46.47 -42.74
C SER F 307 -16.89 47.87 -42.35
N ALA F 308 -17.74 48.88 -42.53
CA ALA F 308 -17.41 50.21 -42.03
C ALA F 308 -17.55 50.21 -40.53
N LEU F 309 -18.56 49.48 -40.05
CA LEU F 309 -18.80 49.31 -38.63
C LEU F 309 -17.58 48.70 -37.98
N MET F 310 -16.96 47.74 -38.67
CA MET F 310 -15.84 47.04 -38.09
C MET F 310 -14.65 47.97 -37.99
N LYS F 311 -14.47 48.82 -38.99
CA LYS F 311 -13.29 49.67 -39.02
C LYS F 311 -13.40 50.78 -37.99
N HIS F 312 -14.63 51.12 -37.61
CA HIS F 312 -14.88 52.09 -36.54
C HIS F 312 -14.62 51.49 -35.17
N TYR F 313 -15.01 50.24 -34.99
CA TYR F 313 -14.85 49.53 -33.73
C TYR F 313 -13.38 49.44 -33.34
N LEU F 314 -12.58 48.92 -34.26
CA LEU F 314 -11.14 48.81 -34.07
C LEU F 314 -10.52 50.17 -33.76
N ALA F 315 -10.97 51.18 -34.49
CA ALA F 315 -10.51 52.55 -34.33
C ALA F 315 -10.62 53.04 -32.89
N GLY F 316 -11.77 52.75 -32.28
CA GLY F 316 -12.03 53.18 -30.92
C GLY F 316 -11.17 52.34 -30.00
N LEU F 317 -11.06 51.07 -30.34
CA LEU F 317 -10.20 50.18 -29.59
C LEU F 317 -8.81 50.74 -29.60
N LEU F 318 -8.38 51.20 -30.78
CA LEU F 318 -7.06 51.79 -30.87
C LEU F 318 -7.01 53.10 -30.12
N LYS F 319 -8.13 53.79 -30.03
CA LYS F 319 -8.12 55.14 -29.47
C LYS F 319 -8.11 55.11 -27.96
N TYR F 320 -8.90 54.24 -27.37
CA TYR F 320 -9.13 54.26 -25.94
C TYR F 320 -8.34 53.17 -25.22
N ALA F 321 -7.39 52.57 -25.92
CA ALA F 321 -6.62 51.48 -25.37
C ALA F 321 -5.92 51.82 -24.04
N PRO F 322 -5.22 52.99 -23.95
CA PRO F 322 -4.62 53.31 -22.66
C PRO F 322 -5.65 53.38 -21.54
N ASP F 323 -6.82 53.95 -21.84
CA ASP F 323 -7.88 54.12 -20.86
C ASP F 323 -8.25 52.84 -20.16
N TYR F 324 -8.26 51.73 -20.92
CA TYR F 324 -8.76 50.48 -20.39
C TYR F 324 -7.65 49.44 -20.19
N THR F 325 -6.40 49.86 -20.37
CA THR F 325 -5.24 48.99 -20.10
C THR F 325 -5.22 48.32 -18.70
N TYR F 326 -5.75 48.98 -17.68
CA TYR F 326 -5.86 48.37 -16.35
C TYR F 326 -6.79 47.16 -16.32
N PHE F 327 -7.80 47.15 -17.18
CA PHE F 327 -8.74 46.03 -17.19
C PHE F 327 -8.14 44.87 -17.94
N LEU F 328 -6.93 45.08 -18.44
CA LEU F 328 -6.19 44.05 -19.17
C LEU F 328 -4.91 43.67 -18.42
N ALA F 329 -4.47 44.56 -17.54
CA ALA F 329 -3.22 44.39 -16.79
C ALA F 329 -3.34 45.01 -15.40
N PRO F 330 -3.97 44.28 -14.47
CA PRO F 330 -4.36 44.93 -13.20
C PRO F 330 -3.31 44.83 -12.09
N TYR F 331 -2.27 44.03 -12.31
CA TYR F 331 -1.24 43.80 -11.29
C TYR F 331 0.11 44.29 -11.75
N LEU F 332 1.01 44.55 -10.80
CA LEU F 332 2.38 44.87 -11.14
C LEU F 332 2.93 43.75 -12.02
N ASN F 333 2.65 42.50 -11.64
CA ASN F 333 3.19 41.37 -12.37
C ASN F 333 2.75 41.38 -13.81
N SER F 334 1.62 42.00 -14.10
CA SER F 334 1.12 42.09 -15.48
C SER F 334 2.03 42.87 -16.44
N TYR F 335 2.77 43.85 -15.92
CA TYR F 335 3.59 44.71 -16.76
C TYR F 335 4.96 44.10 -17.04
N LYS F 336 5.24 42.99 -16.39
CA LYS F 336 6.49 42.29 -16.63
C LYS F 336 6.42 41.40 -17.87
N ARG F 337 5.21 41.19 -18.41
CA ARG F 337 5.07 40.46 -19.65
C ARG F 337 5.37 41.38 -20.82
N PHE F 338 5.42 42.69 -20.57
CA PHE F 338 5.84 43.65 -21.59
C PHE F 338 7.33 44.05 -21.46
N GLN F 339 8.21 43.10 -21.12
CA GLN F 339 9.64 43.37 -21.03
C GLN F 339 10.20 43.91 -22.35
N LYS F 340 10.79 45.10 -22.28
CA LYS F 340 11.39 45.73 -23.44
C LYS F 340 12.52 44.89 -24.02
N ALA F 344 6.67 41.92 -28.49
CA ALA F 344 5.86 42.58 -27.46
C ALA F 344 4.62 43.27 -28.03
N PRO F 345 3.43 42.75 -27.73
CA PRO F 345 2.15 43.23 -28.28
C PRO F 345 1.59 44.44 -27.53
N THR F 346 2.25 45.59 -27.67
CA THR F 346 1.96 46.72 -26.82
C THR F 346 1.69 48.02 -27.61
N ARG F 347 2.01 48.01 -28.91
CA ARG F 347 1.80 49.20 -29.72
C ARG F 347 0.31 49.41 -30.02
N THR F 348 -0.17 50.64 -29.85
CA THR F 348 -1.59 50.95 -30.06
C THR F 348 -1.94 51.05 -31.55
N VAL F 349 -1.57 50.00 -32.27
CA VAL F 349 -1.83 49.91 -33.69
C VAL F 349 -2.37 48.52 -34.02
N TRP F 350 -3.13 48.44 -35.10
CA TRP F 350 -3.61 47.17 -35.56
C TRP F 350 -2.79 46.73 -36.77
N SER F 351 -2.83 45.44 -37.05
CA SER F 351 -2.01 44.87 -38.09
C SER F 351 -2.53 43.49 -38.45
N VAL F 352 -2.04 42.93 -39.55
CA VAL F 352 -2.43 41.59 -39.96
C VAL F 352 -1.32 40.60 -39.63
N ASP F 353 -0.10 41.11 -39.40
CA ASP F 353 1.08 40.26 -39.25
C ASP F 353 2.00 40.61 -38.10
N ASN F 354 2.18 41.90 -37.85
CA ASN F 354 3.19 42.39 -36.90
C ASN F 354 3.01 41.85 -35.50
N ARG F 355 4.11 41.32 -34.94
CA ARG F 355 4.10 40.81 -33.59
C ARG F 355 3.99 41.99 -32.60
N THR F 356 4.39 43.16 -33.05
CA THR F 356 4.38 44.36 -32.22
C THR F 356 2.98 44.86 -31.91
N ALA F 357 2.02 44.54 -32.78
CA ALA F 357 0.70 45.15 -32.77
C ALA F 357 -0.17 44.69 -31.61
N GLY F 358 -0.84 45.64 -30.96
CA GLY F 358 -1.73 45.32 -29.85
C GLY F 358 -2.98 44.57 -30.29
N PHE F 359 -3.38 44.85 -31.53
CA PHE F 359 -4.58 44.27 -32.11
C PHE F 359 -4.30 43.59 -33.43
N ARG F 360 -4.81 42.37 -33.56
CA ARG F 360 -4.61 41.56 -34.76
C ARG F 360 -5.92 41.37 -35.53
N LEU F 361 -5.88 41.67 -36.83
CA LEU F 361 -6.99 41.39 -37.72
C LEU F 361 -6.98 39.91 -38.10
N CYS F 362 -8.06 39.20 -37.80
CA CYS F 362 -8.11 37.77 -38.06
C CYS F 362 -9.19 37.43 -39.09
N ALA F 363 -8.95 36.38 -39.85
CA ALA F 363 -9.89 35.90 -40.87
C ALA F 363 -10.27 36.97 -41.89
N GLU F 364 -9.28 37.75 -42.33
CA GLU F 364 -9.46 38.59 -43.50
C GLU F 364 -9.42 37.67 -44.71
N GLY F 365 -10.53 37.57 -45.44
CA GLY F 365 -11.77 38.24 -45.09
C GLY F 365 -12.94 37.31 -45.34
N THR F 366 -13.49 36.79 -44.25
CA THR F 366 -14.60 35.84 -44.29
C THR F 366 -15.77 36.45 -43.54
N ARG F 367 -16.87 35.71 -43.43
CA ARG F 367 -17.94 36.08 -42.51
C ARG F 367 -17.39 36.21 -41.09
N ALA F 368 -16.47 35.31 -40.72
CA ALA F 368 -15.95 35.27 -39.37
C ALA F 368 -14.72 36.17 -39.17
N VAL F 369 -14.63 37.23 -39.96
CA VAL F 369 -13.59 38.22 -39.76
C VAL F 369 -13.78 38.85 -38.38
N ARG F 370 -12.69 39.27 -37.74
CA ARG F 370 -12.76 39.76 -36.36
C ARG F 370 -11.47 40.40 -35.88
N ILE F 371 -11.52 40.93 -34.65
CA ILE F 371 -10.34 41.49 -33.95
C ILE F 371 -9.85 40.64 -32.75
N GLU F 372 -8.55 40.40 -32.68
CA GLU F 372 -7.94 39.77 -31.53
C GLU F 372 -7.14 40.80 -30.73
N CYS F 373 -7.52 41.03 -29.49
CA CYS F 373 -6.70 41.86 -28.61
C CYS F 373 -5.59 40.99 -28.01
N ARG F 374 -4.36 41.23 -28.42
CA ARG F 374 -3.24 40.44 -27.96
C ARG F 374 -2.63 40.99 -26.66
N ILE F 375 -3.26 42.02 -26.09
CA ILE F 375 -2.66 42.75 -24.98
C ILE F 375 -2.81 42.06 -23.62
N GLY F 376 -3.97 41.47 -23.34
CA GLY F 376 -4.24 40.98 -22.00
C GLY F 376 -3.44 39.77 -21.54
N GLY F 377 -3.22 39.68 -20.23
CA GLY F 377 -2.46 38.57 -19.67
C GLY F 377 -3.39 37.55 -19.04
N SER F 378 -2.87 36.40 -18.61
CA SER F 378 -3.73 35.34 -18.08
C SER F 378 -4.30 35.66 -16.72
N ASP F 379 -3.96 36.85 -16.23
CA ASP F 379 -4.34 37.25 -14.89
C ASP F 379 -5.56 38.11 -14.95
N LEU F 380 -5.98 38.47 -16.15
CA LEU F 380 -7.06 39.45 -16.31
C LEU F 380 -8.42 38.91 -15.84
N ASN F 381 -9.34 39.83 -15.56
CA ASN F 381 -10.74 39.53 -15.26
C ASN F 381 -11.59 39.66 -16.54
N PRO F 382 -12.20 38.55 -17.01
CA PRO F 382 -12.84 38.52 -18.34
C PRO F 382 -13.93 39.56 -18.49
N TYR F 383 -14.69 39.81 -17.43
CA TYR F 383 -15.83 40.73 -17.51
C TYR F 383 -15.33 42.16 -17.68
N LEU F 384 -14.33 42.49 -16.88
CA LEU F 384 -13.71 43.81 -16.92
C LEU F 384 -13.04 44.06 -18.26
N ALA F 385 -12.25 43.09 -18.71
CA ALA F 385 -11.49 43.20 -19.95
C ALA F 385 -12.40 43.30 -21.17
N MET F 386 -13.51 42.59 -21.15
CA MET F 386 -14.43 42.67 -22.27
C MET F 386 -15.25 43.97 -22.24
N ALA F 387 -15.64 44.40 -21.05
CA ALA F 387 -16.48 45.57 -20.95
C ALA F 387 -15.77 46.86 -21.42
N GLY F 388 -14.46 46.93 -21.26
CA GLY F 388 -13.72 48.12 -21.67
C GLY F 388 -13.45 48.19 -23.15
N GLN F 389 -13.39 47.03 -23.79
CA GLN F 389 -13.22 46.96 -25.24
C GLN F 389 -14.53 47.27 -25.96
N LEU F 390 -15.64 46.82 -25.39
CA LEU F 390 -16.92 47.14 -25.97
C LEU F 390 -17.15 48.65 -25.78
N ALA F 391 -16.87 49.16 -24.60
CA ALA F 391 -17.03 50.59 -24.35
C ALA F 391 -16.19 51.41 -25.34
N ALA F 392 -14.94 50.98 -25.55
CA ALA F 392 -14.06 51.61 -26.52
C ALA F 392 -14.62 51.50 -27.94
N GLY F 393 -15.09 50.31 -28.30
CA GLY F 393 -15.59 50.03 -29.63
C GLY F 393 -16.88 50.76 -29.96
N ILE F 394 -17.88 50.64 -29.08
CA ILE F 394 -19.12 51.38 -29.19
C ILE F 394 -18.90 52.89 -29.36
N LYS F 395 -18.04 53.46 -28.51
CA LYS F 395 -17.69 54.88 -28.60
C LYS F 395 -17.00 55.17 -29.92
N GLY F 396 -16.14 54.26 -30.36
CA GLY F 396 -15.50 54.37 -31.65
C GLY F 396 -16.56 54.47 -32.74
N ILE F 397 -17.55 53.60 -32.64
CA ILE F 397 -18.68 53.62 -33.56
C ILE F 397 -19.49 54.89 -33.37
N GLU F 398 -19.87 55.14 -32.11
CA GLU F 398 -20.65 56.32 -31.76
C GLU F 398 -20.01 57.63 -32.22
N GLU F 399 -18.79 57.59 -32.74
CA GLU F 399 -18.12 58.82 -33.18
C GLU F 399 -17.62 58.75 -34.61
N CYS F 400 -17.91 57.63 -35.28
CA CYS F 400 -17.40 57.36 -36.62
C CYS F 400 -15.90 57.59 -36.72
N LEU F 401 -15.16 57.10 -35.73
CA LEU F 401 -13.71 57.24 -35.78
C LEU F 401 -13.17 56.61 -37.05
N ALA F 402 -12.16 57.25 -37.63
CA ALA F 402 -11.52 56.70 -38.83
C ALA F 402 -10.43 55.67 -38.46
N LEU F 403 -10.52 54.51 -39.08
CA LEU F 403 -9.50 53.49 -38.95
C LEU F 403 -8.23 53.92 -39.67
N PRO F 404 -7.13 53.98 -38.94
CA PRO F 404 -5.85 54.28 -39.59
C PRO F 404 -5.25 53.02 -40.23
N PRO F 405 -4.21 53.19 -41.06
CA PRO F 405 -3.54 52.06 -41.70
C PRO F 405 -2.82 51.14 -40.71
N PRO F 406 -2.61 49.85 -41.07
CA PRO F 406 -1.88 48.87 -40.25
C PRO F 406 -0.41 49.21 -40.05
N ALA F 407 0.35 48.26 -39.50
CA ALA F 407 1.80 48.37 -39.42
C ALA F 407 2.43 47.25 -40.23
N GLU F 408 3.74 47.35 -40.48
CA GLU F 408 4.43 46.29 -41.19
C GLU F 408 5.93 46.33 -40.91
N LEU F 418 1.71 53.45 -27.87
CA LEU F 418 2.14 52.49 -26.85
C LEU F 418 1.33 52.61 -25.55
N ILE F 419 0.73 51.51 -25.09
CA ILE F 419 -0.14 51.50 -23.90
C ILE F 419 0.66 51.71 -22.60
N PRO F 420 -0.03 52.00 -21.48
CA PRO F 420 0.75 52.20 -20.25
C PRO F 420 1.70 51.05 -19.95
N GLN F 421 2.97 51.37 -19.71
CA GLN F 421 3.95 50.34 -19.44
C GLN F 421 4.01 49.95 -17.96
N ASN F 422 3.29 50.67 -17.11
CA ASN F 422 3.28 50.34 -15.68
C ASN F 422 1.92 50.57 -14.99
N LEU F 423 1.74 49.96 -13.83
CA LEU F 423 0.46 50.04 -13.13
C LEU F 423 0.09 51.45 -12.72
N ARG F 424 1.06 52.17 -12.19
CA ARG F 424 0.88 53.56 -11.80
C ARG F 424 0.38 54.35 -13.00
N ASP F 425 1.12 54.27 -14.10
CA ASP F 425 0.73 54.97 -15.30
C ASP F 425 -0.61 54.47 -15.80
N ALA F 426 -0.81 53.15 -15.77
CA ALA F 426 -2.08 52.56 -16.18
C ALA F 426 -3.23 53.03 -15.31
N MET F 427 -3.02 53.05 -14.00
CA MET F 427 -4.00 53.60 -13.06
C MET F 427 -4.37 55.07 -13.36
N GLU F 428 -3.40 55.85 -13.84
CA GLU F 428 -3.63 57.24 -14.20
C GLU F 428 -4.42 57.36 -15.50
N ALA F 429 -4.31 56.37 -16.37
CA ALA F 429 -5.01 56.42 -17.64
C ALA F 429 -6.50 56.11 -17.44
N LEU F 430 -6.82 55.41 -16.37
CA LEU F 430 -8.22 55.10 -16.06
C LEU F 430 -8.85 56.22 -15.23
N ARG F 431 -8.02 56.85 -14.39
CA ARG F 431 -8.44 57.99 -13.60
C ARG F 431 -8.92 59.06 -14.59
N GLY F 432 -8.14 59.24 -15.65
CA GLY F 432 -8.43 60.25 -16.64
C GLY F 432 -9.38 59.84 -17.74
N SER F 433 -9.79 58.58 -17.79
CA SER F 433 -10.63 58.19 -18.92
C SER F 433 -12.02 58.73 -18.82
N THR F 434 -12.27 59.84 -19.51
CA THR F 434 -13.60 60.36 -19.59
C THR F 434 -14.46 59.39 -20.37
N MET F 435 -13.86 58.64 -21.30
CA MET F 435 -14.64 57.64 -22.06
C MET F 435 -15.29 56.62 -21.15
N LEU F 436 -14.48 56.04 -20.26
CA LEU F 436 -14.95 54.98 -19.38
C LEU F 436 -15.93 55.52 -18.35
N ARG F 437 -15.72 56.74 -17.89
CA ARG F 437 -16.66 57.35 -16.97
C ARG F 437 -18.01 57.57 -17.66
N GLU F 438 -17.94 57.94 -18.93
CA GLU F 438 -19.11 58.13 -19.76
C GLU F 438 -19.81 56.81 -19.98
N ALA F 439 -19.06 55.71 -19.96
CA ALA F 439 -19.59 54.41 -20.35
C ALA F 439 -20.02 53.53 -19.16
N MET F 440 -19.31 53.63 -18.05
CA MET F 440 -19.55 52.75 -16.92
C MET F 440 -20.08 53.50 -15.71
N GLY F 441 -19.92 54.82 -15.74
CA GLY F 441 -20.31 55.65 -14.62
C GLY F 441 -19.08 56.12 -13.90
N GLU F 442 -19.16 57.29 -13.28
CA GLU F 442 -18.05 57.84 -12.49
C GLU F 442 -17.84 57.05 -11.19
N ASP F 443 -18.92 56.49 -10.65
CA ASP F 443 -18.84 55.61 -9.47
C ASP F 443 -17.93 54.40 -9.70
N VAL F 444 -18.24 53.65 -10.77
CA VAL F 444 -17.55 52.42 -11.10
C VAL F 444 -16.12 52.70 -11.51
N VAL F 445 -15.90 53.77 -12.25
CA VAL F 445 -14.55 54.10 -12.69
C VAL F 445 -13.68 54.42 -11.48
N ASP F 446 -14.26 55.12 -10.51
CA ASP F 446 -13.47 55.56 -9.36
C ASP F 446 -13.19 54.40 -8.44
N HIS F 447 -14.09 53.43 -8.46
CA HIS F 447 -13.92 52.20 -7.69
C HIS F 447 -12.66 51.42 -8.10
N TYR F 448 -12.47 51.20 -9.40
CA TYR F 448 -11.35 50.39 -9.84
C TYR F 448 -10.03 51.15 -9.80
N VAL F 449 -10.10 52.49 -9.76
CA VAL F 449 -8.92 53.32 -9.57
C VAL F 449 -8.41 53.16 -8.14
N ARG F 450 -9.34 53.19 -7.17
CA ARG F 450 -9.00 52.90 -5.78
C ARG F 450 -8.45 51.48 -5.66
N ALA F 451 -9.12 50.52 -6.29
CA ALA F 451 -8.58 49.17 -6.40
C ALA F 451 -7.15 49.19 -6.90
N ALA F 452 -6.91 49.97 -7.95
CA ALA F 452 -5.59 50.10 -8.57
C ALA F 452 -4.57 50.69 -7.62
N GLU F 453 -4.97 51.75 -6.93
CA GLU F 453 -4.12 52.38 -5.92
C GLU F 453 -3.81 51.42 -4.74
N VAL F 454 -4.81 50.68 -4.27
CA VAL F 454 -4.64 49.72 -3.19
C VAL F 454 -3.62 48.64 -3.58
N GLU F 455 -3.64 48.29 -4.85
CA GLU F 455 -2.73 47.31 -5.43
C GLU F 455 -1.27 47.80 -5.39
N LEU F 456 -1.08 49.06 -5.76
CA LEU F 456 0.22 49.69 -5.65
C LEU F 456 0.66 49.78 -4.17
N GLU F 457 -0.28 50.07 -3.29
CA GLU F 457 0.01 50.25 -1.87
C GLU F 457 0.37 48.95 -1.17
N ASP F 458 -0.13 47.81 -1.65
CA ASP F 458 0.22 46.54 -1.02
C ASP F 458 1.71 46.33 -1.21
N PHE F 459 2.19 46.53 -2.43
CA PHE F 459 3.61 46.32 -2.72
C PHE F 459 4.48 47.15 -1.78
N GLN F 460 4.12 48.41 -1.57
CA GLN F 460 4.93 49.30 -0.74
C GLN F 460 4.94 48.90 0.72
N ARG F 461 4.08 47.95 1.09
CA ARG F 461 4.01 47.43 2.45
C ARG F 461 4.79 46.14 2.61
N VAL F 462 5.28 45.58 1.51
CA VAL F 462 6.02 44.35 1.58
C VAL F 462 7.46 44.61 1.15
N VAL F 463 8.40 43.94 1.79
CA VAL F 463 9.76 43.96 1.29
C VAL F 463 9.99 42.68 0.50
N SER F 464 10.14 42.83 -0.82
CA SER F 464 10.43 41.73 -1.72
C SER F 464 11.86 41.20 -1.56
N ASP F 465 12.08 39.99 -2.06
CA ASP F 465 13.39 39.36 -2.04
C ASP F 465 14.35 40.11 -2.95
N TYR F 466 13.75 40.66 -4.01
CA TYR F 466 14.46 41.45 -4.99
C TYR F 466 15.15 42.61 -4.31
N GLU F 467 14.41 43.29 -3.44
CA GLU F 467 14.92 44.47 -2.77
C GLU F 467 16.10 44.17 -1.87
N VAL F 468 16.08 43.00 -1.22
CA VAL F 468 17.14 42.68 -0.28
C VAL F 468 18.34 41.99 -0.95
N ALA F 469 18.12 41.27 -2.04
CA ALA F 469 19.27 40.77 -2.77
C ALA F 469 19.99 41.94 -3.45
N ARG F 470 19.23 42.93 -3.92
CA ARG F 470 19.84 44.07 -4.57
C ARG F 470 20.58 44.91 -3.55
N GLY F 471 19.97 45.11 -2.38
CA GLY F 471 20.59 45.91 -1.34
C GLY F 471 21.85 45.30 -0.74
N PHE F 472 21.77 44.03 -0.33
CA PHE F 472 22.92 43.36 0.25
C PHE F 472 24.12 43.41 -0.70
#